data_8W0O
#
_entry.id   8W0O
#
_cell.length_a   63.336
_cell.length_b   120.428
_cell.length_c   125.775
_cell.angle_alpha   90.000
_cell.angle_beta   101.891
_cell.angle_gamma   90.000
#
_symmetry.space_group_name_H-M   'P 1 21 1'
#
loop_
_entity.id
_entity.type
_entity.pdbx_description
1 polymer Dehydrogenase
2 non-polymer NICOTINAMIDE-ADENINE-DINUCLEOTIDE
3 non-polymer 'CHLORIDE ION'
4 water water
#
_entity_poly.entity_id   1
_entity_poly.type   'polypeptide(L)'
_entity_poly.pdbx_seq_one_letter_code
;MYPDLKGKVVAITGAASGLGKAMAIRFGKEQAKVVINYYSNKQDPNEVKEEVIKAGGEAVVVQGDVTKEEDVKNIVQTAI
KEFGTLDIMINNAGLENPVPSHEMPLKDWDKVIGTNLTGAFLGSREAIKYFVENDIKGNVINMSSVHEVIPWPLFVHYAA
SKGGMKLMTKTLALEYAPKGIRVNNIGPGAINTTINAEKFADPKQKADVESMIPMGYIGEPEEIAAVAAWLASKEASYVT
GITLFADGGMTLYPSFQAGRG
;
_entity_poly.pdbx_strand_id   A,B,C,D,E,H,F,G
#
# COMPACT_ATOMS: atom_id res chain seq x y z
N MET A 1 4.01 -14.42 3.69
CA MET A 1 4.65 -15.61 3.06
C MET A 1 5.84 -16.06 3.90
N TYR A 2 6.65 -15.10 4.38
CA TYR A 2 7.83 -15.38 5.17
C TYR A 2 7.53 -15.01 6.61
N PRO A 3 7.18 -15.98 7.49
CA PRO A 3 6.74 -15.64 8.84
C PRO A 3 7.79 -14.90 9.67
N ASP A 4 9.08 -15.14 9.38
CA ASP A 4 10.14 -14.53 10.14
C ASP A 4 10.25 -13.02 9.84
N LEU A 5 9.63 -12.53 8.78
CA LEU A 5 9.71 -11.11 8.45
C LEU A 5 8.74 -10.30 9.29
N LYS A 6 7.74 -10.95 9.89
CA LYS A 6 6.74 -10.23 10.65
C LYS A 6 7.42 -9.48 11.80
N GLY A 7 7.17 -8.17 11.85
CA GLY A 7 7.73 -7.32 12.89
C GLY A 7 9.19 -6.91 12.66
N LYS A 8 9.82 -7.38 11.58
CA LYS A 8 11.16 -6.93 11.27
C LYS A 8 11.14 -5.48 10.79
N VAL A 9 12.20 -4.73 11.11
CA VAL A 9 12.30 -3.34 10.71
C VAL A 9 13.20 -3.22 9.49
N VAL A 10 12.62 -2.69 8.41
CA VAL A 10 13.32 -2.55 7.14
C VAL A 10 13.30 -1.08 6.74
N ALA A 11 14.47 -0.52 6.43
CA ALA A 11 14.59 0.82 5.89
C ALA A 11 14.95 0.73 4.41
N ILE A 12 14.29 1.55 3.59
CA ILE A 12 14.42 1.49 2.14
C ILE A 12 14.66 2.90 1.62
N THR A 13 15.76 3.10 0.89
CA THR A 13 16.00 4.38 0.24
C THR A 13 15.32 4.38 -1.13
N GLY A 14 14.94 5.58 -1.59
CA GLY A 14 14.21 5.70 -2.85
C GLY A 14 12.86 5.01 -2.81
N ALA A 15 12.20 5.03 -1.64
CA ALA A 15 11.02 4.19 -1.42
C ALA A 15 9.71 4.89 -1.77
N ALA A 16 9.75 6.12 -2.30
CA ALA A 16 8.50 6.78 -2.66
C ALA A 16 8.12 6.50 -4.11
N SER A 17 8.94 5.75 -4.88
CA SER A 17 8.60 5.48 -6.26
C SER A 17 9.10 4.09 -6.65
N GLY A 18 8.58 3.57 -7.77
CA GLY A 18 9.21 2.48 -8.52
C GLY A 18 9.53 1.26 -7.64
N LEU A 19 10.76 0.72 -7.77
CA LEU A 19 11.09 -0.52 -7.08
C LEU A 19 11.06 -0.35 -5.56
N GLY A 20 11.52 0.80 -5.07
CA GLY A 20 11.57 1.05 -3.64
C GLY A 20 10.16 1.03 -3.03
N LYS A 21 9.22 1.65 -3.73
CA LYS A 21 7.81 1.64 -3.32
C LYS A 21 7.27 0.21 -3.36
N ALA A 22 7.55 -0.53 -4.43
CA ALA A 22 7.05 -1.89 -4.54
C ALA A 22 7.62 -2.75 -3.40
N MET A 23 8.90 -2.54 -3.06
CA MET A 23 9.50 -3.28 -1.97
C MET A 23 8.83 -2.92 -0.64
N ALA A 24 8.60 -1.62 -0.42
CA ALA A 24 7.95 -1.19 0.81
C ALA A 24 6.60 -1.90 0.96
N ILE A 25 5.81 -1.92 -0.10
CA ILE A 25 4.48 -2.50 -0.07
C ILE A 25 4.56 -4.02 0.16
N ARG A 26 5.50 -4.69 -0.51
CA ARG A 26 5.67 -6.12 -0.30
C ARG A 26 6.08 -6.41 1.14
N PHE A 27 6.99 -5.63 1.72
CA PHE A 27 7.36 -5.82 3.11
C PHE A 27 6.16 -5.56 4.03
N GLY A 28 5.27 -4.67 3.63
CA GLY A 28 4.01 -4.52 4.34
C GLY A 28 3.17 -5.78 4.33
N LYS A 29 3.10 -6.45 3.17
N LYS A 29 3.10 -6.45 3.17
CA LYS A 29 2.38 -7.70 3.04
CA LYS A 29 2.38 -7.70 3.05
C LYS A 29 2.99 -8.75 3.99
C LYS A 29 2.99 -8.75 3.99
N GLU A 30 4.31 -8.66 4.20
CA GLU A 30 5.00 -9.57 5.11
C GLU A 30 4.89 -9.13 6.58
N GLN A 31 4.14 -8.05 6.83
CA GLN A 31 3.86 -7.57 8.17
C GLN A 31 5.13 -7.01 8.82
N ALA A 32 6.00 -6.43 8.02
CA ALA A 32 7.19 -5.77 8.51
C ALA A 32 6.88 -4.31 8.87
N LYS A 33 7.85 -3.68 9.50
CA LYS A 33 7.81 -2.27 9.88
C LYS A 33 8.77 -1.54 8.94
N VAL A 34 8.24 -0.63 8.12
CA VAL A 34 8.99 -0.05 7.02
C VAL A 34 9.34 1.41 7.26
N VAL A 35 10.62 1.76 7.11
CA VAL A 35 11.03 3.16 7.06
C VAL A 35 11.16 3.54 5.59
N ILE A 36 10.27 4.43 5.14
CA ILE A 36 10.19 4.90 3.77
C ILE A 36 11.01 6.18 3.65
N ASN A 37 12.23 6.05 3.09
CA ASN A 37 13.02 7.23 2.77
C ASN A 37 12.54 7.77 1.42
N TYR A 38 12.38 9.09 1.36
CA TYR A 38 11.98 9.76 0.15
C TYR A 38 12.87 10.99 -0.04
N TYR A 39 12.87 11.47 -1.28
CA TYR A 39 13.79 12.50 -1.68
C TYR A 39 13.11 13.88 -1.73
N SER A 40 11.92 13.93 -2.31
CA SER A 40 11.21 15.20 -2.50
C SER A 40 9.78 15.11 -2.01
N ASN A 41 9.27 16.23 -1.44
CA ASN A 41 7.94 16.23 -0.89
C ASN A 41 6.86 16.09 -1.96
N LYS A 42 7.23 16.30 -3.23
CA LYS A 42 6.30 16.13 -4.33
C LYS A 42 6.00 14.64 -4.56
N GLN A 43 6.82 13.75 -3.99
CA GLN A 43 6.65 12.34 -4.32
C GLN A 43 5.48 11.62 -3.65
N ASP A 44 4.90 12.20 -2.61
CA ASP A 44 3.77 11.61 -1.91
C ASP A 44 4.16 10.33 -1.15
N PRO A 45 5.16 10.41 -0.25
CA PRO A 45 5.53 9.26 0.56
C PRO A 45 4.40 8.78 1.46
N ASN A 46 3.49 9.68 1.88
CA ASN A 46 2.43 9.29 2.78
C ASN A 46 1.50 8.29 2.09
N GLU A 47 1.35 8.38 0.78
CA GLU A 47 0.54 7.42 0.04
C GLU A 47 1.18 6.03 0.13
N VAL A 48 2.52 5.96 0.03
CA VAL A 48 3.21 4.69 0.15
C VAL A 48 3.02 4.15 1.57
N LYS A 49 3.15 5.01 2.55
CA LYS A 49 2.93 4.66 3.94
C LYS A 49 1.56 4.00 4.12
N GLU A 50 0.53 4.61 3.54
CA GLU A 50 -0.83 4.08 3.69
C GLU A 50 -0.94 2.73 3.00
N GLU A 51 -0.31 2.56 1.84
CA GLU A 51 -0.36 1.28 1.14
C GLU A 51 0.37 0.18 1.92
N VAL A 52 1.48 0.53 2.58
CA VAL A 52 2.18 -0.43 3.42
C VAL A 52 1.29 -0.90 4.55
N ILE A 53 0.62 0.05 5.20
CA ILE A 53 -0.26 -0.26 6.31
C ILE A 53 -1.46 -1.10 5.83
N LYS A 54 -2.05 -0.71 4.71
CA LYS A 54 -3.17 -1.44 4.15
C LYS A 54 -2.77 -2.87 3.79
N ALA A 55 -1.52 -3.08 3.35
CA ALA A 55 -1.04 -4.41 2.99
C ALA A 55 -0.81 -5.28 4.22
N GLY A 56 -0.70 -4.69 5.41
CA GLY A 56 -0.60 -5.46 6.65
C GLY A 56 0.60 -5.07 7.52
N GLY A 57 1.32 -4.00 7.17
CA GLY A 57 2.52 -3.63 7.90
C GLY A 57 2.37 -2.33 8.67
N GLU A 58 3.49 -1.79 9.16
CA GLU A 58 3.56 -0.47 9.77
C GLU A 58 4.60 0.31 8.97
N ALA A 59 4.52 1.65 8.98
CA ALA A 59 5.39 2.47 8.16
C ALA A 59 5.53 3.89 8.73
N VAL A 60 6.73 4.47 8.55
CA VAL A 60 6.99 5.88 8.78
C VAL A 60 7.74 6.39 7.56
N VAL A 61 7.73 7.72 7.36
CA VAL A 61 8.42 8.33 6.25
C VAL A 61 9.52 9.22 6.79
N VAL A 62 10.63 9.36 6.03
CA VAL A 62 11.72 10.25 6.40
C VAL A 62 12.37 10.78 5.13
N GLN A 63 12.48 12.12 5.03
CA GLN A 63 13.13 12.73 3.89
C GLN A 63 14.63 12.59 4.06
N GLY A 64 15.35 12.38 2.95
CA GLY A 64 16.80 12.29 3.06
C GLY A 64 17.44 12.13 1.69
N ASP A 65 18.57 12.82 1.53
CA ASP A 65 19.42 12.75 0.35
C ASP A 65 20.59 11.82 0.67
N VAL A 66 20.69 10.69 -0.06
CA VAL A 66 21.70 9.69 0.27
C VAL A 66 23.11 10.15 -0.11
N THR A 67 23.25 11.30 -0.79
CA THR A 67 24.57 11.88 -1.00
C THR A 67 25.02 12.74 0.19
N LYS A 68 24.19 12.84 1.23
CA LYS A 68 24.55 13.57 2.43
C LYS A 68 24.67 12.59 3.60
N GLU A 69 25.88 12.49 4.12
CA GLU A 69 26.19 11.57 5.20
C GLU A 69 25.20 11.71 6.36
N GLU A 70 24.88 12.95 6.74
N GLU A 70 24.87 12.95 6.74
CA GLU A 70 24.02 13.19 7.89
CA GLU A 70 24.02 13.18 7.90
C GLU A 70 22.61 12.66 7.64
C GLU A 70 22.61 12.66 7.64
N ASP A 71 22.14 12.77 6.40
CA ASP A 71 20.81 12.30 6.04
C ASP A 71 20.75 10.78 6.09
N VAL A 72 21.81 10.11 5.65
CA VAL A 72 21.85 8.65 5.71
C VAL A 72 21.84 8.20 7.17
N LYS A 73 22.65 8.83 8.02
CA LYS A 73 22.66 8.49 9.44
C LYS A 73 21.25 8.67 10.03
N ASN A 74 20.54 9.69 9.58
CA ASN A 74 19.22 10.02 10.09
C ASN A 74 18.17 8.99 9.62
N ILE A 75 18.37 8.37 8.45
CA ILE A 75 17.49 7.29 8.02
C ILE A 75 17.56 6.14 9.04
N VAL A 76 18.79 5.75 9.41
CA VAL A 76 18.96 4.66 10.34
C VAL A 76 18.42 5.06 11.71
N GLN A 77 18.69 6.29 12.15
CA GLN A 77 18.20 6.75 13.44
C GLN A 77 16.67 6.77 13.47
N THR A 78 16.03 7.07 12.34
CA THR A 78 14.59 7.04 12.25
C THR A 78 14.05 5.64 12.53
N ALA A 79 14.70 4.60 11.98
CA ALA A 79 14.29 3.23 12.29
C ALA A 79 14.35 2.98 13.79
N ILE A 80 15.47 3.37 14.41
CA ILE A 80 15.70 3.10 15.83
C ILE A 80 14.66 3.85 16.66
N LYS A 81 14.45 5.13 16.36
CA LYS A 81 13.56 5.97 17.14
C LYS A 81 12.09 5.56 16.96
N GLU A 82 11.68 5.25 15.74
CA GLU A 82 10.28 4.98 15.48
C GLU A 82 9.92 3.53 15.81
N PHE A 83 10.84 2.57 15.61
CA PHE A 83 10.48 1.18 15.74
C PHE A 83 11.33 0.42 16.74
N GLY A 84 12.42 1.02 17.23
CA GLY A 84 13.18 0.41 18.31
C GLY A 84 14.45 -0.33 17.85
N THR A 85 14.57 -0.60 16.55
CA THR A 85 15.69 -1.39 16.05
C THR A 85 15.75 -1.24 14.53
N LEU A 86 16.76 -1.88 13.92
CA LEU A 86 16.84 -2.03 12.48
C LEU A 86 17.28 -3.47 12.20
N ASP A 87 16.62 -4.12 11.23
CA ASP A 87 16.90 -5.50 10.87
C ASP A 87 17.42 -5.63 9.44
N ILE A 88 16.90 -4.80 8.52
CA ILE A 88 17.15 -4.91 7.09
C ILE A 88 17.36 -3.51 6.53
N MET A 89 18.45 -3.31 5.77
CA MET A 89 18.70 -2.05 5.09
C MET A 89 18.68 -2.31 3.59
N ILE A 90 17.87 -1.54 2.85
CA ILE A 90 17.80 -1.65 1.41
C ILE A 90 18.22 -0.34 0.76
N ASN A 91 19.40 -0.35 0.15
CA ASN A 91 19.92 0.83 -0.56
C ASN A 91 19.49 0.78 -2.02
N ASN A 92 18.47 1.55 -2.37
CA ASN A 92 17.76 1.42 -3.64
C ASN A 92 17.81 2.72 -4.45
N ALA A 93 18.00 3.89 -3.81
CA ALA A 93 18.04 5.14 -4.54
C ALA A 93 19.04 5.06 -5.70
N GLY A 94 18.67 5.68 -6.82
CA GLY A 94 19.57 5.75 -7.96
C GLY A 94 19.07 6.71 -9.01
N LEU A 95 19.97 7.04 -9.95
CA LEU A 95 19.60 7.78 -11.15
C LEU A 95 20.59 7.50 -12.26
N GLU A 96 20.20 7.91 -13.48
CA GLU A 96 21.02 7.73 -14.66
C GLU A 96 20.62 8.80 -15.68
N ASN A 97 21.54 9.14 -16.59
CA ASN A 97 21.24 10.00 -17.71
C ASN A 97 22.24 9.68 -18.82
N PRO A 98 21.82 9.65 -20.11
CA PRO A 98 22.72 9.28 -21.19
C PRO A 98 23.58 10.41 -21.73
N VAL A 99 24.88 10.16 -21.87
CA VAL A 99 25.81 11.08 -22.53
C VAL A 99 26.89 10.24 -23.17
N PRO A 100 27.30 10.51 -24.42
CA PRO A 100 28.49 9.85 -24.98
C PRO A 100 29.65 10.00 -23.99
N SER A 101 30.38 8.90 -23.73
CA SER A 101 31.35 8.87 -22.65
C SER A 101 32.43 9.94 -22.81
N HIS A 102 32.88 10.17 -24.05
CA HIS A 102 33.96 11.15 -24.28
C HIS A 102 33.45 12.58 -24.08
N GLU A 103 32.14 12.75 -23.97
CA GLU A 103 31.53 14.05 -23.68
C GLU A 103 30.93 14.13 -22.28
N MET A 104 31.08 13.07 -21.48
N MET A 104 31.08 13.07 -21.48
CA MET A 104 30.36 13.01 -20.20
CA MET A 104 30.37 13.02 -20.21
C MET A 104 30.95 14.04 -19.24
C MET A 104 30.95 14.04 -19.24
N PRO A 105 30.17 15.04 -18.78
CA PRO A 105 30.67 16.00 -17.82
C PRO A 105 30.96 15.35 -16.47
N LEU A 106 31.98 15.85 -15.79
CA LEU A 106 32.35 15.37 -14.49
C LEU A 106 31.19 15.54 -13.51
N LYS A 107 30.40 16.61 -13.67
CA LYS A 107 29.29 16.81 -12.74
C LYS A 107 28.28 15.65 -12.84
N ASP A 108 28.03 15.14 -14.05
CA ASP A 108 27.08 14.05 -14.25
C ASP A 108 27.66 12.75 -13.67
N TRP A 109 28.94 12.51 -13.97
CA TRP A 109 29.66 11.37 -13.40
C TRP A 109 29.58 11.38 -11.88
N ASP A 110 29.89 12.52 -11.27
CA ASP A 110 29.93 12.65 -9.82
C ASP A 110 28.55 12.41 -9.20
N LYS A 111 27.50 12.92 -9.84
CA LYS A 111 26.16 12.78 -9.29
C LYS A 111 25.75 11.31 -9.28
N VAL A 112 26.06 10.59 -10.36
CA VAL A 112 25.63 9.20 -10.48
C VAL A 112 26.47 8.31 -9.55
N ILE A 113 27.80 8.48 -9.54
CA ILE A 113 28.65 7.74 -8.61
C ILE A 113 28.22 8.04 -7.17
N GLY A 114 27.97 9.32 -6.87
CA GLY A 114 27.64 9.73 -5.51
C GLY A 114 26.34 9.12 -5.01
N THR A 115 25.32 9.11 -5.86
CA THR A 115 24.01 8.63 -5.47
C THR A 115 24.01 7.10 -5.46
N ASN A 116 24.50 6.51 -6.57
CA ASN A 116 24.28 5.11 -6.82
C ASN A 116 25.27 4.23 -6.07
N LEU A 117 26.50 4.68 -5.89
CA LEU A 117 27.53 3.85 -5.26
C LEU A 117 27.84 4.38 -3.87
N THR A 118 28.26 5.64 -3.76
CA THR A 118 28.61 6.19 -2.45
C THR A 118 27.41 6.17 -1.51
N GLY A 119 26.21 6.48 -2.02
CA GLY A 119 25.00 6.42 -1.21
C GLY A 119 24.76 5.04 -0.62
N ALA A 120 24.98 4.00 -1.44
CA ALA A 120 24.83 2.64 -0.97
C ALA A 120 25.91 2.27 0.03
N PHE A 121 27.13 2.78 -0.17
CA PHE A 121 28.21 2.59 0.80
C PHE A 121 27.78 3.17 2.16
N LEU A 122 27.30 4.43 2.15
CA LEU A 122 26.95 5.08 3.40
C LEU A 122 25.81 4.33 4.13
N GLY A 123 24.78 3.92 3.40
CA GLY A 123 23.67 3.19 3.99
C GLY A 123 24.10 1.84 4.54
N SER A 124 24.93 1.13 3.77
CA SER A 124 25.48 -0.14 4.21
C SER A 124 26.32 0.07 5.48
N ARG A 125 27.18 1.09 5.46
CA ARG A 125 28.07 1.38 6.57
C ARG A 125 27.27 1.63 7.85
N GLU A 126 26.25 2.48 7.76
CA GLU A 126 25.48 2.89 8.91
C GLU A 126 24.64 1.72 9.46
N ALA A 127 24.07 0.91 8.57
CA ALA A 127 23.29 -0.24 9.00
C ALA A 127 24.20 -1.26 9.70
N ILE A 128 25.34 -1.57 9.07
CA ILE A 128 26.22 -2.59 9.61
C ILE A 128 26.80 -2.11 10.95
N LYS A 129 27.14 -0.82 11.05
CA LYS A 129 27.61 -0.27 12.31
C LYS A 129 26.60 -0.59 13.43
N TYR A 130 25.33 -0.33 13.15
CA TYR A 130 24.27 -0.59 14.10
C TYR A 130 24.18 -2.08 14.44
N PHE A 131 24.22 -2.94 13.40
CA PHE A 131 24.14 -4.37 13.62
C PHE A 131 25.31 -4.87 14.48
N VAL A 132 26.51 -4.40 14.20
CA VAL A 132 27.70 -4.86 14.90
C VAL A 132 27.63 -4.41 16.37
N GLU A 133 27.19 -3.17 16.59
CA GLU A 133 27.14 -2.60 17.93
C GLU A 133 26.09 -3.27 18.80
N ASN A 134 25.06 -3.86 18.19
CA ASN A 134 23.93 -4.40 18.92
C ASN A 134 23.77 -5.91 18.75
N ASP A 135 24.79 -6.57 18.19
CA ASP A 135 24.77 -8.01 17.92
C ASP A 135 23.48 -8.43 17.21
N ILE A 136 23.10 -7.71 16.15
CA ILE A 136 21.96 -8.08 15.33
C ILE A 136 22.49 -8.80 14.09
N LYS A 137 21.87 -9.95 13.78
CA LYS A 137 22.21 -10.67 12.55
C LYS A 137 21.38 -10.06 11.42
N GLY A 138 21.75 -8.84 11.09
CA GLY A 138 21.00 -8.04 10.14
C GLY A 138 21.34 -8.41 8.69
N ASN A 139 20.72 -7.67 7.78
CA ASN A 139 20.68 -7.98 6.38
C ASN A 139 20.78 -6.66 5.61
N VAL A 140 21.62 -6.60 4.56
CA VAL A 140 21.68 -5.46 3.66
C VAL A 140 21.40 -5.95 2.26
N ILE A 141 20.51 -5.25 1.55
CA ILE A 141 20.25 -5.50 0.16
C ILE A 141 20.58 -4.23 -0.62
N ASN A 142 21.47 -4.36 -1.61
CA ASN A 142 21.86 -3.23 -2.45
C ASN A 142 21.23 -3.43 -3.82
N MET A 143 20.52 -2.40 -4.32
CA MET A 143 19.84 -2.52 -5.59
C MET A 143 20.85 -2.18 -6.68
N SER A 144 21.23 -3.20 -7.45
CA SER A 144 22.19 -3.05 -8.53
C SER A 144 21.41 -3.02 -9.84
N SER A 145 21.90 -3.76 -10.84
CA SER A 145 21.40 -3.75 -12.19
C SER A 145 22.07 -4.87 -12.96
N VAL A 146 21.47 -5.30 -14.08
CA VAL A 146 22.20 -6.09 -15.06
C VAL A 146 23.51 -5.37 -15.42
N HIS A 147 23.55 -4.04 -15.31
CA HIS A 147 24.72 -3.26 -15.69
C HIS A 147 25.85 -3.28 -14.67
N GLU A 148 25.78 -4.17 -13.65
CA GLU A 148 27.02 -4.53 -12.96
C GLU A 148 27.85 -5.54 -13.74
N VAL A 149 27.27 -6.14 -14.79
CA VAL A 149 27.98 -7.06 -15.67
C VAL A 149 27.85 -6.63 -17.13
N ILE A 150 26.68 -6.15 -17.54
CA ILE A 150 26.46 -5.72 -18.91
C ILE A 150 26.95 -4.28 -19.09
N PRO A 151 27.91 -4.04 -20.00
CA PRO A 151 28.38 -2.68 -20.26
C PRO A 151 27.23 -1.80 -20.76
N TRP A 152 27.34 -0.47 -20.62
CA TRP A 152 26.22 0.37 -20.99
C TRP A 152 26.71 1.68 -21.64
N PRO A 153 27.00 1.64 -22.95
CA PRO A 153 27.36 2.85 -23.67
C PRO A 153 26.34 3.96 -23.43
N LEU A 154 26.86 5.18 -23.26
CA LEU A 154 26.11 6.39 -22.93
C LEU A 154 25.81 6.48 -21.44
N PHE A 155 26.08 5.41 -20.68
CA PHE A 155 25.82 5.39 -19.25
C PHE A 155 27.05 4.85 -18.52
N VAL A 156 28.23 5.35 -18.89
CA VAL A 156 29.46 4.83 -18.30
C VAL A 156 29.49 5.07 -16.79
N HIS A 157 28.93 6.20 -16.33
CA HIS A 157 28.83 6.48 -14.90
C HIS A 157 27.97 5.43 -14.17
N TYR A 158 26.83 5.10 -14.75
CA TYR A 158 25.91 4.15 -14.13
C TYR A 158 26.55 2.77 -14.08
N ALA A 159 27.14 2.35 -15.20
CA ALA A 159 27.79 1.04 -15.23
C ALA A 159 28.90 0.96 -14.19
N ALA A 160 29.75 2.02 -14.13
CA ALA A 160 30.79 2.06 -13.14
C ALA A 160 30.21 1.99 -11.72
N SER A 161 29.11 2.71 -11.48
CA SER A 161 28.53 2.76 -10.15
C SER A 161 28.10 1.35 -9.71
N LYS A 162 27.54 0.56 -10.64
CA LYS A 162 26.99 -0.74 -10.27
C LYS A 162 28.09 -1.79 -10.24
N GLY A 163 29.07 -1.70 -11.15
CA GLY A 163 30.25 -2.54 -11.04
C GLY A 163 30.96 -2.35 -9.71
N GLY A 164 31.04 -1.08 -9.28
CA GLY A 164 31.59 -0.75 -7.98
C GLY A 164 30.75 -1.31 -6.83
N MET A 165 29.43 -1.17 -6.96
CA MET A 165 28.51 -1.65 -5.94
C MET A 165 28.68 -3.16 -5.75
N LYS A 166 28.87 -3.90 -6.84
CA LYS A 166 29.12 -5.33 -6.77
C LYS A 166 30.29 -5.64 -5.84
N LEU A 167 31.45 -5.00 -6.05
CA LEU A 167 32.61 -5.34 -5.25
C LEU A 167 32.49 -4.79 -3.82
N MET A 168 31.77 -3.68 -3.67
CA MET A 168 31.46 -3.17 -2.34
C MET A 168 30.65 -4.19 -1.56
N THR A 169 29.55 -4.67 -2.16
CA THR A 169 28.69 -5.66 -1.56
C THR A 169 29.49 -6.91 -1.19
N LYS A 170 30.30 -7.42 -2.11
CA LYS A 170 31.00 -8.68 -1.86
C LYS A 170 32.00 -8.49 -0.73
N THR A 171 32.66 -7.32 -0.69
CA THR A 171 33.60 -7.02 0.37
C THR A 171 32.91 -6.98 1.73
N LEU A 172 31.78 -6.25 1.82
CA LEU A 172 31.04 -6.18 3.07
C LEU A 172 30.53 -7.57 3.48
N ALA A 173 30.03 -8.35 2.51
CA ALA A 173 29.58 -9.70 2.80
C ALA A 173 30.71 -10.53 3.41
N LEU A 174 31.91 -10.51 2.80
CA LEU A 174 33.03 -11.27 3.33
C LEU A 174 33.40 -10.78 4.73
N GLU A 175 33.47 -9.47 4.88
CA GLU A 175 33.97 -8.84 6.10
C GLU A 175 33.05 -9.12 7.29
N TYR A 176 31.73 -9.14 7.08
CA TYR A 176 30.78 -9.22 8.19
C TYR A 176 30.07 -10.56 8.25
N ALA A 177 30.38 -11.49 7.33
CA ALA A 177 29.80 -12.83 7.39
C ALA A 177 30.03 -13.47 8.77
N PRO A 178 31.21 -13.34 9.41
CA PRO A 178 31.42 -14.04 10.70
C PRO A 178 30.47 -13.57 11.80
N LYS A 179 29.88 -12.37 11.64
CA LYS A 179 28.90 -11.87 12.60
C LYS A 179 27.46 -12.19 12.18
N GLY A 180 27.29 -12.99 11.15
CA GLY A 180 25.98 -13.42 10.68
C GLY A 180 25.22 -12.32 9.94
N ILE A 181 25.90 -11.29 9.48
CA ILE A 181 25.28 -10.21 8.70
C ILE A 181 25.43 -10.57 7.24
N ARG A 182 24.31 -10.64 6.52
CA ARG A 182 24.35 -10.98 5.10
C ARG A 182 24.20 -9.70 4.28
N VAL A 183 24.89 -9.65 3.13
CA VAL A 183 24.87 -8.51 2.25
C VAL A 183 24.80 -9.03 0.81
N ASN A 184 23.78 -8.60 0.08
CA ASN A 184 23.52 -9.13 -1.25
C ASN A 184 23.04 -8.02 -2.19
N ASN A 185 23.24 -8.21 -3.48
CA ASN A 185 22.70 -7.35 -4.52
C ASN A 185 21.52 -8.04 -5.20
N ILE A 186 20.57 -7.20 -5.65
CA ILE A 186 19.61 -7.59 -6.66
C ILE A 186 19.97 -6.92 -7.97
N GLY A 187 19.90 -7.66 -9.07
CA GLY A 187 20.22 -7.14 -10.39
C GLY A 187 19.03 -7.17 -11.34
N PRO A 188 18.15 -6.15 -11.32
CA PRO A 188 17.02 -6.14 -12.24
C PRO A 188 17.46 -5.86 -13.66
N GLY A 189 16.72 -6.45 -14.59
CA GLY A 189 16.74 -6.07 -15.99
C GLY A 189 15.78 -4.91 -16.19
N ALA A 190 15.06 -4.91 -17.31
CA ALA A 190 14.11 -3.84 -17.59
C ALA A 190 12.83 -4.11 -16.83
N ILE A 191 12.44 -3.13 -15.99
CA ILE A 191 11.25 -3.24 -15.14
C ILE A 191 10.33 -2.05 -15.41
N ASN A 192 9.04 -2.34 -15.42
CA ASN A 192 8.00 -1.37 -15.75
C ASN A 192 7.69 -0.49 -14.55
N THR A 193 8.64 0.34 -14.13
CA THR A 193 8.41 1.33 -13.11
C THR A 193 7.95 2.63 -13.78
N THR A 194 7.39 3.53 -12.97
CA THR A 194 6.82 4.77 -13.49
C THR A 194 7.89 5.61 -14.21
N ILE A 195 9.14 5.59 -13.74
CA ILE A 195 10.20 6.38 -14.37
C ILE A 195 10.37 5.96 -15.83
N ASN A 196 10.03 4.71 -16.18
CA ASN A 196 10.22 4.17 -17.52
C ASN A 196 8.96 4.30 -18.38
N ALA A 197 7.88 4.87 -17.83
CA ALA A 197 6.57 4.77 -18.48
C ALA A 197 6.58 5.53 -19.81
N GLU A 198 7.29 6.67 -19.84
CA GLU A 198 7.40 7.47 -21.03
C GLU A 198 8.06 6.65 -22.14
N LYS A 199 9.25 6.11 -21.85
CA LYS A 199 9.99 5.31 -22.81
C LYS A 199 9.12 4.20 -23.37
N PHE A 200 8.46 3.45 -22.49
CA PHE A 200 7.72 2.25 -22.91
C PHE A 200 6.35 2.62 -23.48
N ALA A 201 5.95 3.90 -23.40
CA ALA A 201 4.75 4.38 -24.06
C ALA A 201 4.97 4.45 -25.58
N ASP A 202 6.21 4.73 -26.00
CA ASP A 202 6.61 4.67 -27.39
C ASP A 202 6.71 3.20 -27.83
N PRO A 203 5.77 2.68 -28.67
CA PRO A 203 5.74 1.25 -28.99
C PRO A 203 7.03 0.74 -29.64
N LYS A 204 7.76 1.61 -30.33
CA LYS A 204 9.01 1.20 -30.95
C LYS A 204 10.07 0.92 -29.89
N GLN A 205 10.18 1.81 -28.89
CA GLN A 205 11.16 1.62 -27.84
C GLN A 205 10.76 0.43 -26.96
N LYS A 206 9.46 0.25 -26.72
CA LYS A 206 8.98 -0.88 -25.95
C LYS A 206 9.36 -2.18 -26.67
N ALA A 207 9.16 -2.23 -27.99
CA ALA A 207 9.45 -3.45 -28.77
C ALA A 207 10.95 -3.71 -28.81
N ASP A 208 11.75 -2.65 -28.94
CA ASP A 208 13.20 -2.77 -28.95
C ASP A 208 13.69 -3.37 -27.63
N VAL A 209 13.20 -2.86 -26.50
CA VAL A 209 13.59 -3.37 -25.19
C VAL A 209 13.16 -4.84 -25.07
N GLU A 210 11.93 -5.15 -25.49
CA GLU A 210 11.42 -6.51 -25.39
C GLU A 210 12.30 -7.47 -26.22
N SER A 211 12.85 -6.99 -27.33
CA SER A 211 13.69 -7.81 -28.20
C SER A 211 15.01 -8.18 -27.53
N MET A 212 15.37 -7.50 -26.43
CA MET A 212 16.60 -7.79 -25.71
C MET A 212 16.32 -8.65 -24.47
N ILE A 213 15.06 -9.05 -24.29
CA ILE A 213 14.69 -9.85 -23.11
C ILE A 213 14.27 -11.22 -23.57
N PRO A 214 15.06 -12.28 -23.31
CA PRO A 214 14.69 -13.61 -23.77
C PRO A 214 13.29 -14.05 -23.35
N MET A 215 12.87 -13.74 -22.12
CA MET A 215 11.53 -14.13 -21.67
C MET A 215 10.43 -13.33 -22.39
N GLY A 216 10.79 -12.25 -23.08
CA GLY A 216 9.90 -11.60 -24.03
C GLY A 216 9.00 -10.52 -23.42
N TYR A 217 9.18 -10.22 -22.11
CA TYR A 217 8.34 -9.22 -21.47
C TYR A 217 9.19 -8.41 -20.50
N ILE A 218 8.80 -7.15 -20.33
CA ILE A 218 9.37 -6.25 -19.34
C ILE A 218 8.77 -6.63 -17.99
N GLY A 219 9.64 -6.77 -16.97
CA GLY A 219 9.20 -7.23 -15.67
C GLY A 219 8.34 -6.21 -14.95
N GLU A 220 7.59 -6.68 -13.96
CA GLU A 220 6.81 -5.81 -13.10
C GLU A 220 7.54 -5.58 -11.79
N PRO A 221 7.36 -4.41 -11.14
CA PRO A 221 8.05 -4.13 -9.89
C PRO A 221 7.88 -5.20 -8.82
N GLU A 222 6.70 -5.84 -8.80
CA GLU A 222 6.42 -6.88 -7.82
C GLU A 222 7.38 -8.08 -7.96
N GLU A 223 7.90 -8.29 -9.18
CA GLU A 223 8.80 -9.42 -9.44
C GLU A 223 10.18 -9.15 -8.83
N ILE A 224 10.52 -7.87 -8.63
CA ILE A 224 11.75 -7.49 -7.96
C ILE A 224 11.51 -7.47 -6.45
N ALA A 225 10.36 -6.94 -6.03
CA ALA A 225 10.05 -6.95 -4.61
C ALA A 225 10.04 -8.37 -4.06
N ALA A 226 9.62 -9.35 -4.86
CA ALA A 226 9.61 -10.74 -4.45
C ALA A 226 11.02 -11.21 -4.07
N VAL A 227 12.00 -10.78 -4.88
CA VAL A 227 13.38 -11.16 -4.64
C VAL A 227 13.88 -10.57 -3.33
N ALA A 228 13.57 -9.30 -3.07
CA ALA A 228 13.99 -8.61 -1.86
C ALA A 228 13.42 -9.29 -0.61
N ALA A 229 12.13 -9.65 -0.67
CA ALA A 229 11.50 -10.28 0.49
C ALA A 229 12.20 -11.60 0.81
N TRP A 230 12.50 -12.39 -0.23
CA TRP A 230 13.14 -13.68 -0.05
C TRP A 230 14.55 -13.51 0.53
N LEU A 231 15.36 -12.64 -0.08
CA LEU A 231 16.75 -12.44 0.36
C LEU A 231 16.83 -11.99 1.81
N ALA A 232 15.87 -11.15 2.23
CA ALA A 232 15.85 -10.61 3.58
C ALA A 232 15.41 -11.67 4.61
N SER A 233 14.73 -12.71 4.15
CA SER A 233 14.15 -13.71 5.02
C SER A 233 15.18 -14.76 5.42
N LYS A 234 14.84 -15.56 6.42
CA LYS A 234 15.69 -16.66 6.84
C LYS A 234 15.68 -17.82 5.83
N GLU A 235 14.82 -17.80 4.82
CA GLU A 235 14.89 -18.77 3.74
C GLU A 235 16.27 -18.67 3.05
N ALA A 236 16.81 -17.46 2.97
CA ALA A 236 18.10 -17.20 2.36
C ALA A 236 19.22 -17.18 3.40
N SER A 237 19.10 -17.97 4.46
CA SER A 237 20.02 -17.95 5.58
C SER A 237 21.47 -18.20 5.19
N TYR A 238 21.72 -19.02 4.14
CA TYR A 238 23.09 -19.37 3.77
C TYR A 238 23.58 -18.58 2.56
N VAL A 239 22.85 -17.52 2.19
CA VAL A 239 23.11 -16.78 0.94
C VAL A 239 23.68 -15.41 1.28
N THR A 240 24.96 -15.19 0.92
CA THR A 240 25.56 -13.87 1.13
C THR A 240 26.57 -13.61 0.02
N GLY A 241 26.70 -12.31 -0.29
CA GLY A 241 27.65 -11.84 -1.26
C GLY A 241 27.25 -12.06 -2.71
N ILE A 242 25.98 -12.45 -2.95
CA ILE A 242 25.57 -12.75 -4.31
C ILE A 242 24.98 -11.52 -4.96
N THR A 243 24.89 -11.59 -6.28
CA THR A 243 23.94 -10.78 -7.02
C THR A 243 22.89 -11.72 -7.60
N LEU A 244 21.64 -11.49 -7.24
CA LEU A 244 20.54 -12.28 -7.76
C LEU A 244 19.93 -11.49 -8.90
N PHE A 245 20.22 -11.92 -10.13
CA PHE A 245 19.71 -11.26 -11.32
C PHE A 245 18.27 -11.69 -11.55
N ALA A 246 17.41 -10.70 -11.78
CA ALA A 246 16.03 -10.91 -12.12
C ALA A 246 15.74 -10.06 -13.36
N ASP A 247 16.00 -10.68 -14.51
CA ASP A 247 16.18 -9.91 -15.72
C ASP A 247 15.56 -10.56 -16.96
N GLY A 248 14.76 -11.61 -16.79
CA GLY A 248 14.13 -12.27 -17.93
C GLY A 248 15.17 -12.86 -18.90
N GLY A 249 16.42 -12.97 -18.45
CA GLY A 249 17.49 -13.54 -19.26
C GLY A 249 18.40 -12.53 -19.96
N MET A 250 18.29 -11.23 -19.65
CA MET A 250 19.14 -10.23 -20.32
C MET A 250 20.62 -10.56 -20.24
N THR A 251 21.10 -11.04 -19.08
CA THR A 251 22.54 -11.30 -18.92
C THR A 251 22.99 -12.54 -19.69
N LEU A 252 22.08 -13.23 -20.39
CA LEU A 252 22.43 -14.41 -21.17
C LEU A 252 22.83 -14.08 -22.61
N TYR A 253 22.96 -12.81 -22.97
CA TYR A 253 23.44 -12.35 -24.28
C TYR A 253 22.36 -12.57 -25.33
N PRO A 254 21.35 -11.67 -25.38
CA PRO A 254 20.21 -11.88 -26.26
C PRO A 254 20.55 -11.89 -27.74
N SER A 255 21.68 -11.29 -28.14
CA SER A 255 22.07 -11.33 -29.54
C SER A 255 22.37 -12.75 -30.01
N PHE A 256 22.61 -13.70 -29.08
CA PHE A 256 23.00 -15.04 -29.47
C PHE A 256 21.85 -16.05 -29.48
N GLN A 257 20.61 -15.58 -29.39
CA GLN A 257 19.46 -16.44 -29.61
C GLN A 257 19.54 -17.11 -30.98
N ALA A 258 18.96 -18.31 -31.08
CA ALA A 258 18.87 -19.03 -32.35
C ALA A 258 18.02 -18.23 -33.36
N GLY A 259 16.89 -17.67 -32.90
CA GLY A 259 15.89 -17.07 -33.78
C GLY A 259 15.78 -15.56 -33.65
N MET B 1 -1.66 1.89 18.55
CA MET B 1 -2.82 1.08 18.09
C MET B 1 -3.08 1.33 16.60
N TYR B 2 -3.01 2.60 16.18
CA TYR B 2 -3.30 2.98 14.81
C TYR B 2 -2.01 3.36 14.11
N PRO B 3 -1.40 2.44 13.32
CA PRO B 3 -0.09 2.70 12.75
C PRO B 3 0.02 3.91 11.87
N ASP B 4 -1.10 4.31 11.22
CA ASP B 4 -1.04 5.45 10.31
C ASP B 4 -0.83 6.77 11.07
N LEU B 5 -1.16 6.79 12.37
CA LEU B 5 -1.05 8.02 13.15
C LEU B 5 0.41 8.32 13.51
N LYS B 6 1.29 7.30 13.46
CA LYS B 6 2.68 7.52 13.81
C LYS B 6 3.29 8.60 12.94
N GLY B 7 3.85 9.63 13.56
CA GLY B 7 4.48 10.74 12.87
C GLY B 7 3.52 11.76 12.26
N LYS B 8 2.20 11.57 12.41
CA LYS B 8 1.26 12.59 11.98
C LYS B 8 1.35 13.78 12.93
N VAL B 9 1.06 14.97 12.38
CA VAL B 9 1.03 16.17 13.20
C VAL B 9 -0.41 16.52 13.56
N VAL B 10 -0.66 16.60 14.85
CA VAL B 10 -2.00 16.92 15.37
C VAL B 10 -1.89 18.13 16.27
N ALA B 11 -2.73 19.14 16.01
CA ALA B 11 -2.84 20.31 16.86
C ALA B 11 -4.17 20.25 17.61
N ILE B 12 -4.12 20.55 18.92
CA ILE B 12 -5.25 20.41 19.81
C ILE B 12 -5.41 21.69 20.61
N THR B 13 -6.59 22.30 20.53
CA THR B 13 -6.89 23.46 21.36
C THR B 13 -7.42 23.00 22.70
N GLY B 14 -7.19 23.82 23.72
CA GLY B 14 -7.60 23.48 25.07
C GLY B 14 -6.89 22.25 25.61
N ALA B 15 -5.62 22.09 25.23
CA ALA B 15 -4.91 20.84 25.47
C ALA B 15 -4.15 20.81 26.79
N ALA B 16 -4.25 21.86 27.61
CA ALA B 16 -3.55 21.84 28.89
C ALA B 16 -4.40 21.22 30.00
N SER B 17 -5.67 20.88 29.72
CA SER B 17 -6.53 20.31 30.75
C SER B 17 -7.52 19.32 30.13
N GLY B 18 -8.13 18.50 30.99
CA GLY B 18 -9.35 17.77 30.67
C GLY B 18 -9.24 16.95 29.39
N LEU B 19 -10.25 17.03 28.50
CA LEU B 19 -10.31 16.16 27.34
C LEU B 19 -9.14 16.46 26.39
N GLY B 20 -8.79 17.73 26.25
CA GLY B 20 -7.71 18.11 25.34
C GLY B 20 -6.38 17.51 25.77
N LYS B 21 -6.12 17.56 27.07
CA LYS B 21 -4.93 16.93 27.63
C LYS B 21 -4.97 15.41 27.42
N ALA B 22 -6.10 14.78 27.68
CA ALA B 22 -6.23 13.34 27.48
C ALA B 22 -5.98 12.98 26.01
N MET B 23 -6.50 13.80 25.08
CA MET B 23 -6.28 13.55 23.67
C MET B 23 -4.80 13.72 23.32
N ALA B 24 -4.16 14.77 23.84
CA ALA B 24 -2.74 14.99 23.58
C ALA B 24 -1.95 13.75 23.98
N ILE B 25 -2.22 13.25 25.18
CA ILE B 25 -1.49 12.10 25.72
C ILE B 25 -1.78 10.86 24.89
N ARG B 26 -3.03 10.63 24.50
CA ARG B 26 -3.37 9.48 23.67
C ARG B 26 -2.66 9.57 22.32
N PHE B 27 -2.64 10.75 21.68
CA PHE B 27 -1.92 10.88 20.43
C PHE B 27 -0.42 10.66 20.63
N GLY B 28 0.10 10.98 21.81
CA GLY B 28 1.48 10.62 22.16
C GLY B 28 1.68 9.10 22.15
N LYS B 29 0.72 8.37 22.72
N LYS B 29 0.72 8.37 22.72
CA LYS B 29 0.77 6.92 22.73
CA LYS B 29 0.77 6.93 22.74
C LYS B 29 0.75 6.39 21.29
C LYS B 29 0.74 6.39 21.30
N GLU B 30 0.08 7.10 20.38
CA GLU B 30 0.06 6.73 18.98
C GLU B 30 1.30 7.20 18.22
N GLN B 31 2.24 7.84 18.94
CA GLN B 31 3.53 8.28 18.40
C GLN B 31 3.34 9.37 17.36
N ALA B 32 2.34 10.23 17.62
CA ALA B 32 2.13 11.41 16.81
C ALA B 32 3.02 12.55 17.30
N LYS B 33 3.00 13.63 16.54
CA LYS B 33 3.64 14.89 16.89
C LYS B 33 2.55 15.88 17.26
N VAL B 34 2.53 16.32 18.52
CA VAL B 34 1.39 17.02 19.08
C VAL B 34 1.73 18.49 19.30
N VAL B 35 0.87 19.39 18.80
CA VAL B 35 0.92 20.80 19.14
C VAL B 35 -0.12 21.03 20.24
N ILE B 36 0.37 21.35 21.44
CA ILE B 36 -0.44 21.57 22.63
C ILE B 36 -0.74 23.05 22.73
N ASN B 37 -1.95 23.46 22.35
CA ASN B 37 -2.40 24.83 22.59
C ASN B 37 -2.90 24.93 24.03
N TYR B 38 -2.47 26.01 24.69
CA TYR B 38 -2.91 26.30 26.04
C TYR B 38 -3.29 27.78 26.11
N TYR B 39 -4.05 28.12 27.14
CA TYR B 39 -4.66 29.43 27.28
C TYR B 39 -3.84 30.33 28.20
N SER B 40 -3.42 29.80 29.34
CA SER B 40 -2.63 30.54 30.30
C SER B 40 -1.40 29.74 30.74
N ASN B 41 -0.29 30.43 30.99
CA ASN B 41 0.96 29.80 31.42
C ASN B 41 0.82 29.13 32.79
N LYS B 42 -0.18 29.58 33.55
CA LYS B 42 -0.46 29.03 34.87
C LYS B 42 -1.07 27.63 34.76
N GLN B 43 -1.47 27.21 33.56
CA GLN B 43 -1.98 25.86 33.40
C GLN B 43 -0.92 24.75 33.38
N ASP B 44 0.35 25.07 33.23
CA ASP B 44 1.42 24.08 33.20
C ASP B 44 1.36 23.20 31.95
N PRO B 45 1.40 23.82 30.74
CA PRO B 45 1.41 23.03 29.51
C PRO B 45 2.64 22.13 29.37
N ASN B 46 3.77 22.53 30.01
CA ASN B 46 4.98 21.75 29.90
C ASN B 46 4.79 20.37 30.53
N GLU B 47 3.95 20.26 31.54
CA GLU B 47 3.65 18.98 32.15
C GLU B 47 2.96 18.07 31.13
N VAL B 48 2.02 18.63 30.33
CA VAL B 48 1.37 17.84 29.30
C VAL B 48 2.38 17.42 28.26
N LYS B 49 3.25 18.36 27.87
CA LYS B 49 4.30 18.08 26.91
C LYS B 49 5.13 16.88 27.37
N GLU B 50 5.52 16.86 28.64
CA GLU B 50 6.35 15.77 29.17
C GLU B 50 5.56 14.46 29.13
N GLU B 51 4.26 14.49 29.44
CA GLU B 51 3.47 13.26 29.42
C GLU B 51 3.31 12.75 27.99
N VAL B 52 3.16 13.66 27.01
CA VAL B 52 3.07 13.24 25.61
C VAL B 52 4.36 12.54 25.19
N ILE B 53 5.49 13.13 25.56
CA ILE B 53 6.78 12.56 25.20
C ILE B 53 6.96 11.20 25.88
N LYS B 54 6.63 11.12 27.16
CA LYS B 54 6.74 9.88 27.92
C LYS B 54 5.85 8.80 27.32
N ALA B 55 4.68 9.17 26.76
CA ALA B 55 3.77 8.20 26.17
C ALA B 55 4.31 7.68 24.83
N GLY B 56 5.27 8.38 24.21
CA GLY B 56 5.90 7.93 22.98
C GLY B 56 5.84 8.93 21.83
N GLY B 57 5.39 10.17 22.09
CA GLY B 57 5.22 11.14 21.02
C GLY B 57 6.28 12.24 21.07
N GLU B 58 6.09 13.22 20.19
CA GLU B 58 6.78 14.50 20.25
C GLU B 58 5.71 15.58 20.52
N ALA B 59 6.17 16.69 21.10
CA ALA B 59 5.23 17.73 21.52
C ALA B 59 5.92 19.09 21.58
N VAL B 60 5.17 20.11 21.19
N VAL B 60 5.17 20.12 21.19
CA VAL B 60 5.51 21.50 21.46
CA VAL B 60 5.52 21.50 21.45
C VAL B 60 4.27 22.15 22.05
C VAL B 60 4.27 22.15 22.05
N VAL B 61 4.47 23.25 22.76
CA VAL B 61 3.36 23.99 23.36
C VAL B 61 3.26 25.35 22.68
N VAL B 62 2.05 25.90 22.58
CA VAL B 62 1.84 27.24 22.03
C VAL B 62 0.64 27.89 22.73
N GLN B 63 0.86 29.09 23.26
CA GLN B 63 -0.21 29.84 23.90
C GLN B 63 -1.11 30.43 22.82
N GLY B 64 -2.41 30.47 23.12
CA GLY B 64 -3.34 31.05 22.17
C GLY B 64 -4.77 31.06 22.70
N ASP B 65 -5.46 32.17 22.46
CA ASP B 65 -6.87 32.34 22.75
C ASP B 65 -7.66 32.14 21.47
N VAL B 66 -8.55 31.12 21.43
CA VAL B 66 -9.23 30.78 20.20
C VAL B 66 -10.29 31.81 19.81
N THR B 67 -10.56 32.79 20.69
CA THR B 67 -11.42 33.90 20.30
C THR B 67 -10.64 35.00 19.57
N LYS B 68 -9.33 34.81 19.38
N LYS B 68 -9.33 34.81 19.38
CA LYS B 68 -8.52 35.78 18.64
CA LYS B 68 -8.52 35.78 18.64
C LYS B 68 -8.02 35.13 17.36
C LYS B 68 -8.02 35.13 17.36
N GLU B 69 -8.46 35.67 16.24
CA GLU B 69 -8.12 35.14 14.94
C GLU B 69 -6.60 34.95 14.78
N GLU B 70 -5.82 35.94 15.23
CA GLU B 70 -4.37 35.89 15.05
C GLU B 70 -3.76 34.72 15.83
N ASP B 71 -4.31 34.44 17.02
CA ASP B 71 -3.82 33.36 17.85
C ASP B 71 -4.12 32.00 17.19
N VAL B 72 -5.30 31.87 16.58
CA VAL B 72 -5.65 30.63 15.91
C VAL B 72 -4.72 30.40 14.72
N LYS B 73 -4.48 31.45 13.93
CA LYS B 73 -3.53 31.33 12.82
C LYS B 73 -2.16 30.86 13.30
N ASN B 74 -1.75 31.38 14.47
CA ASN B 74 -0.45 31.08 15.02
C ASN B 74 -0.36 29.63 15.53
N ILE B 75 -1.49 29.05 15.96
CA ILE B 75 -1.50 27.64 16.35
C ILE B 75 -1.13 26.79 15.14
N VAL B 76 -1.77 27.07 14.00
CA VAL B 76 -1.52 26.28 12.81
C VAL B 76 -0.08 26.51 12.35
N GLN B 77 0.38 27.78 12.37
CA GLN B 77 1.74 28.07 11.95
C GLN B 77 2.76 27.38 12.85
N THR B 78 2.46 27.22 14.13
CA THR B 78 3.34 26.51 15.04
C THR B 78 3.54 25.06 14.58
N ALA B 79 2.46 24.38 14.17
CA ALA B 79 2.60 23.04 13.63
C ALA B 79 3.56 23.03 12.44
N ILE B 80 3.36 23.97 11.52
CA ILE B 80 4.12 24.03 10.29
C ILE B 80 5.60 24.28 10.61
N LYS B 81 5.87 25.26 11.48
CA LYS B 81 7.22 25.66 11.81
C LYS B 81 7.95 24.57 12.62
N GLU B 82 7.27 23.95 13.59
CA GLU B 82 7.94 22.99 14.45
C GLU B 82 8.04 21.62 13.80
N PHE B 83 7.02 21.20 13.04
CA PHE B 83 6.96 19.81 12.59
C PHE B 83 6.89 19.69 11.07
N GLY B 84 6.73 20.80 10.35
CA GLY B 84 6.83 20.79 8.90
C GLY B 84 5.49 20.71 8.17
N THR B 85 4.40 20.38 8.89
CA THR B 85 3.12 20.11 8.26
C THR B 85 2.04 20.10 9.34
N LEU B 86 0.79 19.93 8.90
CA LEU B 86 -0.33 19.67 9.80
C LEU B 86 -1.17 18.58 9.15
N ASP B 87 -1.61 17.60 9.95
CA ASP B 87 -2.41 16.49 9.46
C ASP B 87 -3.82 16.47 10.06
N ILE B 88 -3.90 16.82 11.35
CA ILE B 88 -5.14 16.68 12.13
C ILE B 88 -5.31 17.94 12.98
N MET B 89 -6.50 18.54 12.94
CA MET B 89 -6.81 19.70 13.75
C MET B 89 -7.96 19.33 14.68
N ILE B 90 -7.76 19.52 15.99
CA ILE B 90 -8.78 19.20 16.98
C ILE B 90 -9.18 20.47 17.73
N ASN B 91 -10.40 20.96 17.44
CA ASN B 91 -10.91 22.16 18.08
C ASN B 91 -11.71 21.78 19.31
N ASN B 92 -11.08 21.92 20.48
CA ASN B 92 -11.58 21.34 21.72
C ASN B 92 -11.85 22.41 22.77
N ALA B 93 -11.20 23.59 22.69
CA ALA B 93 -11.41 24.62 23.70
C ALA B 93 -12.90 24.92 23.84
N GLY B 94 -13.33 25.13 25.09
CA GLY B 94 -14.73 25.45 25.34
C GLY B 94 -14.95 25.89 26.77
N LEU B 95 -16.11 26.53 27.01
CA LEU B 95 -16.54 26.84 28.35
C LEU B 95 -18.07 26.92 28.40
N GLU B 96 -18.58 26.95 29.64
CA GLU B 96 -20.01 27.05 29.88
C GLU B 96 -20.23 27.70 31.25
N ASN B 97 -21.39 28.33 31.42
CA ASN B 97 -21.78 28.83 32.75
C ASN B 97 -23.29 28.89 32.77
N PRO B 98 -23.94 28.51 33.89
CA PRO B 98 -25.42 28.50 33.95
C PRO B 98 -26.06 29.83 34.29
N VAL B 99 -27.06 30.23 33.50
CA VAL B 99 -27.86 31.41 33.76
C VAL B 99 -29.24 31.15 33.19
N PRO B 100 -30.34 31.45 33.92
CA PRO B 100 -31.67 31.39 33.30
C PRO B 100 -31.66 32.18 31.99
N SER B 101 -32.25 31.60 30.93
CA SER B 101 -32.11 32.17 29.60
C SER B 101 -32.63 33.59 29.50
N HIS B 102 -33.76 33.90 30.17
CA HIS B 102 -34.35 35.23 30.12
C HIS B 102 -33.50 36.26 30.89
N GLU B 103 -32.51 35.77 31.65
CA GLU B 103 -31.58 36.63 32.36
C GLU B 103 -30.17 36.59 31.78
N MET B 104 -29.97 35.82 30.69
N MET B 104 -29.97 35.82 30.69
CA MET B 104 -28.62 35.58 30.20
CA MET B 104 -28.63 35.57 30.20
C MET B 104 -28.05 36.86 29.61
C MET B 104 -28.04 36.86 29.61
N PRO B 105 -26.94 37.41 30.17
CA PRO B 105 -26.34 38.60 29.59
C PRO B 105 -25.75 38.31 28.22
N LEU B 106 -25.79 39.32 27.36
CA LEU B 106 -25.21 39.20 26.03
C LEU B 106 -23.71 38.93 26.13
N LYS B 107 -23.04 39.46 27.17
CA LYS B 107 -21.62 39.22 27.35
C LYS B 107 -21.35 37.72 27.52
N ASP B 108 -22.19 37.01 28.30
CA ASP B 108 -21.98 35.60 28.56
C ASP B 108 -22.28 34.79 27.27
N TRP B 109 -23.37 35.15 26.59
CA TRP B 109 -23.72 34.55 25.32
C TRP B 109 -22.56 34.69 24.34
N ASP B 110 -22.02 35.91 24.20
CA ASP B 110 -20.95 36.19 23.25
C ASP B 110 -19.69 35.39 23.57
N LYS B 111 -19.35 35.27 24.86
CA LYS B 111 -18.14 34.57 25.24
C LYS B 111 -18.25 33.08 24.88
N VAL B 112 -19.41 32.48 25.14
CA VAL B 112 -19.60 31.06 24.87
C VAL B 112 -19.71 30.77 23.37
N ILE B 113 -20.47 31.57 22.63
CA ILE B 113 -20.54 31.43 21.19
C ILE B 113 -19.15 31.63 20.60
N GLY B 114 -18.43 32.67 21.08
CA GLY B 114 -17.15 33.03 20.52
C GLY B 114 -16.11 31.92 20.70
N THR B 115 -16.08 31.34 21.91
CA THR B 115 -15.09 30.35 22.22
C THR B 115 -15.46 29.02 21.58
N ASN B 116 -16.71 28.61 21.78
CA ASN B 116 -17.11 27.23 21.50
C ASN B 116 -17.41 27.04 20.02
N LEU B 117 -17.98 28.02 19.35
CA LEU B 117 -18.42 27.88 17.97
C LEU B 117 -17.47 28.65 17.04
N THR B 118 -17.33 29.96 17.26
CA THR B 118 -16.48 30.74 16.38
C THR B 118 -15.03 30.27 16.45
N GLY B 119 -14.56 29.89 17.63
CA GLY B 119 -13.20 29.37 17.79
C GLY B 119 -12.99 28.11 16.95
N ALA B 120 -13.99 27.22 16.93
CA ALA B 120 -13.91 26.01 16.15
C ALA B 120 -13.98 26.31 14.66
N PHE B 121 -14.78 27.32 14.27
CA PHE B 121 -14.81 27.78 12.90
C PHE B 121 -13.41 28.25 12.47
N LEU B 122 -12.79 29.11 13.28
CA LEU B 122 -11.48 29.67 12.92
C LEU B 122 -10.43 28.56 12.79
N GLY B 123 -10.40 27.61 13.74
CA GLY B 123 -9.45 26.52 13.69
C GLY B 123 -9.67 25.61 12.49
N SER B 124 -10.95 25.30 12.23
CA SER B 124 -11.31 24.51 11.06
C SER B 124 -10.89 25.24 9.78
N ARG B 125 -11.19 26.53 9.71
CA ARG B 125 -10.90 27.34 8.52
C ARG B 125 -9.39 27.32 8.23
N GLU B 126 -8.59 27.57 9.27
CA GLU B 126 -7.15 27.71 9.09
C GLU B 126 -6.54 26.35 8.73
N ALA B 127 -7.01 25.27 9.38
CA ALA B 127 -6.50 23.94 9.07
C ALA B 127 -6.84 23.55 7.63
N ILE B 128 -8.10 23.74 7.24
CA ILE B 128 -8.54 23.34 5.92
C ILE B 128 -7.84 24.17 4.85
N LYS B 129 -7.66 25.46 5.10
CA LYS B 129 -6.91 26.32 4.18
C LYS B 129 -5.54 25.70 3.90
N TYR B 130 -4.85 25.29 4.98
CA TYR B 130 -3.54 24.67 4.85
C TYR B 130 -3.63 23.36 4.06
N PHE B 131 -4.63 22.52 4.39
CA PHE B 131 -4.80 21.26 3.69
C PHE B 131 -5.03 21.46 2.19
N VAL B 132 -5.88 22.43 1.84
CA VAL B 132 -6.25 22.67 0.45
C VAL B 132 -5.03 23.20 -0.30
N GLU B 133 -4.27 24.11 0.33
CA GLU B 133 -3.13 24.74 -0.34
C GLU B 133 -2.00 23.74 -0.57
N ASN B 134 -1.92 22.67 0.22
CA ASN B 134 -0.79 21.75 0.19
C ASN B 134 -1.21 20.34 -0.22
N ASP B 135 -2.44 20.18 -0.72
CA ASP B 135 -2.99 18.88 -1.11
C ASP B 135 -2.78 17.82 -0.03
N ILE B 136 -3.12 18.15 1.22
CA ILE B 136 -3.10 17.19 2.31
C ILE B 136 -4.52 16.65 2.51
N LYS B 137 -4.65 15.34 2.64
CA LYS B 137 -5.92 14.71 2.96
C LYS B 137 -6.06 14.73 4.48
N GLY B 138 -6.26 15.94 4.99
CA GLY B 138 -6.25 16.17 6.42
C GLY B 138 -7.58 15.82 7.06
N ASN B 139 -7.64 16.04 8.37
CA ASN B 139 -8.70 15.58 9.24
C ASN B 139 -8.98 16.71 10.24
N VAL B 140 -10.25 17.05 10.46
CA VAL B 140 -10.64 17.98 11.51
C VAL B 140 -11.61 17.25 12.45
N ILE B 141 -11.36 17.38 13.75
CA ILE B 141 -12.26 16.87 14.78
C ILE B 141 -12.69 18.05 15.64
N ASN B 142 -14.02 18.26 15.72
CA ASN B 142 -14.58 19.32 16.53
C ASN B 142 -15.22 18.70 17.76
N MET B 143 -14.84 19.21 18.94
CA MET B 143 -15.38 18.67 20.18
C MET B 143 -16.73 19.32 20.44
N SER B 144 -17.78 18.51 20.31
CA SER B 144 -19.13 18.97 20.53
C SER B 144 -19.59 18.49 21.91
N SER B 145 -20.82 17.97 21.98
CA SER B 145 -21.47 17.59 23.23
C SER B 145 -22.74 16.85 22.86
N VAL B 146 -23.27 16.06 23.81
CA VAL B 146 -24.65 15.60 23.70
C VAL B 146 -25.56 16.79 23.46
N HIS B 147 -25.17 18.00 23.91
CA HIS B 147 -26.01 19.17 23.80
C HIS B 147 -26.02 19.81 22.42
N GLU B 148 -25.46 19.14 21.39
CA GLU B 148 -25.83 19.46 20.03
C GLU B 148 -27.19 18.86 19.64
N VAL B 149 -27.74 17.96 20.47
N VAL B 149 -27.74 17.96 20.48
CA VAL B 149 -29.06 17.40 20.26
CA VAL B 149 -29.06 17.38 20.26
C VAL B 149 -29.92 17.55 21.51
C VAL B 149 -29.92 17.55 21.51
N ILE B 150 -29.33 17.36 22.70
CA ILE B 150 -30.08 17.48 23.96
C ILE B 150 -30.14 18.95 24.36
N PRO B 151 -31.35 19.53 24.50
CA PRO B 151 -31.47 20.92 24.93
C PRO B 151 -30.92 21.06 26.36
N TRP B 152 -30.54 22.28 26.74
CA TRP B 152 -29.88 22.45 28.03
C TRP B 152 -30.30 23.77 28.69
N PRO B 153 -31.46 23.77 29.38
CA PRO B 153 -31.89 24.92 30.15
C PRO B 153 -30.77 25.39 31.09
N LEU B 154 -30.64 26.72 31.18
CA LEU B 154 -29.61 27.45 31.90
C LEU B 154 -28.33 27.56 31.07
N PHE B 155 -28.23 26.83 29.96
CA PHE B 155 -27.03 26.86 29.14
C PHE B 155 -27.43 27.06 27.67
N VAL B 156 -28.32 28.01 27.41
CA VAL B 156 -28.83 28.22 26.05
C VAL B 156 -27.69 28.60 25.10
N HIS B 157 -26.71 29.36 25.59
CA HIS B 157 -25.53 29.72 24.81
C HIS B 157 -24.73 28.47 24.39
N TYR B 158 -24.50 27.58 25.35
CA TYR B 158 -23.72 26.38 25.08
C TYR B 158 -24.44 25.49 24.09
N ALA B 159 -25.74 25.29 24.31
CA ALA B 159 -26.52 24.43 23.42
C ALA B 159 -26.50 25.01 22.01
N ALA B 160 -26.72 26.32 21.89
CA ALA B 160 -26.67 26.98 20.58
C ALA B 160 -25.29 26.80 19.95
N SER B 161 -24.23 26.92 20.75
CA SER B 161 -22.88 26.84 20.20
C SER B 161 -22.64 25.45 19.59
N LYS B 162 -23.14 24.40 20.25
CA LYS B 162 -22.87 23.03 19.79
C LYS B 162 -23.84 22.63 18.67
N GLY B 163 -25.10 23.09 18.74
CA GLY B 163 -25.99 22.92 17.60
C GLY B 163 -25.42 23.58 16.34
N GLY B 164 -24.84 24.76 16.53
CA GLY B 164 -24.16 25.46 15.45
C GLY B 164 -22.93 24.70 14.95
N MET B 165 -22.15 24.19 15.89
CA MET B 165 -20.95 23.42 15.54
C MET B 165 -21.32 22.21 14.69
N LYS B 166 -22.42 21.52 15.01
CA LYS B 166 -22.89 20.42 14.22
C LYS B 166 -23.06 20.80 12.75
N LEU B 167 -23.77 21.90 12.47
CA LEU B 167 -24.04 22.26 11.07
C LEU B 167 -22.79 22.82 10.41
N MET B 168 -21.91 23.46 11.20
CA MET B 168 -20.64 23.92 10.67
C MET B 168 -19.82 22.70 10.20
N THR B 169 -19.68 21.70 11.09
CA THR B 169 -18.96 20.48 10.77
C THR B 169 -19.53 19.81 9.52
N LYS B 170 -20.87 19.65 9.46
CA LYS B 170 -21.46 18.93 8.36
C LYS B 170 -21.24 19.69 7.05
N THR B 171 -21.34 21.02 7.12
CA THR B 171 -21.09 21.85 5.94
C THR B 171 -19.65 21.69 5.45
N LEU B 172 -18.68 21.82 6.35
CA LEU B 172 -17.27 21.64 5.99
C LEU B 172 -17.02 20.23 5.43
N ALA B 173 -17.61 19.21 6.07
CA ALA B 173 -17.45 17.85 5.60
C ALA B 173 -17.96 17.72 4.15
N LEU B 174 -19.14 18.26 3.85
CA LEU B 174 -19.67 18.17 2.51
C LEU B 174 -18.79 18.94 1.54
N GLU B 175 -18.39 20.14 1.93
CA GLU B 175 -17.66 21.06 1.05
C GLU B 175 -16.29 20.49 0.67
N TYR B 176 -15.60 19.81 1.61
CA TYR B 176 -14.22 19.41 1.39
C TYR B 176 -14.07 17.90 1.20
N ALA B 177 -15.17 17.14 1.27
CA ALA B 177 -15.10 15.69 1.03
C ALA B 177 -14.41 15.38 -0.30
N PRO B 178 -14.68 16.11 -1.41
CA PRO B 178 -14.04 15.76 -2.69
C PRO B 178 -12.52 15.86 -2.66
N LYS B 179 -11.95 16.60 -1.71
CA LYS B 179 -10.51 16.73 -1.56
C LYS B 179 -9.96 15.73 -0.55
N GLY B 180 -10.80 14.83 -0.06
CA GLY B 180 -10.37 13.79 0.86
C GLY B 180 -10.11 14.30 2.27
N ILE B 181 -10.65 15.46 2.60
CA ILE B 181 -10.55 16.03 3.93
C ILE B 181 -11.80 15.59 4.70
N ARG B 182 -11.61 14.95 5.84
CA ARG B 182 -12.74 14.52 6.66
C ARG B 182 -12.91 15.49 7.83
N VAL B 183 -14.17 15.73 8.21
CA VAL B 183 -14.51 16.63 9.32
C VAL B 183 -15.62 15.97 10.11
N ASN B 184 -15.38 15.78 11.41
CA ASN B 184 -16.32 15.06 12.26
C ASN B 184 -16.40 15.73 13.64
N ASN B 185 -17.51 15.50 14.33
CA ASN B 185 -17.67 15.88 15.72
C ASN B 185 -17.60 14.66 16.62
N ILE B 186 -17.11 14.89 17.84
CA ILE B 186 -17.32 13.98 18.95
C ILE B 186 -18.34 14.62 19.89
N GLY B 187 -19.27 13.80 20.41
CA GLY B 187 -20.28 14.27 21.32
C GLY B 187 -20.22 13.56 22.67
N PRO B 188 -19.38 14.05 23.61
CA PRO B 188 -19.31 13.46 24.94
C PRO B 188 -20.55 13.75 25.75
N GLY B 189 -20.90 12.77 26.60
CA GLY B 189 -21.83 13.00 27.69
C GLY B 189 -21.08 13.58 28.89
N ALA B 190 -21.46 13.14 30.09
CA ALA B 190 -20.77 13.59 31.30
C ALA B 190 -19.45 12.84 31.45
N ILE B 191 -18.36 13.60 31.50
CA ILE B 191 -17.01 13.07 31.60
C ILE B 191 -16.33 13.69 32.81
N ASN B 192 -15.60 12.84 33.51
CA ASN B 192 -14.93 13.18 34.75
C ASN B 192 -13.62 13.90 34.45
N THR B 193 -13.71 15.13 33.97
CA THR B 193 -12.56 16.00 33.84
C THR B 193 -12.41 16.80 35.12
N THR B 194 -11.22 17.39 35.31
CA THR B 194 -10.91 18.12 36.53
C THR B 194 -11.90 19.29 36.73
N ILE B 195 -12.36 19.93 35.64
CA ILE B 195 -13.28 21.05 35.77
C ILE B 195 -14.57 20.62 36.48
N ASN B 196 -14.93 19.32 36.39
CA ASN B 196 -16.17 18.80 36.96
C ASN B 196 -15.98 18.21 38.35
N ALA B 197 -14.74 18.26 38.88
CA ALA B 197 -14.42 17.52 40.09
C ALA B 197 -15.20 18.08 41.27
N GLU B 198 -15.42 19.40 41.31
CA GLU B 198 -16.20 20.02 42.36
C GLU B 198 -17.61 19.44 42.39
N LYS B 199 -18.30 19.53 41.25
CA LYS B 199 -19.66 19.06 41.13
C LYS B 199 -19.76 17.61 41.60
N PHE B 200 -18.87 16.75 41.08
CA PHE B 200 -18.98 15.32 41.32
C PHE B 200 -18.40 14.94 42.69
N ALA B 201 -17.78 15.89 43.41
CA ALA B 201 -17.35 15.69 44.78
C ALA B 201 -18.55 15.64 45.71
N ASP B 202 -19.60 16.39 45.38
CA ASP B 202 -20.87 16.32 46.07
C ASP B 202 -21.58 15.02 45.72
N PRO B 203 -21.67 14.01 46.63
CA PRO B 203 -22.22 12.70 46.29
C PRO B 203 -23.65 12.74 45.75
N LYS B 204 -24.42 13.75 46.15
CA LYS B 204 -25.78 13.87 45.68
C LYS B 204 -25.81 14.26 44.20
N GLN B 205 -24.97 15.24 43.83
CA GLN B 205 -24.90 15.68 42.44
C GLN B 205 -24.30 14.57 41.58
N LYS B 206 -23.30 13.84 42.09
CA LYS B 206 -22.73 12.73 41.38
C LYS B 206 -23.81 11.68 41.09
N ALA B 207 -24.63 11.35 42.10
CA ALA B 207 -25.67 10.33 41.96
C ALA B 207 -26.76 10.81 40.99
N ASP B 208 -27.10 12.09 41.04
CA ASP B 208 -28.09 12.66 40.15
C ASP B 208 -27.62 12.55 38.69
N VAL B 209 -26.37 12.91 38.43
CA VAL B 209 -25.83 12.82 37.07
C VAL B 209 -25.80 11.35 36.64
N GLU B 210 -25.39 10.45 37.53
CA GLU B 210 -25.33 9.03 37.19
C GLU B 210 -26.71 8.48 36.84
N SER B 211 -27.76 9.02 37.47
CA SER B 211 -29.12 8.59 37.22
C SER B 211 -29.60 8.98 35.81
N MET B 212 -28.89 9.89 35.14
CA MET B 212 -29.24 10.31 33.80
C MET B 212 -28.38 9.59 32.74
N ILE B 213 -27.53 8.67 33.19
CA ILE B 213 -26.64 7.94 32.30
C ILE B 213 -27.06 6.48 32.31
N PRO B 214 -27.65 5.97 31.21
CA PRO B 214 -28.09 4.57 31.20
C PRO B 214 -27.00 3.55 31.59
N MET B 215 -25.75 3.76 31.15
CA MET B 215 -24.69 2.84 31.50
C MET B 215 -24.29 2.97 32.98
N GLY B 216 -24.74 4.02 33.66
CA GLY B 216 -24.70 4.12 35.11
C GLY B 216 -23.41 4.71 35.67
N TYR B 217 -22.50 5.18 34.82
CA TYR B 217 -21.25 5.75 35.30
C TYR B 217 -20.88 6.97 34.45
N ILE B 218 -20.18 7.91 35.08
CA ILE B 218 -19.59 9.06 34.42
C ILE B 218 -18.35 8.61 33.69
N GLY B 219 -18.21 9.00 32.41
CA GLY B 219 -17.11 8.53 31.61
C GLY B 219 -15.77 9.14 32.06
N GLU B 220 -14.68 8.51 31.63
CA GLU B 220 -13.34 9.00 31.89
C GLU B 220 -12.81 9.66 30.61
N PRO B 221 -11.91 10.64 30.75
CA PRO B 221 -11.37 11.35 29.59
C PRO B 221 -10.76 10.43 28.52
N GLU B 222 -10.17 9.31 28.95
CA GLU B 222 -9.54 8.37 28.04
C GLU B 222 -10.56 7.76 27.09
N GLU B 223 -11.83 7.67 27.52
CA GLU B 223 -12.89 7.08 26.70
C GLU B 223 -13.26 8.02 25.56
N ILE B 224 -12.99 9.33 25.73
CA ILE B 224 -13.19 10.31 24.66
C ILE B 224 -11.96 10.36 23.78
N ALA B 225 -10.77 10.34 24.40
CA ALA B 225 -9.54 10.32 23.62
C ALA B 225 -9.52 9.11 22.67
N ALA B 226 -10.10 7.98 23.08
CA ALA B 226 -10.16 6.79 22.23
C ALA B 226 -10.92 7.09 20.94
N VAL B 227 -12.00 7.86 21.07
CA VAL B 227 -12.82 8.20 19.92
C VAL B 227 -12.04 9.10 18.97
N ALA B 228 -11.31 10.07 19.51
CA ALA B 228 -10.52 11.01 18.71
C ALA B 228 -9.45 10.27 17.92
N ALA B 229 -8.76 9.33 18.58
CA ALA B 229 -7.69 8.60 17.91
C ALA B 229 -8.27 7.81 16.74
N TRP B 230 -9.42 7.16 16.95
CA TRP B 230 -10.03 6.35 15.90
C TRP B 230 -10.46 7.22 14.72
N LEU B 231 -11.20 8.31 15.00
CA LEU B 231 -11.71 9.16 13.94
C LEU B 231 -10.60 9.74 13.09
N ALA B 232 -9.46 10.07 13.72
CA ALA B 232 -8.33 10.68 13.03
C ALA B 232 -7.60 9.66 12.17
N SER B 233 -7.74 8.38 12.48
CA SER B 233 -7.00 7.30 11.82
C SER B 233 -7.64 6.91 10.50
N LYS B 234 -6.89 6.15 9.70
CA LYS B 234 -7.41 5.66 8.44
C LYS B 234 -8.43 4.53 8.64
N GLU B 235 -8.58 3.99 9.87
CA GLU B 235 -9.68 3.08 10.15
C GLU B 235 -11.02 3.72 9.83
N ALA B 236 -11.12 5.04 10.08
CA ALA B 236 -12.34 5.80 9.83
C ALA B 236 -12.29 6.48 8.45
N SER B 237 -11.66 5.81 7.47
CA SER B 237 -11.43 6.40 6.14
C SER B 237 -12.72 6.81 5.45
N TYR B 238 -13.85 6.12 5.67
CA TYR B 238 -15.08 6.41 4.94
C TYR B 238 -16.07 7.22 5.80
N VAL B 239 -15.58 7.76 6.93
CA VAL B 239 -16.45 8.40 7.92
C VAL B 239 -16.24 9.91 7.89
N THR B 240 -17.25 10.67 7.47
CA THR B 240 -17.13 12.12 7.49
C THR B 240 -18.52 12.74 7.73
N GLY B 241 -18.49 13.87 8.41
CA GLY B 241 -19.67 14.66 8.70
C GLY B 241 -20.54 14.09 9.82
N ILE B 242 -20.00 13.14 10.59
CA ILE B 242 -20.80 12.52 11.65
C ILE B 242 -20.56 13.26 12.95
N THR B 243 -21.46 12.99 13.90
CA THR B 243 -21.16 13.19 15.30
C THR B 243 -21.16 11.82 15.97
N LEU B 244 -20.02 11.46 16.56
CA LEU B 244 -19.91 10.20 17.26
C LEU B 244 -20.15 10.47 18.74
N PHE B 245 -21.35 10.08 19.20
CA PHE B 245 -21.69 10.29 20.60
C PHE B 245 -21.04 9.23 21.47
N ALA B 246 -20.43 9.69 22.56
CA ALA B 246 -19.83 8.79 23.56
C ALA B 246 -20.33 9.27 24.91
N ASP B 247 -21.49 8.74 25.32
CA ASP B 247 -22.28 9.38 26.34
C ASP B 247 -22.95 8.38 27.29
N GLY B 248 -22.55 7.10 27.26
CA GLY B 248 -23.15 6.08 28.11
C GLY B 248 -24.67 5.97 27.92
N GLY B 249 -25.18 6.48 26.78
CA GLY B 249 -26.60 6.40 26.48
C GLY B 249 -27.44 7.65 26.80
N MET B 250 -26.83 8.77 27.18
CA MET B 250 -27.59 9.97 27.52
C MET B 250 -28.58 10.38 26.41
N THR B 251 -28.14 10.31 25.15
CA THR B 251 -28.99 10.74 24.04
C THR B 251 -30.16 9.80 23.79
N LEU B 252 -30.25 8.68 24.52
CA LEU B 252 -31.37 7.74 24.37
C LEU B 252 -32.57 8.06 25.28
N TYR B 253 -32.59 9.22 25.95
CA TYR B 253 -33.72 9.70 26.74
C TYR B 253 -33.84 8.91 28.03
N PRO B 254 -32.99 9.20 29.03
CA PRO B 254 -32.93 8.36 30.23
C PRO B 254 -34.21 8.36 31.07
N SER B 255 -35.06 9.38 30.91
CA SER B 255 -36.32 9.38 31.65
C SER B 255 -37.23 8.23 31.20
N PHE B 256 -36.97 7.61 30.05
CA PHE B 256 -37.86 6.59 29.52
C PHE B 256 -37.41 5.16 29.81
N GLN B 257 -36.41 4.99 30.66
CA GLN B 257 -36.06 3.68 31.18
C GLN B 257 -37.28 3.01 31.83
N ALA B 258 -37.30 1.67 31.80
CA ALA B 258 -38.35 0.87 32.38
C ALA B 258 -38.50 1.12 33.88
N GLY B 259 -37.37 1.18 34.61
CA GLY B 259 -37.40 1.35 36.07
C GLY B 259 -36.85 2.70 36.55
N MET C 1 -63.15 25.72 10.09
CA MET C 1 -61.90 26.52 10.19
C MET C 1 -61.16 26.51 8.86
N TYR C 2 -61.07 25.33 8.23
CA TYR C 2 -60.34 25.15 6.98
C TYR C 2 -61.33 24.96 5.85
N PRO C 3 -61.66 26.02 5.10
CA PRO C 3 -62.76 25.91 4.13
C PRO C 3 -62.54 24.88 3.04
N ASP C 4 -61.28 24.60 2.70
CA ASP C 4 -60.95 23.65 1.65
C ASP C 4 -61.25 22.21 2.08
N LEU C 5 -61.48 21.95 3.38
CA LEU C 5 -61.77 20.59 3.81
C LEU C 5 -63.24 20.24 3.55
N LYS C 6 -64.08 21.25 3.35
CA LYS C 6 -65.50 20.99 3.18
C LYS C 6 -65.72 20.09 1.97
N GLY C 7 -66.41 18.96 2.21
CA GLY C 7 -66.73 18.04 1.13
C GLY C 7 -65.60 17.07 0.79
N LYS C 8 -64.42 17.22 1.42
CA LYS C 8 -63.35 16.27 1.20
C LYS C 8 -63.70 14.93 1.85
N VAL C 9 -63.26 13.83 1.22
CA VAL C 9 -63.50 12.49 1.75
C VAL C 9 -62.26 12.00 2.49
N VAL C 10 -62.45 11.69 3.77
CA VAL C 10 -61.35 11.26 4.63
C VAL C 10 -61.71 9.90 5.22
N ALA C 11 -60.81 8.94 5.08
CA ALA C 11 -60.95 7.64 5.71
C ALA C 11 -59.93 7.54 6.86
N ILE C 12 -60.40 7.00 7.98
CA ILE C 12 -59.62 6.97 9.20
C ILE C 12 -59.68 5.55 9.78
N THR C 13 -58.51 4.93 9.98
CA THR C 13 -58.48 3.64 10.63
C THR C 13 -58.41 3.84 12.15
N GLY C 14 -58.94 2.85 12.89
CA GLY C 14 -59.01 2.95 14.33
C GLY C 14 -59.90 4.11 14.80
N ALA C 15 -60.98 4.38 14.04
CA ALA C 15 -61.74 5.61 14.22
C ALA C 15 -62.90 5.45 15.21
N ALA C 16 -63.06 4.28 15.83
CA ALA C 16 -64.14 4.09 16.78
C ALA C 16 -63.73 4.50 18.19
N SER C 17 -62.47 4.85 18.42
CA SER C 17 -62.00 5.18 19.76
C SER C 17 -60.89 6.22 19.68
N GLY C 18 -60.62 6.86 20.81
CA GLY C 18 -59.38 7.59 21.02
C GLY C 18 -59.11 8.65 19.95
N LEU C 19 -57.85 8.69 19.46
CA LEU C 19 -57.45 9.73 18.54
C LEU C 19 -58.22 9.65 17.24
N GLY C 20 -58.49 8.42 16.76
CA GLY C 20 -59.18 8.23 15.50
C GLY C 20 -60.59 8.81 15.54
N LYS C 21 -61.26 8.56 16.67
CA LYS C 21 -62.59 9.12 16.90
C LYS C 21 -62.54 10.65 16.98
N ALA C 22 -61.56 11.19 17.70
CA ALA C 22 -61.45 12.64 17.82
C ALA C 22 -61.20 13.26 16.45
N MET C 23 -60.36 12.59 15.62
CA MET C 23 -60.09 13.11 14.29
C MET C 23 -61.37 13.05 13.44
N ALA C 24 -62.11 11.94 13.52
CA ALA C 24 -63.36 11.82 12.76
C ALA C 24 -64.28 13.00 13.07
N ILE C 25 -64.46 13.28 14.37
CA ILE C 25 -65.36 14.33 14.82
C ILE C 25 -64.86 15.70 14.35
N ARG C 26 -63.54 15.95 14.46
CA ARG C 26 -63.01 17.22 14.02
C ARG C 26 -63.20 17.40 12.51
N PHE C 27 -62.96 16.33 11.72
CA PHE C 27 -63.20 16.43 10.29
C PHE C 27 -64.69 16.69 9.99
N GLY C 28 -65.57 16.17 10.85
CA GLY C 28 -66.99 16.50 10.75
C GLY C 28 -67.25 18.00 10.94
N LYS C 29 -66.56 18.60 11.92
N LYS C 29 -66.56 18.60 11.92
CA LYS C 29 -66.67 20.03 12.16
CA LYS C 29 -66.67 20.03 12.16
C LYS C 29 -66.20 20.81 10.94
C LYS C 29 -66.20 20.81 10.94
N GLU C 30 -65.23 20.24 10.20
CA GLU C 30 -64.73 20.86 8.98
C GLU C 30 -65.60 20.52 7.77
N GLN C 31 -66.71 19.81 8.00
CA GLN C 31 -67.73 19.52 6.99
C GLN C 31 -67.19 18.56 5.94
N ALA C 32 -66.32 17.63 6.40
CA ALA C 32 -65.82 16.60 5.52
C ALA C 32 -66.78 15.40 5.53
N LYS C 33 -66.50 14.47 4.62
CA LYS C 33 -67.21 13.19 4.55
C LYS C 33 -66.28 12.10 5.05
N VAL C 34 -66.65 11.46 6.16
CA VAL C 34 -65.74 10.62 6.92
C VAL C 34 -66.11 9.15 6.78
N VAL C 35 -65.11 8.32 6.41
CA VAL C 35 -65.24 6.87 6.49
C VAL C 35 -64.61 6.42 7.80
N ILE C 36 -65.45 5.92 8.71
CA ILE C 36 -65.06 5.48 10.03
C ILE C 36 -64.77 3.99 9.99
N ASN C 37 -63.48 3.62 9.95
CA ASN C 37 -63.10 2.23 10.06
C ASN C 37 -63.08 1.86 11.55
N TYR C 38 -63.65 0.70 11.87
CA TYR C 38 -63.63 0.17 13.21
C TYR C 38 -63.24 -1.30 13.16
N TYR C 39 -62.81 -1.81 14.31
CA TYR C 39 -62.17 -3.10 14.40
C TYR C 39 -63.13 -4.20 14.81
N SER C 40 -63.92 -3.92 15.86
CA SER C 40 -64.69 -4.94 16.51
C SER C 40 -66.13 -4.45 16.73
N ASN C 41 -67.08 -5.40 16.66
CA ASN C 41 -68.47 -5.07 16.84
C ASN C 41 -68.77 -4.74 18.31
N LYS C 42 -67.83 -4.98 19.24
CA LYS C 42 -67.98 -4.54 20.61
C LYS C 42 -67.85 -3.01 20.71
N GLN C 43 -67.24 -2.37 19.71
CA GLN C 43 -67.04 -0.93 19.74
C GLN C 43 -68.35 -0.29 19.29
N ASP C 44 -68.44 1.03 19.38
CA ASP C 44 -69.68 1.71 19.07
C ASP C 44 -69.40 2.70 17.95
N PRO C 45 -69.09 2.23 16.72
CA PRO C 45 -68.82 3.15 15.63
C PRO C 45 -70.01 4.04 15.28
N ASN C 46 -71.24 3.56 15.50
N ASN C 46 -71.24 3.56 15.50
CA ASN C 46 -72.40 4.36 15.12
CA ASN C 46 -72.41 4.35 15.13
C ASN C 46 -72.48 5.64 15.95
C ASN C 46 -72.47 5.64 15.96
N GLU C 47 -72.00 5.57 17.20
CA GLU C 47 -71.96 6.76 18.04
C GLU C 47 -71.02 7.81 17.43
N VAL C 48 -69.87 7.34 16.90
CA VAL C 48 -68.93 8.26 16.25
C VAL C 48 -69.58 8.87 15.03
N LYS C 49 -70.25 8.01 14.24
CA LYS C 49 -70.96 8.44 13.05
C LYS C 49 -71.91 9.58 13.39
N GLU C 50 -72.68 9.42 14.46
CA GLU C 50 -73.68 10.42 14.81
C GLU C 50 -72.99 11.72 15.24
N GLU C 51 -71.87 11.62 15.96
CA GLU C 51 -71.15 12.82 16.39
C GLU C 51 -70.56 13.54 15.18
N VAL C 52 -70.07 12.80 14.18
CA VAL C 52 -69.55 13.42 12.97
C VAL C 52 -70.66 14.22 12.26
N ILE C 53 -71.83 13.59 12.13
CA ILE C 53 -72.94 14.22 11.44
C ILE C 53 -73.41 15.45 12.23
N LYS C 54 -73.53 15.31 13.55
CA LYS C 54 -73.95 16.41 14.39
C LYS C 54 -72.97 17.58 14.31
N ALA C 55 -71.67 17.29 14.14
CA ALA C 55 -70.65 18.34 14.06
C ALA C 55 -70.71 19.07 12.72
N GLY C 56 -71.35 18.49 11.70
CA GLY C 56 -71.55 19.16 10.42
C GLY C 56 -71.05 18.35 9.21
N GLY C 57 -70.67 17.10 9.42
CA GLY C 57 -70.14 16.30 8.33
C GLY C 57 -71.11 15.21 7.86
N GLU C 58 -70.59 14.32 7.01
CA GLU C 58 -71.27 13.09 6.65
C GLU C 58 -70.34 11.95 7.08
N ALA C 59 -70.92 10.77 7.31
CA ALA C 59 -70.14 9.65 7.83
C ALA C 59 -70.78 8.32 7.46
N VAL C 60 -69.92 7.33 7.18
CA VAL C 60 -70.30 5.93 7.07
C VAL C 60 -69.31 5.13 7.92
N VAL C 61 -69.73 3.93 8.33
CA VAL C 61 -68.87 3.08 9.14
C VAL C 61 -68.51 1.83 8.33
N VAL C 62 -67.31 1.28 8.55
CA VAL C 62 -66.92 0.05 7.88
C VAL C 62 -65.97 -0.73 8.79
N GLN C 63 -66.33 -2.01 9.03
CA GLN C 63 -65.48 -2.87 9.83
C GLN C 63 -64.29 -3.29 8.99
N GLY C 64 -63.12 -3.43 9.62
CA GLY C 64 -61.94 -3.86 8.90
C GLY C 64 -60.73 -4.00 9.81
N ASP C 65 -59.96 -5.07 9.58
CA ASP C 65 -58.73 -5.38 10.27
C ASP C 65 -57.58 -4.97 9.36
N VAL C 66 -56.75 -4.02 9.82
CA VAL C 66 -55.71 -3.48 8.94
C VAL C 66 -54.56 -4.46 8.72
N THR C 67 -54.56 -5.60 9.42
CA THR C 67 -53.60 -6.66 9.11
C THR C 67 -54.11 -7.57 7.99
N LYS C 68 -55.28 -7.29 7.43
CA LYS C 68 -55.81 -8.05 6.31
C LYS C 68 -55.87 -7.13 5.09
N GLU C 69 -55.07 -7.46 4.10
CA GLU C 69 -54.98 -6.71 2.87
C GLU C 69 -56.36 -6.42 2.27
N GLU C 70 -57.25 -7.43 2.26
CA GLU C 70 -58.55 -7.26 1.62
C GLU C 70 -59.41 -6.26 2.39
N ASP C 71 -59.27 -6.23 3.72
CA ASP C 71 -60.02 -5.29 4.55
C ASP C 71 -59.55 -3.86 4.30
N VAL C 72 -58.24 -3.67 4.12
CA VAL C 72 -57.72 -2.34 3.84
C VAL C 72 -58.25 -1.86 2.48
N LYS C 73 -58.21 -2.72 1.47
CA LYS C 73 -58.75 -2.36 0.16
C LYS C 73 -60.22 -1.98 0.28
N ASN C 74 -60.96 -2.68 1.13
CA ASN C 74 -62.38 -2.45 1.31
C ASN C 74 -62.67 -1.13 2.02
N ILE C 75 -61.74 -0.66 2.89
CA ILE C 75 -61.89 0.66 3.48
C ILE C 75 -61.89 1.72 2.38
N VAL C 76 -60.92 1.63 1.48
CA VAL C 76 -60.81 2.60 0.41
C VAL C 76 -62.02 2.48 -0.52
N GLN C 77 -62.44 1.25 -0.85
CA GLN C 77 -63.60 1.05 -1.71
C GLN C 77 -64.87 1.62 -1.08
N THR C 78 -64.96 1.55 0.26
CA THR C 78 -66.10 2.14 0.95
C THR C 78 -66.17 3.65 0.70
N ALA C 79 -65.02 4.34 0.75
CA ALA C 79 -65.00 5.76 0.43
C ALA C 79 -65.53 6.02 -0.97
N ILE C 80 -65.04 5.23 -1.94
CA ILE C 80 -65.36 5.42 -3.34
C ILE C 80 -66.85 5.17 -3.55
N LYS C 81 -67.37 4.07 -2.98
CA LYS C 81 -68.75 3.67 -3.18
C LYS C 81 -69.71 4.64 -2.48
N GLU C 82 -69.39 5.07 -1.25
CA GLU C 82 -70.32 5.88 -0.50
C GLU C 82 -70.24 7.35 -0.92
N PHE C 83 -69.04 7.86 -1.24
CA PHE C 83 -68.86 9.29 -1.39
C PHE C 83 -68.30 9.67 -2.76
N GLY C 84 -67.86 8.70 -3.57
CA GLY C 84 -67.49 8.97 -4.94
C GLY C 84 -65.98 9.13 -5.15
N THR C 85 -65.20 9.29 -4.07
CA THR C 85 -63.79 9.59 -4.20
C THR C 85 -63.12 9.37 -2.84
N LEU C 86 -61.80 9.56 -2.79
CA LEU C 86 -61.03 9.62 -1.56
C LEU C 86 -60.04 10.76 -1.67
N ASP C 87 -59.92 11.58 -0.62
CA ASP C 87 -59.03 12.74 -0.64
C ASP C 87 -57.92 12.63 0.42
N ILE C 88 -58.26 12.06 1.59
CA ILE C 88 -57.35 12.02 2.73
C ILE C 88 -57.42 10.61 3.35
N MET C 89 -56.26 9.99 3.61
CA MET C 89 -56.20 8.70 4.28
C MET C 89 -55.43 8.87 5.58
N ILE C 90 -56.04 8.46 6.69
CA ILE C 90 -55.41 8.56 8.00
C ILE C 90 -55.23 7.16 8.57
N ASN C 91 -53.98 6.68 8.62
CA ASN C 91 -53.66 5.39 9.20
C ASN C 91 -53.32 5.56 10.67
N ASN C 92 -54.29 5.21 11.52
CA ASN C 92 -54.24 5.54 12.93
C ASN C 92 -54.29 4.29 13.81
N ALA C 93 -54.84 3.18 13.32
CA ALA C 93 -54.87 1.96 14.11
C ALA C 93 -53.49 1.63 14.68
N GLY C 94 -53.49 1.14 15.92
CA GLY C 94 -52.26 0.75 16.57
C GLY C 94 -52.49 0.17 17.95
N LEU C 95 -51.49 -0.53 18.47
CA LEU C 95 -51.53 -1.09 19.81
C LEU C 95 -50.11 -1.31 20.34
N GLU C 96 -50.03 -1.62 21.65
CA GLU C 96 -48.76 -1.83 22.32
C GLU C 96 -49.01 -2.71 23.55
N ASN C 97 -47.96 -3.40 24.01
CA ASN C 97 -48.02 -4.13 25.26
C ASN C 97 -46.59 -4.25 25.79
N PRO C 98 -46.35 -4.13 27.11
CA PRO C 98 -44.98 -4.19 27.64
C PRO C 98 -44.45 -5.60 27.89
N VAL C 99 -43.23 -5.87 27.42
CA VAL C 99 -42.51 -7.09 27.73
C VAL C 99 -41.03 -6.77 27.68
N PRO C 100 -40.21 -7.23 28.66
CA PRO C 100 -38.76 -7.13 28.52
C PRO C 100 -38.33 -7.68 27.16
N SER C 101 -37.44 -6.95 26.47
CA SER C 101 -37.12 -7.27 25.10
C SER C 101 -36.55 -8.68 24.95
N HIS C 102 -35.69 -9.11 25.87
CA HIS C 102 -35.07 -10.42 25.79
C HIS C 102 -36.09 -11.54 26.06
N GLU C 103 -37.27 -11.18 26.54
CA GLU C 103 -38.35 -12.13 26.76
C GLU C 103 -39.51 -11.94 25.78
N MET C 104 -39.38 -11.02 24.83
N MET C 104 -39.38 -11.02 24.83
CA MET C 104 -40.52 -10.65 23.99
CA MET C 104 -40.51 -10.66 23.99
C MET C 104 -40.87 -11.82 23.06
C MET C 104 -40.87 -11.82 23.06
N PRO C 105 -42.08 -12.39 23.16
CA PRO C 105 -42.49 -13.44 22.23
C PRO C 105 -42.66 -12.88 20.82
N LEU C 106 -42.38 -13.74 19.86
CA LEU C 106 -42.50 -13.39 18.47
C LEU C 106 -43.94 -13.01 18.13
N LYS C 107 -44.92 -13.65 18.79
CA LYS C 107 -46.32 -13.30 18.53
C LYS C 107 -46.59 -11.83 18.84
N ASP C 108 -46.02 -11.31 19.94
CA ASP C 108 -46.25 -9.93 20.33
C ASP C 108 -45.54 -8.98 19.37
N TRP C 109 -44.31 -9.31 19.02
CA TRP C 109 -43.55 -8.55 18.03
C TRP C 109 -44.34 -8.46 16.71
N ASP C 110 -44.79 -9.62 16.23
CA ASP C 110 -45.47 -9.70 14.95
C ASP C 110 -46.77 -8.92 14.95
N LYS C 111 -47.53 -8.97 16.06
CA LYS C 111 -48.81 -8.30 16.11
C LYS C 111 -48.61 -6.79 16.05
N VAL C 112 -47.61 -6.28 16.78
CA VAL C 112 -47.40 -4.84 16.83
C VAL C 112 -46.80 -4.34 15.51
N ILE C 113 -45.79 -5.02 14.96
CA ILE C 113 -45.27 -4.65 13.65
C ILE C 113 -46.38 -4.70 12.60
N GLY C 114 -47.17 -5.80 12.64
CA GLY C 114 -48.19 -6.00 11.62
C GLY C 114 -49.28 -4.93 11.64
N THR C 115 -49.74 -4.58 12.84
CA THR C 115 -50.82 -3.62 12.97
C THR C 115 -50.29 -2.21 12.74
N ASN C 116 -49.19 -1.87 13.44
CA ASN C 116 -48.78 -0.47 13.53
C ASN C 116 -48.01 -0.03 12.29
N LEU C 117 -47.22 -0.91 11.69
CA LEU C 117 -46.36 -0.53 10.58
C LEU C 117 -46.92 -1.08 9.27
N THR C 118 -47.06 -2.41 9.16
CA THR C 118 -47.57 -2.99 7.93
C THR C 118 -48.98 -2.48 7.61
N GLY C 119 -49.82 -2.33 8.63
CA GLY C 119 -51.17 -1.80 8.43
C GLY C 119 -51.15 -0.39 7.82
N ALA C 120 -50.23 0.45 8.31
CA ALA C 120 -50.11 1.80 7.76
C ALA C 120 -49.54 1.76 6.35
N PHE C 121 -48.63 0.84 6.07
CA PHE C 121 -48.13 0.63 4.72
C PHE C 121 -49.28 0.30 3.77
N LEU C 122 -50.11 -0.68 4.16
CA LEU C 122 -51.21 -1.11 3.30
C LEU C 122 -52.19 0.04 3.03
N GLY C 123 -52.56 0.77 4.08
CA GLY C 123 -53.48 1.90 3.91
C GLY C 123 -52.91 3.00 3.03
N SER C 124 -51.61 3.31 3.26
CA SER C 124 -50.92 4.29 2.45
C SER C 124 -50.88 3.84 0.99
N ARG C 125 -50.53 2.57 0.78
CA ARG C 125 -50.40 2.01 -0.55
C ARG C 125 -51.73 2.14 -1.30
N GLU C 126 -52.81 1.71 -0.65
CA GLU C 126 -54.11 1.67 -1.33
C GLU C 126 -54.62 3.08 -1.62
N ALA C 127 -54.42 4.02 -0.67
CA ALA C 127 -54.85 5.39 -0.89
C ALA C 127 -54.06 6.04 -2.02
N ILE C 128 -52.73 5.88 -2.00
CA ILE C 128 -51.89 6.50 -3.01
C ILE C 128 -52.20 5.90 -4.39
N LYS C 129 -52.42 4.59 -4.44
CA LYS C 129 -52.79 3.94 -5.70
C LYS C 129 -54.01 4.64 -6.29
N TYR C 130 -55.01 4.87 -5.47
CA TYR C 130 -56.23 5.53 -5.92
C TYR C 130 -55.94 6.97 -6.37
N PHE C 131 -55.12 7.70 -5.59
CA PHE C 131 -54.78 9.06 -5.97
C PHE C 131 -54.04 9.13 -7.30
N VAL C 132 -53.10 8.22 -7.51
CA VAL C 132 -52.28 8.22 -8.71
C VAL C 132 -53.16 7.87 -9.92
N GLU C 133 -54.06 6.91 -9.75
CA GLU C 133 -54.90 6.44 -10.85
C GLU C 133 -55.91 7.52 -11.28
N ASN C 134 -56.27 8.43 -10.38
CA ASN C 134 -57.33 9.39 -10.62
C ASN C 134 -56.83 10.84 -10.62
N ASP C 135 -55.49 11.03 -10.64
CA ASP C 135 -54.86 12.35 -10.58
C ASP C 135 -55.45 13.20 -9.47
N ILE C 136 -55.57 12.64 -8.26
CA ILE C 136 -56.00 13.39 -7.10
C ILE C 136 -54.75 13.81 -6.32
N LYS C 137 -54.71 15.10 -5.92
CA LYS C 137 -53.64 15.61 -5.10
C LYS C 137 -54.00 15.31 -3.65
N GLY C 138 -53.96 14.03 -3.33
CA GLY C 138 -54.43 13.53 -2.04
C GLY C 138 -53.39 13.71 -0.95
N ASN C 139 -53.76 13.24 0.24
CA ASN C 139 -53.07 13.51 1.48
C ASN C 139 -53.09 12.22 2.30
N VAL C 140 -51.96 11.80 2.87
CA VAL C 140 -51.91 10.69 3.80
C VAL C 140 -51.33 11.21 5.12
N ILE C 141 -51.99 10.84 6.22
CA ILE C 141 -51.48 11.13 7.55
C ILE C 141 -51.31 9.81 8.27
N ASN C 142 -50.09 9.55 8.74
CA ASN C 142 -49.79 8.34 9.50
C ASN C 142 -49.60 8.72 10.97
N MET C 143 -50.33 8.03 11.85
CA MET C 143 -50.25 8.32 13.26
C MET C 143 -49.05 7.59 13.85
N SER C 144 -48.03 8.37 14.20
CA SER C 144 -46.81 7.83 14.78
C SER C 144 -46.85 8.05 16.28
N SER C 145 -45.74 8.50 16.85
CA SER C 145 -45.54 8.63 18.29
C SER C 145 -44.24 9.39 18.50
N VAL C 146 -44.08 9.98 19.70
CA VAL C 146 -42.77 10.39 20.14
C VAL C 146 -41.78 9.24 20.02
N HIS C 147 -42.26 7.98 20.09
CA HIS C 147 -41.39 6.82 20.06
C HIS C 147 -40.92 6.45 18.65
N GLU C 148 -41.13 7.31 17.64
CA GLU C 148 -40.32 7.22 16.45
C GLU C 148 -38.94 7.85 16.63
N VAL C 149 -38.72 8.58 17.74
N VAL C 149 -38.72 8.58 17.74
CA VAL C 149 -37.41 9.09 18.08
CA VAL C 149 -37.42 9.13 18.08
C VAL C 149 -37.01 8.69 19.50
C VAL C 149 -37.01 8.69 19.50
N ILE C 150 -37.96 8.67 20.44
CA ILE C 150 -37.67 8.31 21.82
C ILE C 150 -37.69 6.78 21.97
N PRO C 151 -36.57 6.15 22.37
CA PRO C 151 -36.54 4.72 22.63
C PRO C 151 -37.54 4.34 23.72
N TRP C 152 -37.97 3.07 23.75
CA TRP C 152 -39.03 2.70 24.67
C TRP C 152 -38.80 1.29 25.20
N PRO C 153 -37.94 1.14 26.24
CA PRO C 153 -37.74 -0.16 26.88
C PRO C 153 -39.10 -0.76 27.28
N LEU C 154 -39.19 -2.08 27.09
CA LEU C 154 -40.39 -2.91 27.28
C LEU C 154 -41.32 -2.82 26.08
N PHE C 155 -41.05 -1.89 25.14
CA PHE C 155 -41.92 -1.71 23.99
C PHE C 155 -41.06 -1.66 22.74
N VAL C 156 -40.11 -2.57 22.60
CA VAL C 156 -39.17 -2.54 21.49
C VAL C 156 -39.93 -2.72 20.16
N HIS C 157 -40.99 -3.53 20.16
CA HIS C 157 -41.84 -3.70 18.99
C HIS C 157 -42.51 -2.40 18.56
N TYR C 158 -43.05 -1.67 19.53
CA TYR C 158 -43.74 -0.44 19.24
C TYR C 158 -42.76 0.60 18.70
N ALA C 159 -41.62 0.74 19.38
CA ALA C 159 -40.63 1.71 18.94
C ALA C 159 -40.17 1.39 17.53
N ALA C 160 -39.86 0.11 17.25
CA ALA C 160 -39.47 -0.30 15.92
C ALA C 160 -40.57 0.04 14.92
N SER C 161 -41.84 -0.20 15.29
CA SER C 161 -42.92 0.01 14.36
C SER C 161 -43.02 1.49 13.96
N LYS C 162 -42.79 2.39 14.92
CA LYS C 162 -42.94 3.82 14.64
C LYS C 162 -41.68 4.38 13.98
N GLY C 163 -40.50 3.90 14.37
CA GLY C 163 -39.29 4.24 13.64
C GLY C 163 -39.39 3.82 12.18
N GLY C 164 -39.97 2.64 11.95
CA GLY C 164 -40.22 2.17 10.60
C GLY C 164 -41.24 3.04 9.87
N MET C 165 -42.32 3.40 10.56
CA MET C 165 -43.36 4.25 10.00
C MET C 165 -42.76 5.58 9.54
N LYS C 166 -41.82 6.14 10.31
CA LYS C 166 -41.17 7.38 9.94
C LYS C 166 -40.52 7.26 8.55
N LEU C 167 -39.70 6.21 8.35
CA LEU C 167 -39.00 6.10 7.08
C LEU C 167 -39.95 5.69 5.94
N MET C 168 -41.00 4.96 6.28
CA MET C 168 -42.04 4.64 5.31
C MET C 168 -42.70 5.93 4.81
N THR C 169 -43.14 6.76 5.74
CA THR C 169 -43.74 8.05 5.41
C THR C 169 -42.80 8.90 4.57
N LYS C 170 -41.53 9.03 4.98
CA LYS C 170 -40.63 9.91 4.27
C LYS C 170 -40.40 9.40 2.85
N THR C 171 -40.30 8.07 2.71
CA THR C 171 -40.12 7.48 1.39
C THR C 171 -41.32 7.76 0.49
N LEU C 172 -42.54 7.52 0.99
CA LEU C 172 -43.74 7.77 0.21
C LEU C 172 -43.85 9.27 -0.13
N ALA C 173 -43.54 10.14 0.83
CA ALA C 173 -43.57 11.57 0.58
C ALA C 173 -42.63 11.93 -0.56
N LEU C 174 -41.40 11.45 -0.56
CA LEU C 174 -40.44 11.77 -1.61
C LEU C 174 -40.93 11.21 -2.95
N GLU C 175 -41.41 9.96 -2.92
CA GLU C 175 -41.79 9.25 -4.14
C GLU C 175 -42.99 9.90 -4.84
N TYR C 176 -43.95 10.43 -4.08
CA TYR C 176 -45.21 10.91 -4.64
C TYR C 176 -45.33 12.43 -4.61
N ALA C 177 -44.34 13.14 -4.04
CA ALA C 177 -44.35 14.59 -4.03
C ALA C 177 -44.56 15.16 -5.45
N PRO C 178 -43.93 14.62 -6.52
CA PRO C 178 -44.09 15.18 -7.85
C PRO C 178 -45.53 15.18 -8.37
N LYS C 179 -46.38 14.32 -7.80
CA LYS C 179 -47.78 14.23 -8.17
C LYS C 179 -48.65 15.07 -7.24
N GLY C 180 -48.04 15.86 -6.35
CA GLY C 180 -48.79 16.72 -5.45
C GLY C 180 -49.47 15.96 -4.31
N ILE C 181 -49.05 14.73 -4.04
CA ILE C 181 -49.58 13.95 -2.92
C ILE C 181 -48.67 14.19 -1.72
N ARG C 182 -49.23 14.64 -0.60
CA ARG C 182 -48.43 14.87 0.60
C ARG C 182 -48.63 13.71 1.57
N VAL C 183 -47.55 13.36 2.28
CA VAL C 183 -47.57 12.28 3.27
C VAL C 183 -46.80 12.75 4.48
N ASN C 184 -47.45 12.70 5.65
CA ASN C 184 -46.85 13.23 6.88
C ASN C 184 -47.21 12.32 8.05
N ASN C 185 -46.39 12.40 9.11
CA ASN C 185 -46.68 11.77 10.38
C ASN C 185 -47.10 12.84 11.38
N ILE C 186 -47.96 12.41 12.32
CA ILE C 186 -48.15 13.11 13.58
C ILE C 186 -47.51 12.27 14.68
N GLY C 187 -46.79 12.95 15.59
CA GLY C 187 -46.12 12.28 16.68
C GLY C 187 -46.64 12.73 18.04
N PRO C 188 -47.74 12.11 18.55
CA PRO C 188 -48.27 12.50 19.84
C PRO C 188 -47.37 12.01 20.96
N GLY C 189 -47.35 12.81 22.04
CA GLY C 189 -46.85 12.37 23.31
C GLY C 189 -47.95 11.63 24.06
N ALA C 190 -48.03 11.83 25.38
CA ALA C 190 -49.06 11.18 26.16
C ALA C 190 -50.38 11.92 26.01
N ILE C 191 -51.41 11.20 25.55
CA ILE C 191 -52.72 11.75 25.29
C ILE C 191 -53.76 10.93 26.06
N ASN C 192 -54.74 11.64 26.60
N ASN C 192 -54.74 11.64 26.60
CA ASN C 192 -55.77 11.07 27.46
CA ASN C 192 -55.77 11.07 27.46
C ASN C 192 -56.84 10.38 26.61
C ASN C 192 -56.84 10.39 26.62
N THR C 193 -56.49 9.25 26.02
CA THR C 193 -57.48 8.45 25.29
C THR C 193 -58.03 7.40 26.25
N THR C 194 -59.18 6.82 25.92
CA THR C 194 -59.82 5.85 26.80
C THR C 194 -58.91 4.64 27.03
N ILE C 195 -58.09 4.24 26.05
CA ILE C 195 -57.18 3.10 26.24
C ILE C 195 -56.23 3.35 27.41
N ASN C 196 -55.93 4.63 27.71
CA ASN C 196 -54.99 5.01 28.76
C ASN C 196 -55.67 5.28 30.10
N ALA C 197 -57.01 5.14 30.16
CA ALA C 197 -57.77 5.62 31.29
C ALA C 197 -57.39 4.82 32.55
N GLU C 198 -57.13 3.51 32.39
CA GLU C 198 -56.73 2.68 33.51
C GLU C 198 -55.43 3.22 34.11
N LYS C 199 -54.40 3.34 33.26
CA LYS C 199 -53.10 3.82 33.71
C LYS C 199 -53.25 5.15 34.46
N PHE C 200 -53.95 6.10 33.85
CA PHE C 200 -54.02 7.45 34.40
C PHE C 200 -55.04 7.56 35.53
N ALA C 201 -55.81 6.49 35.78
CA ALA C 201 -56.67 6.42 36.95
C ALA C 201 -55.84 6.24 38.22
N ASP C 202 -54.71 5.53 38.10
CA ASP C 202 -53.74 5.42 39.17
C ASP C 202 -53.01 6.75 39.33
N PRO C 203 -53.26 7.54 40.40
CA PRO C 203 -52.72 8.90 40.52
C PRO C 203 -51.19 8.94 40.49
N LYS C 204 -50.55 7.85 40.92
CA LYS C 204 -49.10 7.80 40.92
C LYS C 204 -48.57 7.75 39.48
N GLN C 205 -49.18 6.88 38.65
CA GLN C 205 -48.74 6.76 37.27
C GLN C 205 -49.09 8.03 36.50
N LYS C 206 -50.24 8.65 36.79
CA LYS C 206 -50.60 9.91 36.17
C LYS C 206 -49.54 10.97 36.47
N ALA C 207 -49.12 11.06 37.76
CA ALA C 207 -48.16 12.07 38.20
C ALA C 207 -46.78 11.80 37.58
N ASP C 208 -46.41 10.52 37.50
CA ASP C 208 -45.13 10.14 36.92
C ASP C 208 -45.07 10.56 35.45
N VAL C 209 -46.14 10.27 34.69
CA VAL C 209 -46.17 10.64 33.28
C VAL C 209 -46.12 12.17 33.16
N GLU C 210 -46.86 12.89 34.01
CA GLU C 210 -46.89 14.34 33.96
C GLU C 210 -45.49 14.91 34.21
N SER C 211 -44.70 14.24 35.06
CA SER C 211 -43.36 14.68 35.38
C SER C 211 -42.41 14.57 34.18
N MET C 212 -42.79 13.83 33.14
CA MET C 212 -41.96 13.67 31.95
C MET C 212 -42.45 14.58 30.81
N ILE C 213 -43.45 15.41 31.10
CA ILE C 213 -44.00 16.31 30.09
C ILE C 213 -43.67 17.73 30.51
N PRO C 214 -42.76 18.42 29.79
CA PRO C 214 -42.40 19.79 30.19
C PRO C 214 -43.59 20.73 30.36
N MET C 215 -44.60 20.65 29.49
CA MET C 215 -45.77 21.52 29.63
C MET C 215 -46.62 21.14 30.86
N GLY C 216 -46.40 19.98 31.44
CA GLY C 216 -46.93 19.64 32.77
C GLY C 216 -48.31 18.98 32.72
N TYR C 217 -48.85 18.68 31.53
CA TYR C 217 -50.17 18.06 31.46
C TYR C 217 -50.21 17.04 30.33
N ILE C 218 -51.04 16.01 30.52
CA ILE C 218 -51.36 15.03 29.49
C ILE C 218 -52.32 15.67 28.49
N GLY C 219 -52.03 15.51 27.21
CA GLY C 219 -52.82 16.17 26.19
C GLY C 219 -54.21 15.54 26.05
N GLU C 220 -55.10 16.32 25.42
CA GLU C 220 -56.43 15.83 25.10
C GLU C 220 -56.47 15.45 23.62
N PRO C 221 -57.32 14.47 23.25
CA PRO C 221 -57.41 14.03 21.85
C PRO C 221 -57.69 15.15 20.87
N GLU C 222 -58.46 16.18 21.28
CA GLU C 222 -58.74 17.31 20.42
C GLU C 222 -57.46 18.05 19.97
N GLU C 223 -56.42 18.00 20.80
CA GLU C 223 -55.17 18.70 20.51
C GLU C 223 -54.40 17.97 19.40
N ILE C 224 -54.67 16.67 19.23
CA ILE C 224 -54.09 15.88 18.15
C ILE C 224 -54.97 16.01 16.91
N ALA C 225 -56.30 15.98 17.09
CA ALA C 225 -57.19 16.20 15.96
C ALA C 225 -56.93 17.55 15.29
N ALA C 226 -56.55 18.57 16.08
CA ALA C 226 -56.25 19.87 15.51
C ALA C 226 -55.09 19.78 14.52
N VAL C 227 -54.09 18.96 14.86
CA VAL C 227 -52.92 18.80 14.02
C VAL C 227 -53.30 18.11 12.72
N ALA C 228 -54.15 17.07 12.80
CA ALA C 228 -54.60 16.33 11.62
C ALA C 228 -55.36 17.24 10.67
N ALA C 229 -56.27 18.07 11.22
CA ALA C 229 -57.07 18.93 10.36
C ALA C 229 -56.15 19.90 9.61
N TRP C 230 -55.16 20.46 10.31
CA TRP C 230 -54.26 21.43 9.69
C TRP C 230 -53.43 20.74 8.59
N LEU C 231 -52.80 19.61 8.90
CA LEU C 231 -51.93 18.93 7.94
C LEU C 231 -52.68 18.54 6.67
N ALA C 232 -53.96 18.15 6.82
CA ALA C 232 -54.78 17.72 5.69
C ALA C 232 -55.21 18.89 4.82
N SER C 233 -55.19 20.11 5.39
CA SER C 233 -55.70 21.29 4.71
C SER C 233 -54.65 21.89 3.78
N LYS C 234 -55.09 22.81 2.92
CA LYS C 234 -54.18 23.50 2.02
C LYS C 234 -53.36 24.55 2.77
N GLU C 235 -53.63 24.83 4.04
CA GLU C 235 -52.71 25.65 4.84
C GLU C 235 -51.33 25.01 4.86
N ALA C 236 -51.28 23.68 4.88
CA ALA C 236 -50.05 22.91 4.91
C ALA C 236 -49.62 22.50 3.50
N SER C 237 -49.93 23.33 2.49
CA SER C 237 -49.69 22.99 1.10
C SER C 237 -48.23 22.67 0.80
N TYR C 238 -47.26 23.30 1.51
CA TYR C 238 -45.86 23.08 1.20
C TYR C 238 -45.18 22.08 2.17
N VAL C 239 -45.99 21.38 2.97
CA VAL C 239 -45.49 20.55 4.06
C VAL C 239 -45.65 19.07 3.70
N THR C 240 -44.54 18.36 3.49
CA THR C 240 -44.60 16.94 3.23
C THR C 240 -43.36 16.26 3.80
N GLY C 241 -43.58 15.01 4.21
CA GLY C 241 -42.53 14.16 4.72
C GLY C 241 -42.11 14.47 6.16
N ILE C 242 -42.88 15.31 6.87
CA ILE C 242 -42.49 15.68 8.22
C ILE C 242 -43.11 14.73 9.23
N THR C 243 -42.59 14.80 10.44
CA THR C 243 -43.32 14.38 11.63
C THR C 243 -43.58 15.62 12.47
N LEU C 244 -44.87 15.90 12.70
CA LEU C 244 -45.25 17.04 13.52
C LEU C 244 -45.50 16.51 14.93
N PHE C 245 -44.54 16.75 15.82
CA PHE C 245 -44.65 16.27 17.19
C PHE C 245 -45.58 17.19 17.97
N ALA C 246 -46.51 16.57 18.69
CA ALA C 246 -47.44 17.28 19.54
C ALA C 246 -47.44 16.58 20.88
N ASP C 247 -46.48 17.01 21.74
CA ASP C 247 -46.05 16.14 22.82
C ASP C 247 -45.79 16.91 24.12
N GLY C 248 -46.17 18.18 24.18
CA GLY C 248 -45.94 18.98 25.38
C GLY C 248 -44.45 19.10 25.73
N GLY C 249 -43.58 18.80 24.75
CA GLY C 249 -42.14 18.90 24.97
C GLY C 249 -41.43 17.60 25.32
N MET C 250 -42.09 16.42 25.25
CA MET C 250 -41.45 15.17 25.61
C MET C 250 -40.15 14.93 24.86
N THR C 251 -40.12 15.23 23.54
CA THR C 251 -38.92 14.96 22.75
C THR C 251 -37.77 15.90 23.08
N LEU C 252 -37.97 16.87 24.00
CA LEU C 252 -36.92 17.81 24.38
C LEU C 252 -36.05 17.30 25.54
N TYR C 253 -36.23 16.05 25.98
CA TYR C 253 -35.41 15.40 26.99
C TYR C 253 -35.75 15.96 28.38
N PRO C 254 -36.88 15.55 28.96
CA PRO C 254 -37.35 16.15 30.21
C PRO C 254 -36.40 15.98 31.39
N SER C 255 -35.54 14.96 31.36
CA SER C 255 -34.57 14.77 32.44
C SER C 255 -33.59 15.95 32.51
N PHE C 256 -33.48 16.79 31.47
CA PHE C 256 -32.46 17.84 31.48
C PHE C 256 -33.00 19.21 31.89
N GLN C 257 -34.23 19.27 32.37
CA GLN C 257 -34.75 20.48 32.99
C GLN C 257 -33.84 20.95 34.12
N ALA C 258 -33.85 22.28 34.35
CA ALA C 258 -33.13 22.94 35.43
C ALA C 258 -31.62 22.71 35.30
N GLY C 259 -31.05 22.81 34.07
CA GLY C 259 -29.65 22.56 33.81
C GLY C 259 -29.21 21.13 34.13
N MET D 1 -59.17 33.10 10.32
CA MET D 1 -59.18 31.61 10.36
C MET D 1 -59.05 31.12 11.79
N TYR D 2 -58.17 31.75 12.57
CA TYR D 2 -57.91 31.38 13.96
C TYR D 2 -58.50 32.45 14.85
N PRO D 3 -59.74 32.28 15.37
CA PRO D 3 -60.38 33.38 16.09
C PRO D 3 -59.63 33.82 17.34
N ASP D 4 -58.85 32.93 17.95
CA ASP D 4 -58.10 33.28 19.16
C ASP D 4 -56.95 34.26 18.86
N LEU D 5 -56.58 34.47 17.59
CA LEU D 5 -55.51 35.41 17.28
C LEU D 5 -56.01 36.85 17.29
N LYS D 6 -57.33 37.05 17.20
CA LYS D 6 -57.88 38.39 17.13
C LYS D 6 -57.46 39.19 18.36
N GLY D 7 -56.84 40.36 18.11
CA GLY D 7 -56.41 41.25 19.17
C GLY D 7 -55.09 40.85 19.85
N LYS D 8 -54.50 39.71 19.45
CA LYS D 8 -53.19 39.34 19.96
C LYS D 8 -52.13 40.28 19.39
N VAL D 9 -51.09 40.56 20.18
CA VAL D 9 -50.02 41.43 19.77
C VAL D 9 -48.82 40.59 19.34
N VAL D 10 -48.44 40.80 18.07
CA VAL D 10 -47.35 40.05 17.47
C VAL D 10 -46.30 41.04 16.98
N ALA D 11 -45.05 40.83 17.40
CA ALA D 11 -43.92 41.59 16.89
C ALA D 11 -43.09 40.71 15.97
N ILE D 12 -42.71 41.27 14.82
CA ILE D 12 -42.04 40.53 13.75
C ILE D 12 -40.82 41.31 13.30
N THR D 13 -39.65 40.68 13.38
CA THR D 13 -38.43 41.28 12.84
C THR D 13 -38.31 40.97 11.36
N GLY D 14 -37.64 41.84 10.63
CA GLY D 14 -37.49 41.71 9.20
C GLY D 14 -38.83 41.76 8.46
N ALA D 15 -39.76 42.58 8.97
CA ALA D 15 -41.13 42.54 8.50
C ALA D 15 -41.43 43.49 7.34
N ALA D 16 -40.42 44.19 6.81
CA ALA D 16 -40.66 45.07 5.68
C ALA D 16 -40.54 44.35 4.34
N SER D 17 -40.11 43.07 4.33
CA SER D 17 -39.92 42.36 3.06
C SER D 17 -40.25 40.89 3.25
N GLY D 18 -40.42 40.20 2.12
CA GLY D 18 -40.38 38.74 2.06
C GLY D 18 -41.25 38.05 3.09
N LEU D 19 -40.70 37.06 3.79
CA LEU D 19 -41.48 36.26 4.71
C LEU D 19 -42.07 37.06 5.86
N GLY D 20 -41.28 38.00 6.38
CA GLY D 20 -41.73 38.81 7.50
C GLY D 20 -42.92 39.67 7.12
N LYS D 21 -42.87 40.25 5.93
CA LYS D 21 -44.00 41.01 5.39
C LYS D 21 -45.22 40.11 5.22
N ALA D 22 -45.03 38.90 4.64
CA ALA D 22 -46.16 38.02 4.43
C ALA D 22 -46.76 37.62 5.77
N MET D 23 -45.91 37.39 6.79
CA MET D 23 -46.42 37.05 8.10
C MET D 23 -47.21 38.22 8.71
N ALA D 24 -46.66 39.43 8.58
CA ALA D 24 -47.37 40.61 9.09
C ALA D 24 -48.76 40.70 8.49
N ILE D 25 -48.86 40.56 7.17
CA ILE D 25 -50.11 40.68 6.45
C ILE D 25 -51.07 39.56 6.88
N ARG D 26 -50.57 38.32 7.01
CA ARG D 26 -51.43 37.23 7.43
C ARG D 26 -51.94 37.48 8.84
N PHE D 27 -51.10 37.95 9.76
CA PHE D 27 -51.57 38.24 11.10
C PHE D 27 -52.60 39.39 11.07
N GLY D 28 -52.48 40.31 10.12
CA GLY D 28 -53.52 41.30 9.89
C GLY D 28 -54.86 40.67 9.53
N LYS D 29 -54.82 39.67 8.63
N LYS D 29 -54.82 39.67 8.63
CA LYS D 29 -56.02 38.93 8.24
CA LYS D 29 -56.01 38.94 8.24
C LYS D 29 -56.63 38.25 9.46
C LYS D 29 -56.63 38.24 9.45
N GLU D 30 -55.80 37.84 10.42
CA GLU D 30 -56.27 37.21 11.65
C GLU D 30 -56.68 38.26 12.69
N GLN D 31 -56.64 39.55 12.31
CA GLN D 31 -57.14 40.64 13.16
C GLN D 31 -56.24 40.86 14.36
N ALA D 32 -54.94 40.62 14.16
CA ALA D 32 -53.98 40.82 15.23
C ALA D 32 -53.49 42.27 15.21
N LYS D 33 -52.72 42.62 16.23
CA LYS D 33 -52.03 43.89 16.32
C LYS D 33 -50.54 43.64 16.07
N VAL D 34 -50.02 44.22 14.98
CA VAL D 34 -48.71 43.82 14.47
C VAL D 34 -47.69 44.95 14.70
N VAL D 35 -46.54 44.59 15.31
CA VAL D 35 -45.40 45.47 15.36
C VAL D 35 -44.46 45.08 14.23
N ILE D 36 -44.33 45.96 13.24
CA ILE D 36 -43.55 45.75 12.04
C ILE D 36 -42.18 46.37 12.27
N ASN D 37 -41.20 45.49 12.58
CA ASN D 37 -39.82 45.95 12.66
C ASN D 37 -39.25 45.96 11.24
N TYR D 38 -38.51 47.02 10.92
CA TYR D 38 -37.80 47.11 9.64
C TYR D 38 -36.40 47.61 9.91
N TYR D 39 -35.54 47.44 8.90
CA TYR D 39 -34.12 47.65 9.07
C TYR D 39 -33.69 49.01 8.53
N SER D 40 -34.14 49.34 7.33
CA SER D 40 -33.59 50.46 6.57
C SER D 40 -34.72 51.34 6.04
N ASN D 41 -34.45 52.64 6.01
CA ASN D 41 -35.45 53.61 5.54
C ASN D 41 -35.61 53.51 4.03
N LYS D 42 -34.75 52.77 3.32
CA LYS D 42 -34.94 52.51 1.91
C LYS D 42 -36.08 51.53 1.70
N GLN D 43 -36.47 50.79 2.74
CA GLN D 43 -37.48 49.76 2.60
C GLN D 43 -38.83 50.45 2.71
N ASP D 44 -39.90 49.68 2.55
CA ASP D 44 -41.22 50.27 2.46
C ASP D 44 -42.09 49.68 3.55
N PRO D 45 -41.76 49.88 4.84
CA PRO D 45 -42.61 49.37 5.91
C PRO D 45 -44.02 49.94 5.90
N ASN D 46 -44.19 51.16 5.38
CA ASN D 46 -45.51 51.81 5.35
C ASN D 46 -46.50 50.98 4.52
N GLU D 47 -45.97 50.37 3.46
CA GLU D 47 -46.81 49.56 2.59
C GLU D 47 -47.31 48.33 3.33
N VAL D 48 -46.45 47.72 4.16
CA VAL D 48 -46.84 46.60 4.99
C VAL D 48 -47.90 47.04 5.99
N LYS D 49 -47.67 48.18 6.63
CA LYS D 49 -48.59 48.74 7.59
C LYS D 49 -49.99 48.86 6.96
N GLU D 50 -50.04 49.42 5.75
CA GLU D 50 -51.31 49.66 5.10
C GLU D 50 -52.00 48.34 4.78
N GLU D 51 -51.21 47.34 4.33
CA GLU D 51 -51.79 46.05 3.99
C GLU D 51 -52.30 45.35 5.24
N VAL D 52 -51.60 45.47 6.38
CA VAL D 52 -52.07 44.87 7.62
C VAL D 52 -53.42 45.44 7.99
N ILE D 53 -53.52 46.78 7.93
CA ILE D 53 -54.76 47.44 8.32
C ILE D 53 -55.88 47.05 7.37
N LYS D 54 -55.60 47.06 6.05
CA LYS D 54 -56.59 46.71 5.07
C LYS D 54 -57.08 45.28 5.27
N ALA D 55 -56.19 44.37 5.70
CA ALA D 55 -56.54 42.97 5.89
C ALA D 55 -57.39 42.77 7.13
N GLY D 56 -57.42 43.74 8.05
CA GLY D 56 -58.26 43.66 9.24
C GLY D 56 -57.54 43.84 10.56
N GLY D 57 -56.24 44.17 10.53
CA GLY D 57 -55.47 44.29 11.75
C GLY D 57 -55.16 45.74 12.13
N GLU D 58 -54.32 45.89 13.15
CA GLU D 58 -53.69 47.15 13.50
C GLU D 58 -52.18 46.97 13.37
N ALA D 59 -51.46 48.07 13.14
CA ALA D 59 -50.03 47.98 12.88
C ALA D 59 -49.32 49.26 13.31
N VAL D 60 -48.11 49.07 13.86
CA VAL D 60 -47.16 50.15 14.08
C VAL D 60 -45.82 49.69 13.53
N VAL D 61 -45.01 50.66 13.13
CA VAL D 61 -43.74 50.39 12.48
C VAL D 61 -42.63 50.87 13.41
N VAL D 62 -41.52 50.12 13.46
CA VAL D 62 -40.41 50.51 14.34
C VAL D 62 -39.12 50.07 13.65
N GLN D 63 -38.21 51.02 13.44
CA GLN D 63 -36.90 50.70 12.89
C GLN D 63 -36.06 50.04 13.99
N GLY D 64 -35.23 49.08 13.60
CA GLY D 64 -34.35 48.45 14.59
C GLY D 64 -33.44 47.42 13.96
N ASP D 65 -32.19 47.44 14.44
CA ASP D 65 -31.13 46.53 14.02
C ASP D 65 -31.01 45.44 15.07
N VAL D 66 -31.28 44.17 14.70
CA VAL D 66 -31.32 43.12 15.69
C VAL D 66 -29.92 42.73 16.20
N THR D 67 -28.87 43.31 15.62
CA THR D 67 -27.52 43.14 16.17
C THR D 67 -27.22 44.17 17.26
N LYS D 68 -28.18 45.04 17.57
CA LYS D 68 -28.03 46.00 18.66
C LYS D 68 -29.02 45.66 19.75
N GLU D 69 -28.49 45.28 20.90
CA GLU D 69 -29.31 44.90 22.05
C GLU D 69 -30.40 45.93 22.35
N GLU D 70 -30.03 47.22 22.31
N GLU D 70 -30.04 47.23 22.31
CA GLU D 70 -30.96 48.28 22.67
CA GLU D 70 -31.01 48.25 22.71
C GLU D 70 -32.14 48.34 21.69
C GLU D 70 -32.14 48.33 21.69
N ASP D 71 -31.86 48.08 20.41
CA ASP D 71 -32.88 48.10 19.38
C ASP D 71 -33.84 46.93 19.56
N VAL D 72 -33.33 45.75 19.95
CA VAL D 72 -34.20 44.61 20.17
C VAL D 72 -35.11 44.89 21.36
N LYS D 73 -34.54 45.42 22.46
CA LYS D 73 -35.35 45.78 23.62
C LYS D 73 -36.45 46.75 23.21
N ASN D 74 -36.13 47.68 22.32
CA ASN D 74 -37.06 48.70 21.88
C ASN D 74 -38.17 48.12 21.01
N ILE D 75 -37.91 47.03 20.27
CA ILE D 75 -38.96 46.38 19.51
C ILE D 75 -40.01 45.85 20.48
N VAL D 76 -39.58 45.18 21.52
CA VAL D 76 -40.48 44.60 22.49
C VAL D 76 -41.21 45.74 23.22
N GLN D 77 -40.49 46.80 23.61
CA GLN D 77 -41.11 47.91 24.31
C GLN D 77 -42.13 48.61 23.43
N THR D 78 -41.91 48.63 22.11
CA THR D 78 -42.89 49.19 21.19
C THR D 78 -44.21 48.44 21.31
N ALA D 79 -44.17 47.10 21.34
CA ALA D 79 -45.40 46.33 21.50
C ALA D 79 -46.10 46.71 22.81
N ILE D 80 -45.32 46.75 23.90
CA ILE D 80 -45.88 46.96 25.24
C ILE D 80 -46.50 48.36 25.30
N LYS D 81 -45.77 49.37 24.80
CA LYS D 81 -46.22 50.74 24.95
C LYS D 81 -47.37 51.03 24.00
N GLU D 82 -47.30 50.53 22.77
CA GLU D 82 -48.25 50.95 21.75
C GLU D 82 -49.50 50.07 21.79
N PHE D 83 -49.41 48.80 22.22
CA PHE D 83 -50.59 47.95 22.23
C PHE D 83 -50.91 47.41 23.63
N GLY D 84 -50.04 47.59 24.62
CA GLY D 84 -50.38 47.24 25.99
C GLY D 84 -49.82 45.90 26.46
N THR D 85 -49.34 45.06 25.52
CA THR D 85 -48.84 43.75 25.90
C THR D 85 -48.02 43.20 24.72
N LEU D 86 -47.48 42.00 24.91
CA LEU D 86 -46.91 41.23 23.81
C LEU D 86 -47.37 39.78 23.99
N ASP D 87 -47.80 39.17 22.89
CA ASP D 87 -48.27 37.79 22.93
C ASP D 87 -47.36 36.85 22.13
N ILE D 88 -46.88 37.32 20.99
CA ILE D 88 -46.18 36.49 20.02
C ILE D 88 -44.96 37.26 19.54
N MET D 89 -43.79 36.62 19.58
CA MET D 89 -42.55 37.21 19.11
C MET D 89 -42.05 36.37 17.94
N ILE D 90 -41.83 37.00 16.79
CA ILE D 90 -41.34 36.29 15.62
C ILE D 90 -39.99 36.85 15.20
N ASN D 91 -38.92 36.06 15.43
CA ASN D 91 -37.58 36.47 15.05
C ASN D 91 -37.29 35.96 13.65
N ASN D 92 -37.36 36.87 12.67
CA ASN D 92 -37.35 36.49 11.27
C ASN D 92 -36.19 37.14 10.50
N ALA D 93 -35.64 38.27 10.99
CA ALA D 93 -34.52 38.91 10.32
C ALA D 93 -33.41 37.89 10.02
N GLY D 94 -32.79 38.05 8.85
CA GLY D 94 -31.65 37.23 8.51
C GLY D 94 -30.96 37.71 7.24
N LEU D 95 -29.74 37.22 7.03
CA LEU D 95 -29.04 37.41 5.76
C LEU D 95 -28.05 36.25 5.53
N GLU D 96 -27.51 36.21 4.31
CA GLU D 96 -26.53 35.22 3.91
C GLU D 96 -25.70 35.77 2.76
N ASN D 97 -24.49 35.23 2.60
CA ASN D 97 -23.67 35.56 1.44
C ASN D 97 -22.71 34.39 1.21
N PRO D 98 -22.44 33.98 -0.05
CA PRO D 98 -21.60 32.81 -0.33
C PRO D 98 -20.10 33.12 -0.34
N VAL D 99 -19.33 32.31 0.38
CA VAL D 99 -17.88 32.34 0.35
C VAL D 99 -17.38 30.92 0.61
N PRO D 100 -16.40 30.40 -0.14
CA PRO D 100 -15.75 29.14 0.25
C PRO D 100 -15.33 29.20 1.72
N SER D 101 -15.63 28.13 2.47
CA SER D 101 -15.47 28.18 3.92
C SER D 101 -14.04 28.50 4.34
N HIS D 102 -13.03 27.94 3.63
CA HIS D 102 -11.64 28.17 4.00
C HIS D 102 -11.20 29.61 3.69
N GLU D 103 -12.04 30.34 2.95
CA GLU D 103 -11.78 31.73 2.63
C GLU D 103 -12.74 32.69 3.34
N MET D 104 -13.63 32.15 4.19
N MET D 104 -13.62 32.16 4.19
CA MET D 104 -14.69 32.97 4.76
CA MET D 104 -14.69 32.97 4.75
C MET D 104 -14.09 33.96 5.75
C MET D 104 -14.09 33.96 5.75
N PRO D 105 -14.22 35.29 5.52
CA PRO D 105 -13.73 36.25 6.49
C PRO D 105 -14.52 36.20 7.79
N LEU D 106 -13.82 36.45 8.89
CA LEU D 106 -14.46 36.48 10.18
C LEU D 106 -15.54 37.56 10.23
N LYS D 107 -15.34 38.67 9.50
CA LYS D 107 -16.35 39.71 9.48
C LYS D 107 -17.69 39.20 8.93
N ASP D 108 -17.64 38.38 7.87
CA ASP D 108 -18.85 37.84 7.25
C ASP D 108 -19.50 36.83 8.19
N TRP D 109 -18.67 35.95 8.78
CA TRP D 109 -19.15 35.00 9.78
C TRP D 109 -19.86 35.73 10.91
N ASP D 110 -19.22 36.76 11.46
CA ASP D 110 -19.77 37.48 12.60
C ASP D 110 -21.09 38.16 12.25
N LYS D 111 -21.21 38.72 11.05
CA LYS D 111 -22.41 39.42 10.68
C LYS D 111 -23.59 38.44 10.57
N VAL D 112 -23.35 37.26 10.00
CA VAL D 112 -24.41 36.27 9.83
C VAL D 112 -24.79 35.63 11.17
N ILE D 113 -23.81 35.23 11.97
CA ILE D 113 -24.09 34.70 13.30
C ILE D 113 -24.83 35.76 14.12
N GLY D 114 -24.34 37.01 14.05
CA GLY D 114 -24.91 38.08 14.88
C GLY D 114 -26.37 38.38 14.53
N THR D 115 -26.67 38.42 13.23
CA THR D 115 -28.00 38.76 12.78
C THR D 115 -28.94 37.57 12.97
N ASN D 116 -28.49 36.40 12.49
CA ASN D 116 -29.40 35.27 12.31
C ASN D 116 -29.58 34.50 13.62
N LEU D 117 -28.56 34.42 14.46
CA LEU D 117 -28.61 33.59 15.66
C LEU D 117 -28.71 34.50 16.89
N THR D 118 -27.72 35.39 17.08
CA THR D 118 -27.73 36.24 18.26
C THR D 118 -28.95 37.15 18.27
N GLY D 119 -29.35 37.67 17.10
CA GLY D 119 -30.55 38.50 16.99
C GLY D 119 -31.79 37.73 17.47
N ALA D 120 -31.90 36.46 17.10
CA ALA D 120 -33.03 35.65 17.51
C ALA D 120 -32.95 35.34 19.00
N PHE D 121 -31.74 35.14 19.53
CA PHE D 121 -31.56 34.97 20.97
C PHE D 121 -32.07 36.22 21.71
N LEU D 122 -31.64 37.40 21.28
CA LEU D 122 -32.02 38.64 21.97
C LEU D 122 -33.53 38.84 21.92
N GLY D 123 -34.16 38.62 20.76
CA GLY D 123 -35.61 38.77 20.63
C GLY D 123 -36.37 37.76 21.50
N SER D 124 -35.90 36.51 21.48
CA SER D 124 -36.48 35.48 22.32
C SER D 124 -36.33 35.84 23.79
N ARG D 125 -35.13 36.27 24.19
CA ARG D 125 -34.82 36.61 25.57
C ARG D 125 -35.76 37.72 26.06
N GLU D 126 -35.88 38.80 25.26
CA GLU D 126 -36.66 39.95 25.69
C GLU D 126 -38.15 39.60 25.75
N ALA D 127 -38.65 38.83 24.77
CA ALA D 127 -40.05 38.43 24.79
C ALA D 127 -40.35 37.54 25.99
N ILE D 128 -39.50 36.53 26.22
CA ILE D 128 -39.74 35.59 27.30
C ILE D 128 -39.64 36.29 28.65
N LYS D 129 -38.68 37.21 28.78
CA LYS D 129 -38.56 38.00 30.01
C LYS D 129 -39.90 38.66 30.32
N TYR D 130 -40.49 39.30 29.31
CA TYR D 130 -41.77 39.96 29.47
C TYR D 130 -42.86 38.95 29.84
N PHE D 131 -42.89 37.80 29.13
CA PHE D 131 -43.90 36.79 29.42
C PHE D 131 -43.80 36.29 30.86
N VAL D 132 -42.58 36.03 31.32
N VAL D 132 -42.58 36.03 31.32
CA VAL D 132 -42.35 35.47 32.64
CA VAL D 132 -42.36 35.46 32.63
C VAL D 132 -42.76 36.49 33.70
C VAL D 132 -42.75 36.48 33.70
N GLU D 133 -42.42 37.76 33.48
CA GLU D 133 -42.68 38.81 34.46
C GLU D 133 -44.18 39.08 34.60
N ASN D 134 -44.97 38.79 33.56
CA ASN D 134 -46.37 39.17 33.49
C ASN D 134 -47.29 37.96 33.42
N ASP D 135 -46.76 36.75 33.66
CA ASP D 135 -47.53 35.51 33.55
C ASP D 135 -48.34 35.43 32.28
N ILE D 136 -47.70 35.72 31.13
CA ILE D 136 -48.32 35.54 29.83
C ILE D 136 -47.89 34.20 29.26
N LYS D 137 -48.85 33.43 28.76
CA LYS D 137 -48.57 32.18 28.07
C LYS D 137 -48.25 32.52 26.61
N GLY D 138 -47.10 33.15 26.44
CA GLY D 138 -46.73 33.71 25.16
C GLY D 138 -46.13 32.65 24.23
N ASN D 139 -45.75 33.11 23.06
CA ASN D 139 -45.38 32.27 21.95
C ASN D 139 -44.19 32.92 21.24
N VAL D 140 -43.14 32.13 20.95
CA VAL D 140 -42.01 32.61 20.16
C VAL D 140 -41.89 31.72 18.93
N ILE D 141 -41.74 32.36 17.77
CA ILE D 141 -41.49 31.64 16.52
C ILE D 141 -40.17 32.17 15.98
N ASN D 142 -39.21 31.24 15.77
CA ASN D 142 -37.92 31.60 15.21
C ASN D 142 -37.88 31.10 13.77
N MET D 143 -37.55 32.00 12.83
CA MET D 143 -37.50 31.63 11.44
C MET D 143 -36.14 30.99 11.15
N SER D 144 -36.19 29.68 10.90
CA SER D 144 -34.99 28.92 10.62
C SER D 144 -34.91 28.68 9.12
N SER D 145 -34.57 27.46 8.72
CA SER D 145 -34.30 27.09 7.34
C SER D 145 -34.20 25.58 7.27
N VAL D 146 -34.38 25.00 6.07
CA VAL D 146 -33.94 23.63 5.85
C VAL D 146 -32.48 23.47 6.30
N HIS D 147 -31.69 24.57 6.25
CA HIS D 147 -30.28 24.49 6.57
C HIS D 147 -29.98 24.45 8.07
N GLU D 148 -30.99 24.24 8.94
CA GLU D 148 -30.69 23.75 10.27
C GLU D 148 -30.43 22.24 10.28
N VAL D 149 -30.72 21.55 9.17
N VAL D 149 -30.72 21.55 9.17
CA VAL D 149 -30.39 20.14 9.03
CA VAL D 149 -30.43 20.13 9.01
C VAL D 149 -29.59 19.88 7.76
C VAL D 149 -29.59 19.87 7.76
N ILE D 150 -29.90 20.58 6.66
CA ILE D 150 -29.18 20.42 5.40
C ILE D 150 -27.92 21.26 5.42
N PRO D 151 -26.72 20.66 5.28
CA PRO D 151 -25.48 21.41 5.23
C PRO D 151 -25.49 22.35 4.02
N TRP D 152 -24.68 23.41 4.05
CA TRP D 152 -24.75 24.40 2.99
C TRP D 152 -23.37 24.93 2.64
N PRO D 153 -22.60 24.21 1.81
CA PRO D 153 -21.30 24.69 1.34
C PRO D 153 -21.44 26.10 0.75
N LEU D 154 -20.44 26.92 1.04
CA LEU D 154 -20.34 28.34 0.72
C LEU D 154 -21.12 29.19 1.72
N PHE D 155 -21.94 28.56 2.59
CA PHE D 155 -22.74 29.30 3.54
C PHE D 155 -22.58 28.68 4.93
N VAL D 156 -21.33 28.42 5.33
CA VAL D 156 -21.07 27.74 6.59
C VAL D 156 -21.58 28.57 7.77
N HIS D 157 -21.48 29.90 7.65
CA HIS D 157 -22.01 30.80 8.67
C HIS D 157 -23.53 30.66 8.83
N TYR D 158 -24.24 30.63 7.71
CA TYR D 158 -25.68 30.54 7.73
C TYR D 158 -26.12 29.21 8.33
N ALA D 159 -25.48 28.12 7.87
CA ALA D 159 -25.85 26.81 8.37
C ALA D 159 -25.60 26.75 9.88
N ALA D 160 -24.44 27.22 10.33
CA ALA D 160 -24.14 27.24 11.75
C ALA D 160 -25.20 28.07 12.50
N SER D 161 -25.60 29.20 11.93
CA SER D 161 -26.53 30.08 12.61
C SER D 161 -27.87 29.38 12.84
N LYS D 162 -28.33 28.58 11.85
CA LYS D 162 -29.62 27.95 11.95
C LYS D 162 -29.55 26.67 12.77
N GLY D 163 -28.43 25.92 12.65
CA GLY D 163 -28.21 24.80 13.55
C GLY D 163 -28.19 25.26 15.01
N GLY D 164 -27.58 26.42 15.25
CA GLY D 164 -27.58 27.02 16.57
C GLY D 164 -28.97 27.45 17.01
N MET D 165 -29.72 28.06 16.09
CA MET D 165 -31.06 28.51 16.36
C MET D 165 -31.94 27.33 16.80
N LYS D 166 -31.77 26.17 16.14
CA LYS D 166 -32.52 24.98 16.51
C LYS D 166 -32.31 24.64 17.98
N LEU D 167 -31.06 24.58 18.45
CA LEU D 167 -30.83 24.16 19.84
C LEU D 167 -31.19 25.29 20.81
N MET D 168 -31.09 26.54 20.36
CA MET D 168 -31.56 27.66 21.16
C MET D 168 -33.07 27.55 21.39
N THR D 169 -33.82 27.35 20.31
CA THR D 169 -35.25 27.17 20.37
C THR D 169 -35.62 26.01 21.29
N LYS D 170 -34.96 24.85 21.11
CA LYS D 170 -35.33 23.68 21.89
C LYS D 170 -35.03 23.90 23.37
N THR D 171 -33.93 24.57 23.67
CA THR D 171 -33.57 24.88 25.03
C THR D 171 -34.61 25.79 25.67
N LEU D 172 -34.97 26.88 24.99
CA LEU D 172 -35.96 27.81 25.52
C LEU D 172 -37.31 27.09 25.67
N ALA D 173 -37.69 26.27 24.69
CA ALA D 173 -38.94 25.51 24.79
C ALA D 173 -38.96 24.64 26.04
N LEU D 174 -37.88 23.90 26.30
CA LEU D 174 -37.84 23.03 27.46
C LEU D 174 -37.90 23.87 28.74
N GLU D 175 -37.10 24.93 28.77
CA GLU D 175 -36.94 25.75 29.96
C GLU D 175 -38.25 26.44 30.36
N TYR D 176 -39.06 26.89 29.40
CA TYR D 176 -40.22 27.71 29.68
C TYR D 176 -41.55 26.98 29.45
N ALA D 177 -41.49 25.72 29.01
CA ALA D 177 -42.71 24.93 28.84
C ALA D 177 -43.56 24.91 30.12
N PRO D 178 -42.99 24.79 31.34
CA PRO D 178 -43.83 24.76 32.55
C PRO D 178 -44.68 26.01 32.76
N LYS D 179 -44.28 27.13 32.15
CA LYS D 179 -45.03 28.38 32.25
C LYS D 179 -46.01 28.55 31.09
N GLY D 180 -46.14 27.52 30.24
CA GLY D 180 -47.07 27.58 29.13
C GLY D 180 -46.60 28.46 27.98
N ILE D 181 -45.30 28.79 27.93
CA ILE D 181 -44.71 29.54 26.85
C ILE D 181 -44.21 28.52 25.83
N ARG D 182 -44.66 28.65 24.57
CA ARG D 182 -44.23 27.74 23.52
C ARG D 182 -43.20 28.46 22.66
N VAL D 183 -42.21 27.70 22.17
CA VAL D 183 -41.14 28.22 21.34
C VAL D 183 -40.90 27.20 20.22
N ASN D 184 -40.98 27.64 18.97
CA ASN D 184 -40.88 26.73 17.84
C ASN D 184 -40.14 27.41 16.70
N ASN D 185 -39.57 26.57 15.80
CA ASN D 185 -38.98 27.05 14.56
C ASN D 185 -39.87 26.69 13.39
N ILE D 186 -39.83 27.56 12.37
CA ILE D 186 -40.26 27.22 11.03
C ILE D 186 -39.02 27.03 10.16
N GLY D 187 -39.05 25.97 9.32
CA GLY D 187 -37.93 25.69 8.42
C GLY D 187 -38.35 25.75 6.96
N PRO D 188 -38.32 26.93 6.32
CA PRO D 188 -38.68 27.03 4.92
C PRO D 188 -37.60 26.43 4.02
N GLY D 189 -38.07 25.86 2.91
CA GLY D 189 -37.22 25.56 1.78
C GLY D 189 -37.08 26.82 0.90
N ALA D 190 -37.11 26.64 -0.41
CA ALA D 190 -36.96 27.75 -1.33
C ALA D 190 -38.31 28.44 -1.48
N ILE D 191 -38.33 29.75 -1.18
CA ILE D 191 -39.55 30.55 -1.22
C ILE D 191 -39.32 31.75 -2.13
N ASN D 192 -40.36 32.07 -2.89
CA ASN D 192 -40.35 33.13 -3.88
C ASN D 192 -40.50 34.50 -3.22
N THR D 193 -39.49 34.93 -2.48
CA THR D 193 -39.49 36.27 -1.90
C THR D 193 -38.76 37.20 -2.85
N THR D 194 -38.94 38.52 -2.64
N THR D 194 -38.93 38.53 -2.64
CA THR D 194 -38.39 39.53 -3.52
CA THR D 194 -38.39 39.52 -3.55
C THR D 194 -36.86 39.42 -3.59
C THR D 194 -36.86 39.42 -3.59
N ILE D 195 -36.20 39.06 -2.48
CA ILE D 195 -34.74 38.95 -2.47
C ILE D 195 -34.27 37.92 -3.50
N ASN D 196 -35.12 36.93 -3.83
CA ASN D 196 -34.77 35.85 -4.74
C ASN D 196 -35.20 36.13 -6.18
N ALA D 197 -35.82 37.28 -6.43
CA ALA D 197 -36.56 37.49 -7.68
C ALA D 197 -35.59 37.51 -8.86
N GLU D 198 -34.39 38.08 -8.65
CA GLU D 198 -33.39 38.14 -9.69
C GLU D 198 -32.99 36.73 -10.08
N LYS D 199 -32.56 35.93 -9.10
CA LYS D 199 -32.16 34.56 -9.34
C LYS D 199 -33.23 33.81 -10.13
N PHE D 200 -34.49 33.87 -9.67
CA PHE D 200 -35.55 33.07 -10.25
C PHE D 200 -36.09 33.69 -11.54
N ALA D 201 -35.64 34.91 -11.89
CA ALA D 201 -35.95 35.51 -13.17
C ALA D 201 -35.18 34.79 -14.29
N ASP D 202 -33.98 34.31 -13.98
CA ASP D 202 -33.21 33.46 -14.87
C ASP D 202 -33.86 32.07 -14.93
N PRO D 203 -34.51 31.68 -16.06
CA PRO D 203 -35.27 30.43 -16.11
C PRO D 203 -34.42 29.19 -15.83
N LYS D 204 -33.12 29.25 -16.11
CA LYS D 204 -32.25 28.12 -15.83
C LYS D 204 -32.07 27.94 -14.33
N GLN D 205 -31.84 29.03 -13.60
CA GLN D 205 -31.66 28.93 -12.15
C GLN D 205 -32.98 28.56 -11.49
N LYS D 206 -34.11 29.07 -12.00
CA LYS D 206 -35.41 28.69 -11.49
C LYS D 206 -35.62 27.18 -11.65
N ALA D 207 -35.27 26.64 -12.83
CA ALA D 207 -35.47 25.22 -13.13
C ALA D 207 -34.54 24.36 -12.27
N ASP D 208 -33.31 24.83 -12.06
CA ASP D 208 -32.35 24.11 -11.24
C ASP D 208 -32.87 24.00 -9.81
N VAL D 209 -33.37 25.10 -9.24
CA VAL D 209 -33.90 25.08 -7.89
C VAL D 209 -35.12 24.16 -7.83
N GLU D 210 -36.00 24.24 -8.83
CA GLU D 210 -37.20 23.41 -8.86
C GLU D 210 -36.82 21.92 -8.91
N SER D 211 -35.70 21.60 -9.55
CA SER D 211 -35.26 20.22 -9.69
C SER D 211 -34.80 19.64 -8.33
N MET D 212 -34.59 20.49 -7.32
CA MET D 212 -34.18 20.04 -6.01
C MET D 212 -35.37 19.98 -5.03
N ILE D 213 -36.58 20.29 -5.55
CA ILE D 213 -37.75 20.35 -4.71
C ILE D 213 -38.69 19.22 -5.14
N PRO D 214 -38.88 18.17 -4.32
CA PRO D 214 -39.74 17.05 -4.75
C PRO D 214 -41.13 17.47 -5.24
N MET D 215 -41.76 18.46 -4.58
CA MET D 215 -43.08 18.91 -5.00
C MET D 215 -43.02 19.68 -6.33
N GLY D 216 -41.83 20.09 -6.75
CA GLY D 216 -41.60 20.59 -8.11
C GLY D 216 -41.89 22.08 -8.30
N TYR D 217 -42.14 22.81 -7.22
CA TYR D 217 -42.38 24.24 -7.32
C TYR D 217 -41.74 24.95 -6.13
N ILE D 218 -41.32 26.20 -6.37
CA ILE D 218 -40.84 27.12 -5.35
C ILE D 218 -42.03 27.63 -4.57
N GLY D 219 -41.96 27.62 -3.24
CA GLY D 219 -43.09 27.99 -2.42
C GLY D 219 -43.36 29.50 -2.48
N GLU D 220 -44.57 29.88 -2.10
CA GLU D 220 -44.96 31.27 -2.01
C GLU D 220 -44.91 31.72 -0.56
N PRO D 221 -44.63 33.01 -0.28
CA PRO D 221 -44.52 33.49 1.10
C PRO D 221 -45.74 33.17 1.96
N GLU D 222 -46.93 33.19 1.36
CA GLU D 222 -48.17 32.90 2.07
C GLU D 222 -48.18 31.48 2.66
N GLU D 223 -47.44 30.57 2.03
CA GLU D 223 -47.38 29.18 2.49
C GLU D 223 -46.55 29.07 3.77
N ILE D 224 -45.65 30.03 4.00
CA ILE D 224 -44.88 30.11 5.24
C ILE D 224 -45.68 30.88 6.28
N ALA D 225 -46.32 31.98 5.85
CA ALA D 225 -47.16 32.73 6.79
C ALA D 225 -48.25 31.86 7.38
N ALA D 226 -48.77 30.88 6.60
CA ALA D 226 -49.79 29.97 7.09
C ALA D 226 -49.27 29.19 8.28
N VAL D 227 -48.00 28.76 8.20
CA VAL D 227 -47.41 27.96 9.27
C VAL D 227 -47.28 28.80 10.53
N ALA D 228 -46.84 30.06 10.39
CA ALA D 228 -46.67 30.96 11.53
C ALA D 228 -48.00 31.19 12.24
N ALA D 229 -49.07 31.42 11.46
CA ALA D 229 -50.36 31.71 12.05
C ALA D 229 -50.82 30.50 12.86
N TRP D 230 -50.64 29.29 12.30
CA TRP D 230 -51.06 28.09 12.99
C TRP D 230 -50.28 27.88 14.28
N LEU D 231 -48.95 27.96 14.22
CA LEU D 231 -48.11 27.71 15.38
C LEU D 231 -48.42 28.69 16.52
N ALA D 232 -48.76 29.93 16.18
CA ALA D 232 -49.04 30.96 17.17
C ALA D 232 -50.42 30.76 17.81
N SER D 233 -51.30 30.03 17.12
CA SER D 233 -52.69 29.87 17.55
C SER D 233 -52.80 28.76 18.59
N LYS D 234 -53.99 28.72 19.22
CA LYS D 234 -54.24 27.68 20.21
C LYS D 234 -54.46 26.30 19.56
N GLU D 235 -54.57 26.24 18.22
CA GLU D 235 -54.63 24.94 17.54
C GLU D 235 -53.37 24.15 17.83
N ALA D 236 -52.24 24.86 17.97
CA ALA D 236 -50.94 24.23 18.23
C ALA D 236 -50.64 24.22 19.73
N SER D 237 -51.67 24.12 20.58
CA SER D 237 -51.53 24.21 22.02
C SER D 237 -50.55 23.21 22.60
N TYR D 238 -50.43 21.99 22.01
CA TYR D 238 -49.56 20.98 22.59
C TYR D 238 -48.19 20.88 21.88
N VAL D 239 -47.88 21.86 21.04
CA VAL D 239 -46.73 21.81 20.16
C VAL D 239 -45.67 22.81 20.64
N THR D 240 -44.51 22.29 21.08
CA THR D 240 -43.42 23.17 21.46
C THR D 240 -42.09 22.48 21.20
N GLY D 241 -41.11 23.32 20.86
CA GLY D 241 -39.75 22.89 20.64
C GLY D 241 -39.52 22.20 19.30
N ILE D 242 -40.49 22.29 18.39
CA ILE D 242 -40.35 21.63 17.10
C ILE D 242 -39.73 22.58 16.08
N THR D 243 -39.29 21.98 14.97
CA THR D 243 -39.11 22.70 13.73
C THR D 243 -40.10 22.15 12.73
N LEU D 244 -40.99 23.01 12.25
CA LEU D 244 -41.97 22.64 11.24
C LEU D 244 -41.40 23.01 9.89
N PHE D 245 -40.94 22.00 9.14
CA PHE D 245 -40.37 22.22 7.83
C PHE D 245 -41.50 22.41 6.82
N ALA D 246 -41.37 23.46 6.01
CA ALA D 246 -42.30 23.73 4.92
C ALA D 246 -41.45 23.98 3.69
N ASP D 247 -41.14 22.88 2.99
CA ASP D 247 -40.01 22.87 2.08
C ASP D 247 -40.27 22.08 0.80
N GLY D 248 -41.52 21.68 0.55
CA GLY D 248 -41.84 20.91 -0.64
C GLY D 248 -41.09 19.58 -0.71
N GLY D 249 -40.51 19.15 0.41
CA GLY D 249 -39.80 17.88 0.49
C GLY D 249 -38.28 17.98 0.40
N MET D 250 -37.68 19.18 0.45
CA MET D 250 -36.24 19.31 0.33
C MET D 250 -35.48 18.46 1.34
N THR D 251 -35.96 18.39 2.60
CA THR D 251 -35.25 17.66 3.64
C THR D 251 -35.35 16.14 3.44
N LEU D 252 -36.07 15.68 2.41
CA LEU D 252 -36.17 14.25 2.13
C LEU D 252 -35.06 13.73 1.21
N TYR D 253 -34.05 14.55 0.89
CA TYR D 253 -32.88 14.15 0.10
C TYR D 253 -33.26 14.04 -1.37
N PRO D 254 -33.34 15.16 -2.08
CA PRO D 254 -33.78 15.16 -3.46
C PRO D 254 -32.91 14.36 -4.43
N SER D 255 -31.64 14.11 -4.08
CA SER D 255 -30.82 13.27 -4.93
C SER D 255 -31.35 11.83 -5.01
N PHE D 256 -32.22 11.41 -4.07
CA PHE D 256 -32.66 10.02 -4.05
C PHE D 256 -34.03 9.79 -4.67
N GLN D 257 -34.57 10.79 -5.35
CA GLN D 257 -35.80 10.61 -6.11
C GLN D 257 -35.65 9.47 -7.11
N ALA D 258 -36.77 8.77 -7.40
CA ALA D 258 -36.78 7.72 -8.41
C ALA D 258 -36.46 8.31 -9.79
N GLY D 259 -37.07 9.46 -10.11
CA GLY D 259 -36.76 10.21 -11.32
C GLY D 259 -37.24 9.50 -12.58
N MET E 1 60.70 -5.22 -28.97
CA MET E 1 59.98 -6.50 -29.16
C MET E 1 58.80 -6.31 -30.10
N TYR E 2 58.05 -5.21 -29.92
CA TYR E 2 56.86 -4.91 -30.71
C TYR E 2 57.18 -3.78 -31.67
N PRO E 3 57.49 -4.08 -32.94
CA PRO E 3 57.98 -3.02 -33.84
C PRO E 3 57.00 -1.88 -34.05
N ASP E 4 55.70 -2.17 -33.96
CA ASP E 4 54.68 -1.17 -34.18
C ASP E 4 54.62 -0.13 -33.06
N LEU E 5 55.26 -0.39 -31.90
CA LEU E 5 55.22 0.57 -30.80
C LEU E 5 56.25 1.68 -31.03
N LYS E 6 57.22 1.44 -31.92
CA LYS E 6 58.27 2.44 -32.14
C LYS E 6 57.63 3.74 -32.59
N GLY E 7 57.94 4.83 -31.87
CA GLY E 7 57.46 6.14 -32.23
C GLY E 7 56.03 6.43 -31.76
N LYS E 8 55.35 5.46 -31.16
CA LYS E 8 54.03 5.72 -30.61
C LYS E 8 54.15 6.58 -29.37
N VAL E 9 53.13 7.40 -29.13
CA VAL E 9 53.10 8.28 -27.97
C VAL E 9 52.21 7.68 -26.89
N VAL E 10 52.82 7.43 -25.73
CA VAL E 10 52.13 6.83 -24.59
C VAL E 10 52.22 7.78 -23.40
N ALA E 11 51.08 8.09 -22.79
CA ALA E 11 51.03 8.85 -21.54
C ALA E 11 50.66 7.91 -20.40
N ILE E 12 51.36 8.05 -19.28
CA ILE E 12 51.21 7.15 -18.14
C ILE E 12 51.05 7.98 -16.89
N THR E 13 49.95 7.76 -16.16
CA THR E 13 49.77 8.41 -14.87
C THR E 13 50.42 7.57 -13.79
N GLY E 14 50.86 8.25 -12.71
CA GLY E 14 51.59 7.58 -11.65
C GLY E 14 52.91 6.98 -12.10
N ALA E 15 53.57 7.65 -13.05
CA ALA E 15 54.73 7.07 -13.72
C ALA E 15 56.07 7.36 -13.02
N ALA E 16 56.06 8.03 -11.86
CA ALA E 16 57.30 8.30 -11.15
C ALA E 16 57.68 7.18 -10.19
N SER E 17 56.82 6.16 -10.01
CA SER E 17 57.13 5.07 -9.10
C SER E 17 56.52 3.77 -9.60
N GLY E 18 56.98 2.65 -9.03
CA GLY E 18 56.29 1.38 -9.08
C GLY E 18 55.92 0.94 -10.50
N LEU E 19 54.67 0.50 -10.69
CA LEU E 19 54.28 -0.07 -11.97
C LEU E 19 54.35 0.97 -13.10
N GLY E 20 53.97 2.21 -12.81
CA GLY E 20 53.95 3.25 -13.81
C GLY E 20 55.37 3.54 -14.33
N LYS E 21 56.33 3.56 -13.40
CA LYS E 21 57.73 3.74 -13.77
C LYS E 21 58.21 2.55 -14.61
N ALA E 22 57.87 1.32 -14.19
CA ALA E 22 58.28 0.15 -14.94
C ALA E 22 57.68 0.18 -16.35
N MET E 23 56.43 0.62 -16.47
CA MET E 23 55.80 0.72 -17.77
C MET E 23 56.50 1.77 -18.64
N ALA E 24 56.82 2.92 -18.04
CA ALA E 24 57.50 3.97 -18.79
C ALA E 24 58.81 3.41 -19.37
N ILE E 25 59.59 2.72 -18.55
CA ILE E 25 60.88 2.19 -18.96
C ILE E 25 60.70 1.13 -20.05
N ARG E 26 59.70 0.24 -19.89
CA ARG E 26 59.45 -0.77 -20.90
C ARG E 26 59.07 -0.12 -22.23
N PHE E 27 58.20 0.90 -22.20
CA PHE E 27 57.83 1.57 -23.43
C PHE E 27 59.06 2.28 -24.05
N GLY E 28 60.00 2.71 -23.22
CA GLY E 28 61.27 3.20 -23.71
C GLY E 28 62.03 2.13 -24.50
N LYS E 29 62.06 0.91 -23.97
N LYS E 29 62.06 0.91 -23.97
CA LYS E 29 62.71 -0.20 -24.62
CA LYS E 29 62.71 -0.21 -24.63
C LYS E 29 62.03 -0.46 -25.99
C LYS E 29 62.03 -0.45 -25.98
N GLU E 30 60.72 -0.19 -26.07
CA GLU E 30 59.98 -0.35 -27.32
C GLU E 30 60.13 0.86 -28.24
N GLN E 31 60.94 1.85 -27.82
CA GLN E 31 61.27 3.03 -28.61
C GLN E 31 60.04 3.92 -28.80
N ALA E 32 59.18 3.95 -27.78
CA ALA E 32 58.04 4.83 -27.77
C ALA E 32 58.44 6.20 -27.20
N LYS E 33 57.50 7.12 -27.30
CA LYS E 33 57.63 8.46 -26.77
C LYS E 33 56.71 8.56 -25.56
N VAL E 34 57.28 8.79 -24.38
CA VAL E 34 56.56 8.59 -23.11
C VAL E 34 56.32 9.93 -22.44
N VAL E 35 55.05 10.17 -22.06
CA VAL E 35 54.70 11.27 -21.18
C VAL E 35 54.60 10.71 -19.77
N ILE E 36 55.54 11.15 -18.90
CA ILE E 36 55.65 10.67 -17.53
C ILE E 36 54.91 11.66 -16.65
N ASN E 37 53.69 11.29 -16.24
CA ASN E 37 52.97 12.09 -15.25
C ASN E 37 53.46 11.68 -13.87
N TYR E 38 53.70 12.70 -13.03
CA TYR E 38 54.07 12.50 -11.64
C TYR E 38 53.21 13.43 -10.76
N TYR E 39 53.19 13.12 -9.47
CA TYR E 39 52.25 13.74 -8.55
C TYR E 39 52.92 14.85 -7.75
N SER E 40 54.09 14.57 -7.20
CA SER E 40 54.69 15.42 -6.19
C SER E 40 56.15 15.70 -6.55
N ASN E 41 56.60 16.92 -6.21
CA ASN E 41 57.97 17.30 -6.50
C ASN E 41 58.94 16.61 -5.56
N LYS E 42 58.48 15.89 -4.55
CA LYS E 42 59.33 15.01 -3.76
C LYS E 42 59.78 13.79 -4.58
N GLN E 43 59.05 13.46 -5.65
CA GLN E 43 59.37 12.29 -6.45
C GLN E 43 60.48 12.72 -7.41
N ASP E 44 61.06 11.77 -8.13
CA ASP E 44 62.20 12.06 -8.97
C ASP E 44 61.82 11.67 -10.38
N PRO E 45 60.87 12.38 -11.03
CA PRO E 45 60.46 12.02 -12.38
C PRO E 45 61.59 12.09 -13.40
N ASN E 46 62.57 12.98 -13.18
N ASN E 46 62.57 12.97 -13.19
CA ASN E 46 63.65 13.13 -14.15
CA ASN E 46 63.66 13.15 -14.13
C ASN E 46 64.49 11.86 -14.21
C ASN E 46 64.49 11.86 -14.21
N GLU E 47 64.60 11.13 -13.11
CA GLU E 47 65.32 9.87 -13.11
C GLU E 47 64.61 8.86 -14.03
N VAL E 48 63.26 8.85 -13.99
CA VAL E 48 62.50 7.95 -14.86
C VAL E 48 62.74 8.36 -16.31
N LYS E 49 62.68 9.66 -16.57
CA LYS E 49 62.93 10.22 -17.89
C LYS E 49 64.27 9.71 -18.43
N GLU E 50 65.32 9.78 -17.60
CA GLU E 50 66.65 9.37 -18.03
C GLU E 50 66.67 7.87 -18.33
N GLU E 51 65.97 7.06 -17.52
CA GLU E 51 65.95 5.63 -17.76
C GLU E 51 65.18 5.31 -19.05
N VAL E 52 64.09 6.04 -19.33
CA VAL E 52 63.35 5.84 -20.57
C VAL E 52 64.25 6.11 -21.77
N ILE E 53 64.99 7.23 -21.71
CA ILE E 53 65.86 7.61 -22.82
C ILE E 53 66.98 6.58 -22.98
N LYS E 54 67.58 6.17 -21.87
CA LYS E 54 68.65 5.19 -21.89
C LYS E 54 68.16 3.86 -22.48
N ALA E 55 66.88 3.50 -22.23
CA ALA E 55 66.32 2.25 -22.73
C ALA E 55 66.05 2.32 -24.24
N GLY E 56 65.98 3.53 -24.81
CA GLY E 56 65.81 3.68 -26.25
C GLY E 56 64.63 4.57 -26.66
N GLY E 57 63.98 5.24 -25.69
CA GLY E 57 62.81 6.03 -26.00
C GLY E 57 63.06 7.52 -25.91
N GLU E 58 61.97 8.29 -26.04
CA GLU E 58 61.93 9.70 -25.71
C GLU E 58 60.95 9.88 -24.57
N ALA E 59 61.10 10.95 -23.80
CA ALA E 59 60.31 11.16 -22.60
C ALA E 59 60.24 12.65 -22.25
N VAL E 60 59.08 13.05 -21.73
CA VAL E 60 58.87 14.34 -21.08
C VAL E 60 58.16 14.06 -19.77
N VAL E 61 58.29 14.99 -18.81
CA VAL E 61 57.67 14.81 -17.51
C VAL E 61 56.64 15.91 -17.34
N VAL E 62 55.54 15.62 -16.61
CA VAL E 62 54.51 16.60 -16.37
C VAL E 62 53.84 16.31 -15.04
N GLN E 63 53.79 17.33 -14.16
CA GLN E 63 53.12 17.17 -12.89
C GLN E 63 51.62 17.21 -13.12
N GLY E 64 50.87 16.42 -12.34
CA GLY E 64 49.42 16.46 -12.47
C GLY E 64 48.74 15.54 -11.45
N ASP E 65 47.65 16.07 -10.90
CA ASP E 65 46.79 15.38 -9.94
C ASP E 65 45.58 14.87 -10.72
N VAL E 66 45.39 13.54 -10.78
CA VAL E 66 44.33 12.98 -11.61
C VAL E 66 42.96 13.21 -10.99
N THR E 67 42.88 13.75 -9.77
CA THR E 67 41.58 14.17 -9.23
C THR E 67 41.21 15.58 -9.68
N LYS E 68 42.07 16.24 -10.48
CA LYS E 68 41.77 17.55 -11.01
C LYS E 68 41.59 17.48 -12.51
N GLU E 69 40.39 17.80 -12.95
CA GLU E 69 40.04 17.74 -14.35
C GLU E 69 41.06 18.48 -15.24
N GLU E 70 41.48 19.67 -14.80
CA GLU E 70 42.36 20.50 -15.62
C GLU E 70 43.73 19.84 -15.76
N ASP E 71 44.19 19.16 -14.71
CA ASP E 71 45.48 18.48 -14.73
C ASP E 71 45.44 17.29 -15.68
N VAL E 72 44.32 16.57 -15.71
CA VAL E 72 44.19 15.44 -16.61
C VAL E 72 44.21 15.94 -18.06
N LYS E 73 43.45 17.01 -18.35
CA LYS E 73 43.46 17.59 -19.68
C LYS E 73 44.88 17.98 -20.08
N ASN E 74 45.65 18.49 -19.12
CA ASN E 74 47.00 18.97 -19.37
C ASN E 74 47.97 17.81 -19.66
N ILE E 75 47.71 16.62 -19.08
CA ILE E 75 48.52 15.46 -19.40
C ILE E 75 48.38 15.14 -20.89
N VAL E 76 47.14 15.12 -21.38
CA VAL E 76 46.90 14.80 -22.77
C VAL E 76 47.50 15.89 -23.65
N GLN E 77 47.31 17.16 -23.27
CA GLN E 77 47.85 18.27 -24.06
C GLN E 77 49.37 18.22 -24.10
N THR E 78 50.01 17.74 -23.03
CA THR E 78 51.46 17.59 -23.01
C THR E 78 51.91 16.62 -24.11
N ALA E 79 51.19 15.49 -24.27
CA ALA E 79 51.53 14.56 -25.34
C ALA E 79 51.46 15.27 -26.70
N ILE E 80 50.36 16.00 -26.93
N ILE E 80 50.36 16.00 -26.93
CA ILE E 80 50.09 16.64 -28.20
CA ILE E 80 50.10 16.63 -28.21
C ILE E 80 51.17 17.69 -28.49
C ILE E 80 51.17 17.69 -28.49
N LYS E 81 51.48 18.52 -27.48
CA LYS E 81 52.41 19.62 -27.65
C LYS E 81 53.84 19.11 -27.82
N GLU E 82 54.25 18.11 -27.04
CA GLU E 82 55.63 17.67 -27.05
C GLU E 82 55.88 16.73 -28.24
N PHE E 83 54.91 15.87 -28.59
CA PHE E 83 55.19 14.79 -29.50
C PHE E 83 54.27 14.82 -30.73
N GLY E 84 53.22 15.63 -30.72
CA GLY E 84 52.40 15.82 -31.91
C GLY E 84 51.09 15.01 -31.90
N THR E 85 50.98 14.02 -31.01
CA THR E 85 49.82 13.13 -31.02
C THR E 85 49.76 12.38 -29.70
N LEU E 86 48.73 11.54 -29.54
CA LEU E 86 48.63 10.59 -28.45
C LEU E 86 48.11 9.28 -29.05
N ASP E 87 48.75 8.17 -28.68
CA ASP E 87 48.38 6.85 -29.22
C ASP E 87 47.83 5.93 -28.13
N ILE E 88 48.44 6.01 -26.94
CA ILE E 88 48.18 5.08 -25.85
C ILE E 88 48.05 5.86 -24.56
N MET E 89 46.96 5.63 -23.81
CA MET E 89 46.75 6.28 -22.53
C MET E 89 46.73 5.20 -21.47
N ILE E 90 47.58 5.34 -20.45
CA ILE E 90 47.64 4.37 -19.36
C ILE E 90 47.27 5.05 -18.04
N ASN E 91 46.06 4.75 -17.53
CA ASN E 91 45.62 5.31 -16.26
C ASN E 91 46.03 4.38 -15.13
N ASN E 92 47.09 4.75 -14.41
CA ASN E 92 47.78 3.85 -13.49
C ASN E 92 47.80 4.42 -12.06
N ALA E 93 47.69 5.73 -11.88
CA ALA E 93 47.68 6.33 -10.55
C ALA E 93 46.66 5.63 -9.66
N GLY E 94 47.03 5.41 -8.40
CA GLY E 94 46.11 4.78 -7.46
C GLY E 94 46.68 4.83 -6.05
N LEU E 95 45.80 4.61 -5.07
CA LEU E 95 46.21 4.46 -3.68
C LEU E 95 45.17 3.62 -2.92
N GLU E 96 45.55 3.22 -1.71
CA GLU E 96 44.70 2.44 -0.82
C GLU E 96 45.14 2.67 0.62
N ASN E 97 44.22 2.44 1.55
CA ASN E 97 44.56 2.44 2.96
C ASN E 97 43.54 1.57 3.68
N PRO E 98 43.94 0.76 4.68
CA PRO E 98 42.99 -0.15 5.35
C PRO E 98 42.18 0.49 6.47
N VAL E 99 40.87 0.27 6.45
CA VAL E 99 39.98 0.64 7.54
C VAL E 99 38.82 -0.35 7.54
N PRO E 100 38.39 -0.91 8.68
CA PRO E 100 37.17 -1.70 8.70
C PRO E 100 36.04 -0.91 8.05
N SER E 101 35.23 -1.57 7.22
CA SER E 101 34.27 -0.89 6.39
C SER E 101 33.25 -0.10 7.21
N HIS E 102 32.79 -0.66 8.36
CA HIS E 102 31.80 0.04 9.16
C HIS E 102 32.40 1.26 9.86
N GLU E 103 33.73 1.38 9.82
CA GLU E 103 34.43 2.54 10.40
C GLU E 103 35.04 3.44 9.32
N MET E 104 34.84 3.11 8.04
N MET E 104 34.84 3.10 8.04
CA MET E 104 35.54 3.80 6.97
CA MET E 104 35.55 3.79 6.98
C MET E 104 35.01 5.23 6.85
C MET E 104 35.02 5.21 6.85
N PRO E 105 35.85 6.27 7.07
CA PRO E 105 35.39 7.64 6.88
C PRO E 105 35.08 7.93 5.42
N LEU E 106 34.06 8.77 5.20
CA LEU E 106 33.69 9.15 3.87
C LEU E 106 34.86 9.85 3.16
N LYS E 107 35.70 10.58 3.91
CA LYS E 107 36.84 11.24 3.30
C LYS E 107 37.78 10.22 2.66
N ASP E 108 38.02 9.09 3.32
CA ASP E 108 38.93 8.06 2.81
C ASP E 108 38.30 7.38 1.60
N TRP E 109 37.00 7.07 1.69
CA TRP E 109 36.26 6.51 0.57
C TRP E 109 36.37 7.42 -0.65
N ASP E 110 36.10 8.73 -0.45
CA ASP E 110 36.09 9.69 -1.53
C ASP E 110 37.47 9.81 -2.18
N LYS E 111 38.54 9.78 -1.38
CA LYS E 111 39.86 9.96 -1.93
C LYS E 111 40.23 8.77 -2.83
N VAL E 112 39.88 7.55 -2.37
CA VAL E 112 40.22 6.37 -3.15
C VAL E 112 39.36 6.24 -4.40
N ILE E 113 38.05 6.47 -4.28
CA ILE E 113 37.18 6.48 -5.45
C ILE E 113 37.64 7.56 -6.44
N GLY E 114 37.96 8.75 -5.90
CA GLY E 114 38.33 9.88 -6.73
C GLY E 114 39.61 9.62 -7.53
N THR E 115 40.63 9.07 -6.86
CA THR E 115 41.92 8.85 -7.49
C THR E 115 41.84 7.65 -8.43
N ASN E 116 41.30 6.54 -7.90
CA ASN E 116 41.45 5.25 -8.57
C ASN E 116 40.44 5.09 -9.71
N LEU E 117 39.22 5.59 -9.53
CA LEU E 117 38.15 5.37 -10.48
C LEU E 117 37.88 6.64 -11.27
N THR E 118 37.54 7.73 -10.59
CA THR E 118 37.25 8.97 -11.30
C THR E 118 38.47 9.46 -12.10
N GLY E 119 39.67 9.31 -11.52
CA GLY E 119 40.88 9.66 -12.24
C GLY E 119 41.05 8.89 -13.55
N ALA E 120 40.74 7.61 -13.52
CA ALA E 120 40.82 6.77 -14.71
C ALA E 120 39.73 7.13 -15.71
N PHE E 121 38.54 7.49 -15.21
CA PHE E 121 37.47 7.98 -16.08
C PHE E 121 37.95 9.25 -16.81
N LEU E 122 38.50 10.21 -16.07
CA LEU E 122 38.92 11.47 -16.68
C LEU E 122 40.01 11.23 -17.74
N GLY E 123 41.01 10.41 -17.43
CA GLY E 123 42.08 10.12 -18.37
C GLY E 123 41.56 9.39 -19.62
N SER E 124 40.66 8.41 -19.41
CA SER E 124 40.04 7.71 -20.50
C SER E 124 39.23 8.67 -21.36
N ARG E 125 38.44 9.53 -20.71
CA ARG E 125 37.56 10.45 -21.40
C ARG E 125 38.40 11.38 -22.29
N GLU E 126 39.46 11.95 -21.72
CA GLU E 126 40.25 12.93 -22.46
C GLU E 126 41.03 12.27 -23.58
N ALA E 127 41.56 11.07 -23.37
CA ALA E 127 42.27 10.35 -24.42
C ALA E 127 41.32 9.99 -25.56
N ILE E 128 40.15 9.44 -25.22
CA ILE E 128 39.20 9.00 -26.25
C ILE E 128 38.67 10.21 -27.00
N LYS E 129 38.41 11.31 -26.31
CA LYS E 129 37.97 12.54 -26.97
C LYS E 129 38.97 12.90 -28.07
N TYR E 130 40.26 12.87 -27.72
CA TYR E 130 41.30 13.19 -28.68
C TYR E 130 41.32 12.18 -29.83
N PHE E 131 41.21 10.88 -29.51
CA PHE E 131 41.20 9.86 -30.54
C PHE E 131 40.05 10.05 -31.51
N VAL E 132 38.86 10.34 -30.98
CA VAL E 132 37.67 10.46 -31.80
C VAL E 132 37.78 11.69 -32.68
N GLU E 133 38.30 12.79 -32.13
CA GLU E 133 38.38 14.04 -32.86
C GLU E 133 39.42 13.98 -33.99
N ASN E 134 40.40 13.10 -33.88
CA ASN E 134 41.52 13.06 -34.81
C ASN E 134 41.61 11.73 -35.55
N ASP E 135 40.53 10.93 -35.50
CA ASP E 135 40.49 9.61 -36.15
C ASP E 135 41.72 8.78 -35.85
N ILE E 136 42.11 8.68 -34.58
CA ILE E 136 43.21 7.82 -34.16
C ILE E 136 42.63 6.52 -33.62
N LYS E 137 43.20 5.39 -34.06
CA LYS E 137 42.83 4.08 -33.55
C LYS E 137 43.67 3.84 -32.30
N GLY E 138 43.33 4.61 -31.26
CA GLY E 138 44.11 4.65 -30.05
C GLY E 138 43.77 3.50 -29.12
N ASN E 139 44.43 3.52 -27.97
CA ASN E 139 44.47 2.40 -27.04
C ASN E 139 44.43 3.01 -25.63
N VAL E 140 43.57 2.48 -24.76
CA VAL E 140 43.55 2.86 -23.35
C VAL E 140 43.80 1.60 -22.52
N ILE E 141 44.71 1.72 -21.55
CA ILE E 141 44.95 0.67 -20.59
C ILE E 141 44.69 1.24 -19.21
N ASN E 142 43.77 0.59 -18.46
CA ASN E 142 43.45 1.01 -17.12
C ASN E 142 44.05 0.00 -16.15
N MET E 143 44.82 0.50 -15.16
CA MET E 143 45.44 -0.38 -14.20
C MET E 143 44.43 -0.71 -13.10
N SER E 144 44.01 -1.97 -13.11
CA SER E 144 43.05 -2.45 -12.14
C SER E 144 43.80 -3.25 -11.09
N SER E 145 43.22 -4.40 -10.70
CA SER E 145 43.73 -5.22 -9.62
C SER E 145 42.97 -6.55 -9.65
N VAL E 146 43.54 -7.59 -9.04
CA VAL E 146 42.78 -8.77 -8.72
C VAL E 146 41.49 -8.37 -7.96
N HIS E 147 41.52 -7.23 -7.27
CA HIS E 147 40.38 -6.80 -6.46
C HIS E 147 39.27 -6.13 -7.27
N GLU E 148 39.30 -6.22 -8.61
CA GLU E 148 38.07 -6.02 -9.36
C GLU E 148 37.18 -7.27 -9.33
N VAL E 149 37.72 -8.41 -8.88
N VAL E 149 37.71 -8.41 -8.88
CA VAL E 149 36.93 -9.62 -8.69
CA VAL E 149 36.95 -9.64 -8.72
C VAL E 149 37.05 -10.16 -7.26
C VAL E 149 37.05 -10.16 -7.28
N ILE E 150 38.24 -10.07 -6.66
CA ILE E 150 38.46 -10.55 -5.31
C ILE E 150 38.03 -9.48 -4.32
N PRO E 151 37.05 -9.78 -3.43
CA PRO E 151 36.68 -8.85 -2.38
C PRO E 151 37.85 -8.53 -1.48
N TRP E 152 37.81 -7.37 -0.80
CA TRP E 152 38.98 -6.97 -0.02
C TRP E 152 38.56 -6.28 1.27
N PRO E 153 38.21 -7.05 2.32
CA PRO E 153 37.92 -6.50 3.64
C PRO E 153 39.04 -5.55 4.06
N LEU E 154 38.61 -4.43 4.67
CA LEU E 154 39.45 -3.31 5.09
C LEU E 154 39.73 -2.36 3.94
N PHE E 155 39.42 -2.76 2.69
CA PHE E 155 39.71 -1.94 1.53
C PHE E 155 38.47 -1.85 0.64
N VAL E 156 37.31 -1.60 1.24
CA VAL E 156 36.06 -1.61 0.50
C VAL E 156 36.07 -0.53 -0.58
N HIS E 157 36.69 0.61 -0.29
CA HIS E 157 36.84 1.69 -1.26
C HIS E 157 37.65 1.26 -2.47
N TYR E 158 38.78 0.59 -2.22
CA TYR E 158 39.63 0.14 -3.30
C TYR E 158 38.93 -0.89 -4.16
N ALA E 159 38.29 -1.86 -3.52
CA ALA E 159 37.59 -2.90 -4.27
C ALA E 159 36.49 -2.28 -5.11
N ALA E 160 35.69 -1.39 -4.53
CA ALA E 160 34.66 -0.69 -5.28
C ALA E 160 35.27 0.09 -6.45
N SER E 161 36.42 0.74 -6.22
CA SER E 161 37.02 1.55 -7.27
C SER E 161 37.40 0.68 -8.47
N LYS E 162 37.92 -0.53 -8.21
CA LYS E 162 38.40 -1.39 -9.28
C LYS E 162 37.23 -2.14 -9.93
N GLY E 163 36.24 -2.57 -9.12
CA GLY E 163 35.02 -3.12 -9.69
C GLY E 163 34.35 -2.11 -10.64
N GLY E 164 34.36 -0.83 -10.23
CA GLY E 164 33.84 0.24 -11.05
C GLY E 164 34.66 0.44 -12.32
N MET E 165 35.98 0.40 -12.15
CA MET E 165 36.89 0.55 -13.28
C MET E 165 36.63 -0.54 -14.33
N LYS E 166 36.37 -1.78 -13.89
CA LYS E 166 36.04 -2.87 -14.80
C LYS E 166 34.87 -2.50 -15.69
N LEU E 167 33.76 -2.03 -15.10
CA LEU E 167 32.58 -1.76 -15.92
C LEU E 167 32.76 -0.50 -16.74
N MET E 168 33.56 0.44 -16.24
CA MET E 168 33.90 1.64 -17.01
C MET E 168 34.65 1.22 -18.26
N THR E 169 35.71 0.43 -18.08
CA THR E 169 36.51 -0.06 -19.19
C THR E 169 35.64 -0.81 -20.20
N LYS E 170 34.79 -1.73 -19.73
CA LYS E 170 34.02 -2.54 -20.66
C LYS E 170 33.05 -1.67 -21.44
N THR E 171 32.46 -0.68 -20.78
CA THR E 171 31.54 0.25 -21.42
C THR E 171 32.25 1.05 -22.50
N LEU E 172 33.42 1.63 -22.17
CA LEU E 172 34.17 2.38 -23.15
C LEU E 172 34.60 1.48 -24.31
N ALA E 173 35.05 0.25 -24.01
CA ALA E 173 35.43 -0.67 -25.06
C ALA E 173 34.27 -0.92 -26.02
N LEU E 174 33.07 -1.20 -25.48
CA LEU E 174 31.92 -1.43 -26.36
C LEU E 174 31.59 -0.19 -27.17
N GLU E 175 31.58 0.96 -26.50
CA GLU E 175 31.15 2.21 -27.11
C GLU E 175 32.09 2.63 -28.26
N TYR E 176 33.40 2.40 -28.12
CA TYR E 176 34.37 2.94 -29.08
C TYR E 176 34.99 1.86 -29.95
N ALA E 177 34.62 0.58 -29.75
CA ALA E 177 35.13 -0.49 -30.60
C ALA E 177 34.90 -0.18 -32.08
N PRO E 178 33.74 0.36 -32.51
CA PRO E 178 33.50 0.61 -33.93
C PRO E 178 34.49 1.58 -34.57
N LYS E 179 35.13 2.41 -33.75
CA LYS E 179 36.13 3.36 -34.23
C LYS E 179 37.54 2.80 -34.13
N GLY E 180 37.69 1.53 -33.76
CA GLY E 180 38.98 0.89 -33.69
C GLY E 180 39.79 1.29 -32.46
N ILE E 181 39.13 1.88 -31.45
CA ILE E 181 39.80 2.23 -30.20
C ILE E 181 39.61 1.05 -29.24
N ARG E 182 40.71 0.51 -28.71
CA ARG E 182 40.64 -0.59 -27.77
C ARG E 182 40.84 -0.06 -26.35
N VAL E 183 40.14 -0.67 -25.40
CA VAL E 183 40.21 -0.29 -24.00
C VAL E 183 40.23 -1.56 -23.17
N ASN E 184 41.27 -1.71 -22.35
CA ASN E 184 41.46 -2.94 -21.57
C ASN E 184 41.98 -2.62 -20.18
N ASN E 185 41.76 -3.54 -19.25
CA ASN E 185 42.35 -3.49 -17.91
C ASN E 185 43.47 -4.51 -17.80
N ILE E 186 44.44 -4.16 -16.95
CA ILE E 186 45.37 -5.13 -16.38
C ILE E 186 45.01 -5.33 -14.92
N GLY E 187 45.03 -6.59 -14.48
CA GLY E 187 44.73 -6.94 -13.11
C GLY E 187 45.91 -7.59 -12.39
N PRO E 188 46.84 -6.80 -11.81
CA PRO E 188 47.95 -7.38 -11.08
C PRO E 188 47.52 -7.99 -9.76
N GLY E 189 48.20 -9.06 -9.37
CA GLY E 189 48.19 -9.56 -8.01
C GLY E 189 49.21 -8.79 -7.17
N ALA E 190 49.91 -9.50 -6.30
CA ALA E 190 50.92 -8.86 -5.44
C ALA E 190 52.19 -8.68 -6.24
N ILE E 191 52.62 -7.41 -6.35
CA ILE E 191 53.80 -7.03 -7.10
C ILE E 191 54.76 -6.27 -6.17
N ASN E 192 56.04 -6.57 -6.33
CA ASN E 192 57.11 -6.03 -5.51
C ASN E 192 57.46 -4.63 -5.95
N THR E 193 56.55 -3.68 -5.72
CA THR E 193 56.85 -2.27 -5.91
C THR E 193 57.33 -1.72 -4.58
N THR E 194 58.02 -0.57 -4.64
CA THR E 194 58.59 0.05 -3.44
C THR E 194 57.49 0.39 -2.44
N ILE E 195 56.27 0.72 -2.87
CA ILE E 195 55.18 1.00 -1.93
C ILE E 195 54.92 -0.19 -1.00
N ASN E 196 55.23 -1.42 -1.44
CA ASN E 196 54.97 -2.63 -0.68
C ASN E 196 56.19 -3.11 0.12
N ALA E 197 57.30 -2.37 0.02
CA ALA E 197 58.59 -2.88 0.48
C ALA E 197 58.57 -3.04 2.00
N GLU E 198 57.86 -2.15 2.71
CA GLU E 198 57.66 -2.24 4.15
C GLU E 198 57.12 -3.63 4.53
N LYS E 199 55.92 -3.87 3.98
CA LYS E 199 55.18 -5.08 4.26
C LYS E 199 56.04 -6.30 4.00
N PHE E 200 56.68 -6.35 2.82
CA PHE E 200 57.40 -7.53 2.39
C PHE E 200 58.78 -7.63 3.04
N ALA E 201 59.20 -6.57 3.75
CA ALA E 201 60.44 -6.62 4.53
C ALA E 201 60.25 -7.51 5.76
N ASP E 202 59.03 -7.50 6.30
CA ASP E 202 58.65 -8.37 7.40
C ASP E 202 58.51 -9.80 6.87
N PRO E 203 59.41 -10.75 7.19
CA PRO E 203 59.37 -12.10 6.61
C PRO E 203 58.07 -12.85 6.84
N LYS E 204 57.38 -12.54 7.94
CA LYS E 204 56.10 -13.19 8.23
C LYS E 204 55.04 -12.73 7.23
N GLN E 205 54.97 -11.42 6.97
CA GLN E 205 53.98 -10.90 6.05
C GLN E 205 54.34 -11.31 4.62
N LYS E 206 55.62 -11.36 4.28
CA LYS E 206 56.05 -11.85 2.97
C LYS E 206 55.59 -13.29 2.79
N ALA E 207 55.78 -14.14 3.80
CA ALA E 207 55.42 -15.55 3.71
C ALA E 207 53.89 -15.72 3.63
N ASP E 208 53.16 -14.88 4.39
N ASP E 208 53.16 -14.88 4.39
CA ASP E 208 51.71 -14.93 4.36
CA ASP E 208 51.70 -14.92 4.36
C ASP E 208 51.18 -14.60 2.96
C ASP E 208 51.17 -14.59 2.96
N VAL E 209 51.71 -13.52 2.36
CA VAL E 209 51.29 -13.14 1.02
C VAL E 209 51.68 -14.23 0.03
N GLU E 210 52.87 -14.81 0.15
CA GLU E 210 53.31 -15.85 -0.77
C GLU E 210 52.41 -17.07 -0.66
N SER E 211 51.87 -17.34 0.53
CA SER E 211 50.97 -18.48 0.74
C SER E 211 49.63 -18.30 0.00
N MET E 212 49.33 -17.08 -0.44
CA MET E 212 48.12 -16.78 -1.17
C MET E 212 48.36 -16.72 -2.68
N ILE E 213 49.60 -17.00 -3.10
CA ILE E 213 49.96 -16.92 -4.50
C ILE E 213 50.30 -18.32 -4.97
N PRO E 214 49.46 -18.97 -5.79
CA PRO E 214 49.76 -20.33 -6.23
C PRO E 214 51.15 -20.52 -6.85
N MET E 215 51.62 -19.56 -7.64
CA MET E 215 52.94 -19.69 -8.23
C MET E 215 54.06 -19.51 -7.20
N GLY E 216 53.73 -19.02 -6.01
CA GLY E 216 54.63 -19.07 -4.86
C GLY E 216 55.59 -17.89 -4.75
N TYR E 217 55.48 -16.89 -5.62
CA TYR E 217 56.36 -15.74 -5.57
C TYR E 217 55.57 -14.47 -5.87
N ILE E 218 56.02 -13.37 -5.26
CA ILE E 218 55.52 -12.04 -5.51
C ILE E 218 56.10 -11.56 -6.84
N GLY E 219 55.25 -11.03 -7.71
CA GLY E 219 55.68 -10.65 -9.05
C GLY E 219 56.57 -9.42 -9.04
N GLU E 220 57.31 -9.24 -10.13
CA GLU E 220 58.14 -8.06 -10.32
C GLU E 220 57.45 -7.08 -11.25
N PRO E 221 57.68 -5.76 -11.09
CA PRO E 221 57.03 -4.76 -11.92
C PRO E 221 57.15 -4.99 -13.43
N GLU E 222 58.30 -5.55 -13.85
CA GLU E 222 58.54 -5.81 -15.26
C GLU E 222 57.52 -6.82 -15.82
N GLU E 223 56.99 -7.68 -14.96
CA GLU E 223 56.03 -8.70 -15.39
C GLU E 223 54.67 -8.06 -15.71
N ILE E 224 54.40 -6.90 -15.12
CA ILE E 224 53.20 -6.13 -15.42
C ILE E 224 53.47 -5.24 -16.62
N ALA E 225 54.65 -4.61 -16.68
CA ALA E 225 54.98 -3.80 -17.84
C ALA E 225 54.92 -4.62 -19.14
N ALA E 226 55.26 -5.91 -19.06
CA ALA E 226 55.19 -6.80 -20.22
C ALA E 226 53.75 -6.88 -20.75
N VAL E 227 52.80 -6.94 -19.83
CA VAL E 227 51.39 -7.04 -20.20
C VAL E 227 50.95 -5.75 -20.89
N ALA E 228 51.36 -4.59 -20.36
CA ALA E 228 50.98 -3.31 -20.92
C ALA E 228 51.52 -3.17 -22.35
N ALA E 229 52.78 -3.56 -22.55
CA ALA E 229 53.38 -3.41 -23.86
C ALA E 229 52.61 -4.27 -24.87
N TRP E 230 52.27 -5.50 -24.48
CA TRP E 230 51.54 -6.40 -25.37
C TRP E 230 50.17 -5.84 -25.73
N LEU E 231 49.39 -5.45 -24.71
CA LEU E 231 48.04 -4.96 -24.94
C LEU E 231 48.02 -3.74 -25.85
N ALA E 232 49.03 -2.86 -25.72
CA ALA E 232 49.10 -1.64 -26.50
C ALA E 232 49.50 -1.91 -27.95
N SER E 233 50.14 -3.06 -28.19
CA SER E 233 50.68 -3.40 -29.51
C SER E 233 49.59 -3.96 -30.41
N LYS E 234 49.91 -4.04 -31.71
CA LYS E 234 49.00 -4.64 -32.67
C LYS E 234 48.92 -6.17 -32.52
N GLU E 235 49.78 -6.79 -31.72
CA GLU E 235 49.62 -8.20 -31.41
C GLU E 235 48.25 -8.46 -30.77
N ALA E 236 47.78 -7.49 -29.98
CA ALA E 236 46.49 -7.58 -29.30
C ALA E 236 45.39 -6.89 -30.12
N SER E 237 45.49 -6.94 -31.47
CA SER E 237 44.60 -6.19 -32.34
C SER E 237 43.12 -6.56 -32.15
N TYR E 238 42.81 -7.81 -31.78
CA TYR E 238 41.42 -8.25 -31.67
C TYR E 238 40.96 -8.31 -30.21
N VAL E 239 41.73 -7.70 -29.31
CA VAL E 239 41.49 -7.81 -27.87
C VAL E 239 40.99 -6.48 -27.33
N THR E 240 39.73 -6.44 -26.87
CA THR E 240 39.20 -5.24 -26.26
C THR E 240 38.18 -5.61 -25.19
N GLY E 241 38.14 -4.77 -24.16
CA GLY E 241 37.19 -4.89 -23.07
C GLY E 241 37.57 -5.96 -22.06
N ILE E 242 38.80 -6.49 -22.12
CA ILE E 242 39.18 -7.57 -21.22
C ILE E 242 39.83 -7.01 -19.97
N THR E 243 39.91 -7.87 -18.96
CA THR E 243 40.88 -7.70 -17.90
C THR E 243 41.89 -8.84 -17.99
N LEU E 244 43.15 -8.50 -18.20
CA LEU E 244 44.20 -9.49 -18.25
C LEU E 244 44.85 -9.57 -16.87
N PHE E 245 44.52 -10.64 -16.14
CA PHE E 245 45.03 -10.84 -14.81
C PHE E 245 46.45 -11.39 -14.88
N ALA E 246 47.34 -10.78 -14.11
CA ALA E 246 48.72 -11.22 -14.00
C ALA E 246 49.03 -11.28 -12.51
N ASP E 247 48.75 -12.44 -11.92
CA ASP E 247 48.57 -12.53 -10.48
C ASP E 247 49.15 -13.80 -9.88
N GLY E 248 49.93 -14.57 -10.65
CA GLY E 248 50.47 -15.83 -10.15
C GLY E 248 49.40 -16.82 -9.68
N GLY E 249 48.16 -16.60 -10.11
CA GLY E 249 47.07 -17.49 -9.76
C GLY E 249 46.19 -17.04 -8.59
N MET E 250 46.34 -15.81 -8.07
CA MET E 250 45.54 -15.36 -6.93
C MET E 250 44.03 -15.51 -7.17
N THR E 251 43.55 -15.18 -8.38
CA THR E 251 42.12 -15.24 -8.65
C THR E 251 41.60 -16.69 -8.74
N LEU E 252 42.47 -17.70 -8.60
CA LEU E 252 42.05 -19.09 -8.64
C LEU E 252 41.65 -19.66 -7.28
N TYR E 253 41.56 -18.82 -6.24
CA TYR E 253 41.08 -19.21 -4.91
C TYR E 253 42.16 -20.03 -4.20
N PRO E 254 43.19 -19.37 -3.67
CA PRO E 254 44.30 -20.09 -3.08
C PRO E 254 43.95 -20.94 -1.85
N SER E 255 42.84 -20.64 -1.18
CA SER E 255 42.42 -21.48 -0.06
C SER E 255 42.09 -22.90 -0.53
N PHE E 256 41.84 -23.12 -1.84
CA PHE E 256 41.40 -24.45 -2.28
C PHE E 256 42.53 -25.32 -2.83
N GLN E 257 43.78 -24.89 -2.70
CA GLN E 257 44.91 -25.74 -3.07
C GLN E 257 44.84 -27.08 -2.34
N ALA E 258 45.33 -28.15 -2.99
CA ALA E 258 45.43 -29.47 -2.34
C ALA E 258 46.40 -29.39 -1.16
N GLY E 259 47.55 -28.74 -1.37
CA GLY E 259 48.58 -28.56 -0.37
C GLY E 259 48.82 -27.08 -0.17
N MET F 1 59.96 -12.82 -32.30
CA MET F 1 59.47 -11.73 -31.44
C MET F 1 59.78 -12.05 -29.98
N TYR F 2 59.55 -13.32 -29.59
CA TYR F 2 59.74 -13.77 -28.22
C TYR F 2 60.99 -14.64 -28.17
N PRO F 3 62.16 -14.10 -27.77
CA PRO F 3 63.41 -14.86 -27.90
C PRO F 3 63.43 -16.17 -27.12
N ASP F 4 62.70 -16.22 -26.00
CA ASP F 4 62.69 -17.39 -25.15
C ASP F 4 61.94 -18.55 -25.81
N LEU F 5 61.17 -18.33 -26.88
CA LEU F 5 60.46 -19.41 -27.55
C LEU F 5 61.40 -20.19 -28.49
N LYS F 6 62.55 -19.60 -28.84
CA LYS F 6 63.43 -20.26 -29.79
C LYS F 6 63.87 -21.61 -29.22
N GLY F 7 63.64 -22.67 -30.01
CA GLY F 7 64.05 -24.01 -29.64
C GLY F 7 63.10 -24.71 -28.68
N LYS F 8 62.05 -24.00 -28.20
CA LYS F 8 61.03 -24.65 -27.39
C LYS F 8 60.24 -25.64 -28.25
N VAL F 9 59.81 -26.73 -27.62
CA VAL F 9 59.03 -27.75 -28.29
C VAL F 9 57.55 -27.55 -27.95
N VAL F 10 56.76 -27.32 -29.00
CA VAL F 10 55.33 -27.10 -28.86
C VAL F 10 54.58 -28.16 -29.66
N ALA F 11 53.64 -28.83 -29.01
CA ALA F 11 52.72 -29.76 -29.66
C ALA F 11 51.33 -29.12 -29.75
N ILE F 12 50.70 -29.26 -30.92
CA ILE F 12 49.45 -28.59 -31.22
C ILE F 12 48.48 -29.60 -31.80
N THR F 13 47.30 -29.75 -31.17
CA THR F 13 46.28 -30.63 -31.72
C THR F 13 45.42 -29.83 -32.70
N GLY F 14 44.86 -30.53 -33.68
CA GLY F 14 44.09 -29.89 -34.74
C GLY F 14 44.91 -28.92 -35.57
N ALA F 15 46.20 -29.25 -35.79
CA ALA F 15 47.13 -28.30 -36.34
C ALA F 15 47.20 -28.34 -37.87
N ALA F 16 46.41 -29.18 -38.53
CA ALA F 16 46.44 -29.22 -39.99
C ALA F 16 45.45 -28.23 -40.60
N SER F 17 44.67 -27.50 -39.80
CA SER F 17 43.72 -26.54 -40.37
C SER F 17 43.57 -25.34 -39.44
N GLY F 18 43.00 -24.26 -39.97
CA GLY F 18 42.40 -23.20 -39.15
C GLY F 18 43.36 -22.64 -38.10
N LEU F 19 42.86 -22.47 -36.87
CA LEU F 19 43.64 -21.81 -35.83
C LEU F 19 44.89 -22.63 -35.49
N GLY F 20 44.77 -23.95 -35.47
CA GLY F 20 45.89 -24.80 -35.12
C GLY F 20 47.04 -24.65 -36.12
N LYS F 21 46.68 -24.61 -37.40
CA LYS F 21 47.66 -24.36 -38.46
C LYS F 21 48.30 -22.99 -38.30
N ALA F 22 47.49 -21.95 -38.05
CA ALA F 22 48.03 -20.61 -37.87
C ALA F 22 48.98 -20.57 -36.66
N MET F 23 48.64 -21.29 -35.59
CA MET F 23 49.50 -21.33 -34.42
C MET F 23 50.81 -22.06 -34.76
N ALA F 24 50.72 -23.17 -35.49
CA ALA F 24 51.92 -23.91 -35.87
C ALA F 24 52.87 -22.97 -36.63
N ILE F 25 52.34 -22.24 -37.58
CA ILE F 25 53.13 -21.35 -38.43
C ILE F 25 53.71 -20.21 -37.59
N ARG F 26 52.93 -19.63 -36.68
CA ARG F 26 53.44 -18.57 -35.83
C ARG F 26 54.55 -19.09 -34.93
N PHE F 27 54.41 -20.28 -34.36
CA PHE F 27 55.49 -20.83 -33.55
C PHE F 27 56.73 -21.10 -34.40
N GLY F 28 56.53 -21.41 -35.68
CA GLY F 28 57.64 -21.47 -36.62
C GLY F 28 58.37 -20.12 -36.72
N LYS F 29 57.61 -19.04 -36.81
CA LYS F 29 58.17 -17.71 -36.90
C LYS F 29 58.99 -17.41 -35.63
N GLU F 30 58.59 -18.00 -34.49
CA GLU F 30 59.32 -17.83 -33.23
C GLU F 30 60.50 -18.80 -33.12
N GLN F 31 60.74 -19.59 -34.18
CA GLN F 31 61.86 -20.54 -34.22
C GLN F 31 61.69 -21.66 -33.19
N ALA F 32 60.43 -22.06 -32.97
CA ALA F 32 60.16 -23.21 -32.13
C ALA F 32 60.21 -24.49 -32.95
N LYS F 33 60.14 -25.61 -32.22
CA LYS F 33 60.06 -26.94 -32.80
C LYS F 33 58.62 -27.44 -32.61
N VAL F 34 57.92 -27.68 -33.71
CA VAL F 34 56.47 -27.89 -33.66
C VAL F 34 56.11 -29.33 -33.97
N VAL F 35 55.30 -29.94 -33.09
CA VAL F 35 54.67 -31.22 -33.36
C VAL F 35 53.25 -30.92 -33.85
N ILE F 36 53.01 -31.21 -35.14
CA ILE F 36 51.74 -30.94 -35.81
C ILE F 36 50.91 -32.21 -35.74
N ASN F 37 49.93 -32.22 -34.82
CA ASN F 37 48.94 -33.28 -34.79
C ASN F 37 47.88 -33.00 -35.85
N TYR F 38 47.52 -34.06 -36.58
CA TYR F 38 46.46 -33.98 -37.57
C TYR F 38 45.56 -35.19 -37.41
N TYR F 39 44.35 -35.06 -37.97
CA TYR F 39 43.30 -36.02 -37.74
C TYR F 39 43.17 -37.00 -38.90
N SER F 40 43.17 -36.46 -40.13
CA SER F 40 43.06 -37.31 -41.31
C SER F 40 44.05 -36.91 -42.38
N ASN F 41 44.64 -37.83 -43.13
CA ASN F 41 45.65 -37.38 -44.11
C ASN F 41 44.97 -36.74 -45.34
N LYS F 42 43.64 -36.78 -45.41
CA LYS F 42 42.85 -35.92 -46.31
C LYS F 42 43.07 -34.42 -46.04
N GLN F 43 43.42 -34.09 -44.80
CA GLN F 43 44.17 -32.87 -44.53
C GLN F 43 45.58 -33.18 -45.03
N ASP F 44 46.36 -32.14 -45.22
CA ASP F 44 47.64 -32.21 -45.89
C ASP F 44 48.62 -31.69 -44.86
N PRO F 45 48.91 -32.46 -43.78
CA PRO F 45 49.79 -31.97 -42.74
C PRO F 45 51.20 -31.64 -43.23
N ASN F 46 51.68 -32.33 -44.28
CA ASN F 46 53.04 -32.07 -44.74
C ASN F 46 53.17 -30.65 -45.28
N GLU F 47 52.08 -30.12 -45.86
CA GLU F 47 52.08 -28.75 -46.33
C GLU F 47 52.25 -27.79 -45.13
N VAL F 48 51.60 -28.08 -44.00
CA VAL F 48 51.74 -27.25 -42.82
C VAL F 48 53.19 -27.34 -42.32
N LYS F 49 53.73 -28.56 -42.30
CA LYS F 49 55.11 -28.78 -41.90
C LYS F 49 56.04 -27.89 -42.71
N GLU F 50 55.84 -27.85 -44.03
CA GLU F 50 56.71 -27.05 -44.89
C GLU F 50 56.56 -25.56 -44.57
N GLU F 51 55.32 -25.11 -44.30
CA GLU F 51 55.11 -23.71 -43.96
C GLU F 51 55.76 -23.35 -42.61
N VAL F 52 55.72 -24.26 -41.64
CA VAL F 52 56.37 -24.03 -40.36
C VAL F 52 57.88 -23.85 -40.56
N ILE F 53 58.46 -24.74 -41.38
CA ILE F 53 59.89 -24.70 -41.65
C ILE F 53 60.24 -23.39 -42.39
N LYS F 54 59.45 -23.04 -43.39
CA LYS F 54 59.66 -21.84 -44.16
C LYS F 54 59.56 -20.59 -43.27
N ALA F 55 58.69 -20.62 -42.25
CA ALA F 55 58.54 -19.49 -41.33
C ALA F 55 59.74 -19.36 -40.40
N GLY F 56 60.54 -20.42 -40.22
CA GLY F 56 61.75 -20.35 -39.44
C GLY F 56 61.89 -21.43 -38.37
N GLY F 57 60.97 -22.40 -38.34
CA GLY F 57 60.96 -23.41 -37.30
C GLY F 57 61.39 -24.78 -37.78
N GLU F 58 61.22 -25.77 -36.90
CA GLU F 58 61.29 -27.18 -37.24
C GLU F 58 59.91 -27.79 -36.98
N ALA F 59 59.61 -28.92 -37.64
CA ALA F 59 58.29 -29.50 -37.55
C ALA F 59 58.32 -30.99 -37.87
N VAL F 60 57.49 -31.75 -37.15
CA VAL F 60 57.14 -33.12 -37.50
C VAL F 60 55.62 -33.22 -37.45
N VAL F 61 55.07 -34.24 -38.12
CA VAL F 61 53.63 -34.45 -38.14
C VAL F 61 53.33 -35.77 -37.43
N VAL F 62 52.16 -35.86 -36.78
CA VAL F 62 51.73 -37.08 -36.14
C VAL F 62 50.20 -37.16 -36.20
N GLN F 63 49.69 -38.27 -36.73
CA GLN F 63 48.26 -38.49 -36.77
C GLN F 63 47.77 -38.88 -35.39
N GLY F 64 46.56 -38.40 -35.04
CA GLY F 64 46.02 -38.78 -33.74
C GLY F 64 44.62 -38.22 -33.54
N ASP F 65 43.78 -39.06 -32.94
CA ASP F 65 42.43 -38.71 -32.54
C ASP F 65 42.43 -38.43 -31.05
N VAL F 66 42.11 -37.19 -30.64
CA VAL F 66 42.23 -36.79 -29.24
C VAL F 66 41.15 -37.42 -28.37
N THR F 67 40.19 -38.14 -28.96
CA THR F 67 39.25 -38.93 -28.15
C THR F 67 39.81 -40.31 -27.82
N LYS F 68 41.03 -40.62 -28.28
CA LYS F 68 41.67 -41.90 -27.99
C LYS F 68 42.91 -41.64 -27.13
N GLU F 69 42.84 -42.18 -25.92
CA GLU F 69 43.84 -41.93 -24.91
C GLU F 69 45.27 -42.19 -25.43
N GLU F 70 45.42 -43.31 -26.14
CA GLU F 70 46.75 -43.70 -26.58
C GLU F 70 47.25 -42.77 -27.66
N ASP F 71 46.38 -42.19 -28.48
CA ASP F 71 46.76 -41.25 -29.51
C ASP F 71 47.29 -39.95 -28.88
N VAL F 72 46.64 -39.51 -27.80
CA VAL F 72 47.12 -38.31 -27.11
C VAL F 72 48.49 -38.57 -26.49
N LYS F 73 48.65 -39.72 -25.81
CA LYS F 73 49.94 -40.09 -25.25
C LYS F 73 51.02 -40.09 -26.33
N ASN F 74 50.66 -40.56 -27.53
CA ASN F 74 51.59 -40.69 -28.64
C ASN F 74 51.98 -39.33 -29.21
N ILE F 75 51.10 -38.32 -29.11
CA ILE F 75 51.48 -36.98 -29.51
C ILE F 75 52.62 -36.49 -28.62
N VAL F 76 52.49 -36.66 -27.31
CA VAL F 76 53.53 -36.22 -26.39
C VAL F 76 54.79 -37.05 -26.64
N GLN F 77 54.67 -38.36 -26.83
CA GLN F 77 55.84 -39.21 -27.08
C GLN F 77 56.55 -38.80 -28.36
N THR F 78 55.79 -38.35 -29.36
CA THR F 78 56.38 -37.88 -30.61
C THR F 78 57.27 -36.67 -30.35
N ALA F 79 56.83 -35.72 -29.51
CA ALA F 79 57.66 -34.59 -29.14
C ALA F 79 58.96 -35.07 -28.51
N ILE F 80 58.87 -36.00 -27.56
CA ILE F 80 60.02 -36.47 -26.82
C ILE F 80 61.00 -37.18 -27.78
N LYS F 81 60.47 -38.05 -28.63
CA LYS F 81 61.29 -38.84 -29.54
C LYS F 81 61.92 -37.97 -30.62
N GLU F 82 61.17 -37.04 -31.20
CA GLU F 82 61.68 -36.27 -32.33
C GLU F 82 62.53 -35.09 -31.86
N PHE F 83 62.19 -34.46 -30.71
CA PHE F 83 62.85 -33.22 -30.33
C PHE F 83 63.52 -33.28 -28.97
N GLY F 84 63.28 -34.34 -28.20
CA GLY F 84 64.00 -34.55 -26.95
C GLY F 84 63.24 -34.11 -25.70
N THR F 85 62.16 -33.33 -25.86
CA THR F 85 61.45 -32.77 -24.72
C THR F 85 60.10 -32.24 -25.19
N LEU F 86 59.33 -31.72 -24.23
CA LEU F 86 58.10 -30.99 -24.54
C LEU F 86 58.07 -29.78 -23.61
N ASP F 87 57.74 -28.61 -24.17
CA ASP F 87 57.71 -27.38 -23.40
C ASP F 87 56.30 -26.77 -23.32
N ILE F 88 55.55 -26.90 -24.40
CA ILE F 88 54.26 -26.22 -24.57
C ILE F 88 53.29 -27.22 -25.19
N MET F 89 52.08 -27.36 -24.58
CA MET F 89 51.04 -28.21 -25.13
C MET F 89 49.84 -27.32 -25.47
N ILE F 90 49.37 -27.40 -26.72
CA ILE F 90 48.23 -26.60 -27.16
C ILE F 90 47.09 -27.53 -27.59
N ASN F 91 46.04 -27.60 -26.78
CA ASN F 91 44.88 -28.44 -27.07
C ASN F 91 43.85 -27.61 -27.83
N ASN F 92 43.81 -27.80 -29.16
CA ASN F 92 43.05 -26.94 -30.05
C ASN F 92 41.97 -27.71 -30.82
N ALA F 93 42.10 -29.03 -31.00
CA ALA F 93 41.09 -29.79 -31.73
C ALA F 93 39.69 -29.51 -31.19
N GLY F 94 38.72 -29.41 -32.11
CA GLY F 94 37.34 -29.21 -31.68
C GLY F 94 36.36 -29.37 -32.83
N LEU F 95 35.08 -29.52 -32.48
CA LEU F 95 34.01 -29.50 -33.47
C LEU F 95 32.70 -29.04 -32.83
N GLU F 96 31.71 -28.75 -33.69
CA GLU F 96 30.39 -28.32 -33.26
C GLU F 96 29.37 -28.63 -34.35
N ASN F 97 28.11 -28.81 -33.97
CA ASN F 97 27.02 -28.96 -34.91
C ASN F 97 25.74 -28.47 -34.24
N PRO F 98 24.84 -27.76 -34.95
CA PRO F 98 23.62 -27.21 -34.35
C PRO F 98 22.47 -28.20 -34.28
N VAL F 99 21.83 -28.30 -33.10
CA VAL F 99 20.61 -29.04 -32.93
C VAL F 99 19.83 -28.35 -31.81
N PRO F 100 18.51 -28.14 -31.93
CA PRO F 100 17.72 -27.68 -30.80
C PRO F 100 17.99 -28.55 -29.58
N SER F 101 18.19 -27.90 -28.41
CA SER F 101 18.71 -28.61 -27.26
C SER F 101 17.82 -29.77 -26.84
N HIS F 102 16.48 -29.58 -26.89
CA HIS F 102 15.56 -30.62 -26.46
C HIS F 102 15.54 -31.81 -27.43
N GLU F 103 16.16 -31.62 -28.61
CA GLU F 103 16.29 -32.70 -29.59
C GLU F 103 17.73 -33.18 -29.74
N MET F 104 18.65 -32.66 -28.93
CA MET F 104 20.07 -32.96 -29.13
C MET F 104 20.35 -34.44 -28.82
N PRO F 105 20.80 -35.25 -29.80
CA PRO F 105 21.12 -36.64 -29.53
C PRO F 105 22.30 -36.79 -28.60
N LEU F 106 22.24 -37.82 -27.76
CA LEU F 106 23.32 -38.09 -26.83
C LEU F 106 24.60 -38.38 -27.61
N LYS F 107 24.51 -38.97 -28.82
CA LYS F 107 25.73 -39.27 -29.55
C LYS F 107 26.45 -37.98 -29.94
N ASP F 108 25.69 -36.93 -30.31
CA ASP F 108 26.28 -35.67 -30.71
C ASP F 108 26.89 -34.98 -29.48
N TRP F 109 26.15 -35.00 -28.37
CA TRP F 109 26.63 -34.46 -27.09
C TRP F 109 27.95 -35.14 -26.73
N ASP F 110 27.99 -36.47 -26.76
CA ASP F 110 29.16 -37.22 -26.36
C ASP F 110 30.36 -36.92 -27.26
N LYS F 111 30.14 -36.77 -28.56
CA LYS F 111 31.25 -36.52 -29.47
C LYS F 111 31.83 -35.14 -29.23
N VAL F 112 31.00 -34.14 -28.96
CA VAL F 112 31.48 -32.77 -28.74
C VAL F 112 32.15 -32.66 -27.38
N ILE F 113 31.54 -33.20 -26.33
CA ILE F 113 32.17 -33.21 -25.01
C ILE F 113 33.49 -33.98 -25.10
N GLY F 114 33.47 -35.13 -25.78
CA GLY F 114 34.65 -35.98 -25.85
C GLY F 114 35.82 -35.32 -26.57
N THR F 115 35.55 -34.65 -27.68
CA THR F 115 36.59 -34.01 -28.47
C THR F 115 37.05 -32.74 -27.79
N ASN F 116 36.08 -31.89 -27.43
CA ASN F 116 36.38 -30.53 -27.07
C ASN F 116 36.84 -30.39 -25.62
N LEU F 117 36.30 -31.20 -24.72
CA LEU F 117 36.61 -31.11 -23.30
C LEU F 117 37.52 -32.26 -22.87
N THR F 118 37.07 -33.50 -23.06
CA THR F 118 37.87 -34.65 -22.63
C THR F 118 39.20 -34.70 -23.38
N GLY F 119 39.21 -34.38 -24.66
CA GLY F 119 40.44 -34.34 -25.44
C GLY F 119 41.45 -33.34 -24.86
N ALA F 120 40.95 -32.17 -24.44
CA ALA F 120 41.81 -31.17 -23.83
C ALA F 120 42.29 -31.61 -22.46
N PHE F 121 41.44 -32.31 -21.71
CA PHE F 121 41.84 -32.90 -20.44
C PHE F 121 42.99 -33.89 -20.66
N LEU F 122 42.84 -34.79 -21.63
CA LEU F 122 43.86 -35.82 -21.86
C LEU F 122 45.19 -35.19 -22.27
N GLY F 123 45.15 -34.20 -23.18
CA GLY F 123 46.36 -33.54 -23.62
C GLY F 123 47.04 -32.78 -22.48
N SER F 124 46.23 -32.07 -21.69
CA SER F 124 46.73 -31.35 -20.54
C SER F 124 47.36 -32.33 -19.54
N ARG F 125 46.66 -33.44 -19.26
CA ARG F 125 47.09 -34.42 -18.29
C ARG F 125 48.45 -34.99 -18.71
N GLU F 126 48.57 -35.38 -19.98
CA GLU F 126 49.79 -36.04 -20.46
C GLU F 126 50.95 -35.06 -20.48
N ALA F 127 50.71 -33.81 -20.90
CA ALA F 127 51.78 -32.81 -20.90
C ALA F 127 52.25 -32.52 -19.48
N ILE F 128 51.31 -32.31 -18.56
CA ILE F 128 51.66 -31.96 -17.19
C ILE F 128 52.38 -33.13 -16.51
N LYS F 129 51.93 -34.35 -16.77
CA LYS F 129 52.61 -35.54 -16.26
C LYS F 129 54.08 -35.49 -16.65
N TYR F 130 54.35 -35.21 -17.92
CA TYR F 130 55.71 -35.12 -18.42
C TYR F 130 56.47 -33.99 -17.74
N PHE F 131 55.84 -32.81 -17.60
CA PHE F 131 56.48 -31.68 -16.96
C PHE F 131 56.85 -31.99 -15.52
N VAL F 132 55.93 -32.62 -14.78
CA VAL F 132 56.13 -32.90 -13.37
C VAL F 132 57.26 -33.93 -13.22
N GLU F 133 57.28 -34.93 -14.09
CA GLU F 133 58.26 -36.00 -13.99
C GLU F 133 59.67 -35.52 -14.34
N ASN F 134 59.79 -34.45 -15.11
CA ASN F 134 61.07 -33.99 -15.62
C ASN F 134 61.44 -32.60 -15.12
N ASP F 135 60.71 -32.09 -14.12
CA ASP F 135 60.90 -30.74 -13.58
C ASP F 135 60.99 -29.68 -14.67
N ILE F 136 60.06 -29.70 -15.62
CA ILE F 136 59.98 -28.69 -16.67
C ILE F 136 58.92 -27.66 -16.26
N LYS F 137 59.26 -26.38 -16.37
CA LYS F 137 58.30 -25.31 -16.12
C LYS F 137 57.53 -25.07 -17.41
N GLY F 138 56.70 -26.06 -17.73
CA GLY F 138 56.02 -26.08 -19.01
C GLY F 138 54.76 -25.19 -19.00
N ASN F 139 54.07 -25.23 -20.14
CA ASN F 139 52.98 -24.33 -20.43
C ASN F 139 51.89 -25.13 -21.17
N VAL F 140 50.60 -24.97 -20.79
CA VAL F 140 49.49 -25.55 -21.51
C VAL F 140 48.57 -24.41 -21.94
N ILE F 141 48.17 -24.43 -23.21
CA ILE F 141 47.17 -23.51 -23.72
C ILE F 141 46.00 -24.35 -24.24
N ASN F 142 44.80 -24.05 -23.73
CA ASN F 142 43.59 -24.72 -24.14
C ASN F 142 42.77 -23.74 -25.00
N MET F 143 42.38 -24.18 -26.20
CA MET F 143 41.60 -23.34 -27.08
C MET F 143 40.13 -23.43 -26.68
N SER F 144 39.62 -22.33 -26.13
CA SER F 144 38.23 -22.26 -25.72
C SER F 144 37.46 -21.48 -26.76
N SER F 145 36.60 -20.57 -26.31
CA SER F 145 35.68 -19.82 -27.14
C SER F 145 35.05 -18.73 -26.27
N VAL F 146 34.50 -17.70 -26.92
CA VAL F 146 33.59 -16.80 -26.23
C VAL F 146 32.50 -17.61 -25.53
N HIS F 147 32.18 -18.81 -26.06
CA HIS F 147 31.10 -19.62 -25.51
C HIS F 147 31.47 -20.39 -24.23
N GLU F 148 32.61 -20.09 -23.61
CA GLU F 148 32.77 -20.44 -22.21
C GLU F 148 32.06 -19.46 -21.28
N VAL F 149 31.60 -18.32 -21.83
N VAL F 149 31.59 -18.32 -21.82
CA VAL F 149 30.81 -17.36 -21.06
CA VAL F 149 30.83 -17.33 -21.06
C VAL F 149 29.51 -17.02 -21.77
C VAL F 149 29.51 -17.02 -21.77
N ILE F 150 29.54 -16.90 -23.12
CA ILE F 150 28.35 -16.61 -23.89
C ILE F 150 27.56 -17.89 -24.15
N PRO F 151 26.29 -17.99 -23.69
CA PRO F 151 25.48 -19.15 -23.99
C PRO F 151 25.29 -19.33 -25.49
N TRP F 152 24.99 -20.55 -25.94
CA TRP F 152 24.91 -20.79 -27.38
C TRP F 152 23.77 -21.74 -27.74
N PRO F 153 22.54 -21.21 -27.84
CA PRO F 153 21.39 -22.01 -28.28
C PRO F 153 21.72 -22.75 -29.57
N LEU F 154 21.26 -24.01 -29.63
CA LEU F 154 21.52 -24.97 -30.70
C LEU F 154 22.89 -25.64 -30.55
N PHE F 155 23.73 -25.14 -29.63
CA PHE F 155 25.07 -25.71 -29.44
C PHE F 155 25.32 -25.94 -27.96
N VAL F 156 24.35 -26.55 -27.27
CA VAL F 156 24.44 -26.74 -25.84
C VAL F 156 25.65 -27.60 -25.47
N HIS F 157 25.96 -28.58 -26.30
CA HIS F 157 27.14 -29.44 -26.10
C HIS F 157 28.43 -28.63 -26.16
N TYR F 158 28.54 -27.75 -27.17
CA TYR F 158 29.74 -26.96 -27.33
C TYR F 158 29.91 -26.00 -26.15
N ALA F 159 28.81 -25.32 -25.78
CA ALA F 159 28.90 -24.38 -24.67
C ALA F 159 29.30 -25.11 -23.39
N ALA F 160 28.67 -26.26 -23.12
CA ALA F 160 29.04 -27.05 -21.94
C ALA F 160 30.51 -27.46 -22.01
N SER F 161 30.99 -27.83 -23.21
CA SER F 161 32.36 -28.29 -23.33
C SER F 161 33.34 -27.18 -22.97
N LYS F 162 33.03 -25.94 -23.36
CA LYS F 162 33.97 -24.84 -23.15
C LYS F 162 33.81 -24.28 -21.74
N GLY F 163 32.58 -24.24 -21.20
CA GLY F 163 32.40 -23.91 -19.80
C GLY F 163 33.16 -24.88 -18.90
N GLY F 164 33.13 -26.15 -19.27
CA GLY F 164 33.88 -27.18 -18.55
C GLY F 164 35.38 -26.99 -18.71
N MET F 165 35.80 -26.67 -19.93
CA MET F 165 37.23 -26.44 -20.20
C MET F 165 37.76 -25.30 -19.34
N LYS F 166 36.96 -24.24 -19.16
CA LYS F 166 37.35 -23.15 -18.28
C LYS F 166 37.70 -23.66 -16.88
N LEU F 167 36.83 -24.45 -16.25
CA LEU F 167 37.09 -24.88 -14.89
C LEU F 167 38.19 -25.95 -14.84
N MET F 168 38.33 -26.71 -15.92
CA MET F 168 39.42 -27.66 -16.02
C MET F 168 40.75 -26.90 -16.02
N THR F 169 40.86 -25.92 -16.90
CA THR F 169 42.05 -25.08 -17.00
C THR F 169 42.37 -24.44 -15.66
N LYS F 170 41.37 -23.83 -15.00
CA LYS F 170 41.63 -23.12 -13.77
C LYS F 170 42.10 -24.08 -12.68
N THR F 171 41.50 -25.28 -12.64
CA THR F 171 41.87 -26.29 -11.68
C THR F 171 43.33 -26.72 -11.90
N LEU F 172 43.69 -27.05 -13.14
CA LEU F 172 45.07 -27.44 -13.43
C LEU F 172 46.04 -26.30 -13.12
N ALA F 173 45.67 -25.06 -13.46
CA ALA F 173 46.51 -23.92 -13.16
C ALA F 173 46.77 -23.82 -11.64
N LEU F 174 45.72 -23.94 -10.83
CA LEU F 174 45.89 -23.84 -9.38
C LEU F 174 46.74 -25.00 -8.87
N GLU F 175 46.45 -26.20 -9.36
CA GLU F 175 47.08 -27.41 -8.86
C GLU F 175 48.59 -27.43 -9.16
N TYR F 176 49.00 -26.91 -10.33
CA TYR F 176 50.39 -27.05 -10.78
C TYR F 176 51.15 -25.73 -10.76
N ALA F 177 50.50 -24.63 -10.34
CA ALA F 177 51.19 -23.36 -10.20
C ALA F 177 52.47 -23.50 -9.34
N PRO F 178 52.46 -24.24 -8.22
CA PRO F 178 53.66 -24.31 -7.37
C PRO F 178 54.87 -24.90 -8.09
N LYS F 179 54.65 -25.66 -9.15
CA LYS F 179 55.72 -26.24 -9.94
C LYS F 179 56.09 -25.37 -11.13
N GLY F 180 55.52 -24.17 -11.22
CA GLY F 180 55.86 -23.23 -12.27
C GLY F 180 55.27 -23.60 -13.63
N ILE F 181 54.27 -24.47 -13.63
CA ILE F 181 53.57 -24.84 -14.86
C ILE F 181 52.36 -23.90 -14.99
N ARG F 182 52.26 -23.21 -16.11
CA ARG F 182 51.13 -22.31 -16.35
C ARG F 182 50.13 -23.00 -17.28
N VAL F 183 48.85 -22.71 -17.05
CA VAL F 183 47.76 -23.26 -17.86
C VAL F 183 46.76 -22.15 -18.10
N ASN F 184 46.45 -21.87 -19.36
CA ASN F 184 45.58 -20.76 -19.72
C ASN F 184 44.69 -21.15 -20.89
N ASN F 185 43.54 -20.46 -21.02
CA ASN F 185 42.68 -20.56 -22.18
C ASN F 185 42.81 -19.33 -23.05
N ILE F 186 42.58 -19.53 -24.35
CA ILE F 186 42.27 -18.48 -25.30
C ILE F 186 40.79 -18.59 -25.67
N GLY F 187 40.12 -17.43 -25.74
CA GLY F 187 38.70 -17.40 -26.08
C GLY F 187 38.44 -16.60 -27.35
N PRO F 188 38.56 -17.21 -28.55
CA PRO F 188 38.29 -16.50 -29.78
C PRO F 188 36.80 -16.21 -29.94
N GLY F 189 36.52 -15.08 -30.57
CA GLY F 189 35.22 -14.82 -31.15
C GLY F 189 35.15 -15.45 -32.54
N ALA F 190 34.52 -14.76 -33.49
CA ALA F 190 34.39 -15.27 -34.83
C ALA F 190 35.68 -15.00 -35.60
N ILE F 191 36.26 -16.08 -36.13
CA ILE F 191 37.53 -16.04 -36.82
C ILE F 191 37.36 -16.66 -38.21
N ASN F 192 37.98 -16.02 -39.19
CA ASN F 192 37.88 -16.38 -40.59
C ASN F 192 38.80 -17.57 -40.88
N THR F 193 38.48 -18.74 -40.34
CA THR F 193 39.16 -19.97 -40.70
C THR F 193 38.43 -20.62 -41.86
N THR F 194 39.10 -21.58 -42.52
CA THR F 194 38.56 -22.20 -43.73
C THR F 194 37.24 -22.91 -43.43
N ILE F 195 37.08 -23.49 -42.22
CA ILE F 195 35.85 -24.17 -41.87
C ILE F 195 34.64 -23.22 -41.98
N ASN F 196 34.87 -21.90 -41.80
CA ASN F 196 33.81 -20.91 -41.80
C ASN F 196 33.63 -20.24 -43.16
N ALA F 197 34.40 -20.66 -44.17
CA ALA F 197 34.48 -19.93 -45.43
C ALA F 197 33.12 -19.96 -46.14
N GLU F 198 32.43 -21.09 -46.04
CA GLU F 198 31.13 -21.23 -46.67
C GLU F 198 30.16 -20.25 -46.05
N LYS F 199 30.03 -20.28 -44.72
CA LYS F 199 29.13 -19.39 -43.99
C LYS F 199 29.39 -17.94 -44.41
N PHE F 200 30.66 -17.50 -44.37
CA PHE F 200 30.99 -16.11 -44.57
C PHE F 200 31.00 -15.75 -46.07
N ALA F 201 30.87 -16.75 -46.95
CA ALA F 201 30.71 -16.50 -48.37
C ALA F 201 29.32 -15.93 -48.66
N ASP F 202 28.33 -16.34 -47.86
CA ASP F 202 26.99 -15.78 -47.89
C ASP F 202 27.01 -14.38 -47.29
N PRO F 203 26.87 -13.29 -48.10
CA PRO F 203 27.01 -11.93 -47.59
C PRO F 203 26.07 -11.58 -46.44
N LYS F 204 24.89 -12.23 -46.41
CA LYS F 204 23.94 -11.97 -45.35
C LYS F 204 24.46 -12.51 -44.03
N GLN F 205 24.97 -13.74 -44.04
CA GLN F 205 25.49 -14.34 -42.82
C GLN F 205 26.76 -13.62 -42.37
N LYS F 206 27.59 -13.20 -43.31
CA LYS F 206 28.79 -12.44 -42.98
C LYS F 206 28.39 -11.13 -42.27
N ALA F 207 27.38 -10.43 -42.82
CA ALA F 207 26.94 -9.15 -42.27
C ALA F 207 26.30 -9.35 -40.89
N ASP F 208 25.54 -10.43 -40.74
CA ASP F 208 24.90 -10.73 -39.47
C ASP F 208 25.94 -10.96 -38.38
N VAL F 209 26.98 -11.76 -38.69
CA VAL F 209 28.03 -12.03 -37.73
C VAL F 209 28.77 -10.72 -37.40
N GLU F 210 29.06 -9.92 -38.42
CA GLU F 210 29.76 -8.65 -38.20
C GLU F 210 28.97 -7.73 -37.29
N SER F 211 27.63 -7.80 -37.37
CA SER F 211 26.77 -6.96 -36.55
C SER F 211 26.84 -7.34 -35.07
N MET F 212 27.39 -8.51 -34.74
CA MET F 212 27.53 -8.94 -33.36
C MET F 212 28.95 -8.69 -32.83
N ILE F 213 29.80 -8.07 -33.65
CA ILE F 213 31.19 -7.84 -33.28
C ILE F 213 31.40 -6.34 -33.15
N PRO F 214 31.56 -5.80 -31.93
CA PRO F 214 31.76 -4.36 -31.76
C PRO F 214 32.86 -3.75 -32.64
N MET F 215 33.99 -4.45 -32.81
CA MET F 215 35.06 -3.92 -33.64
C MET F 215 34.69 -3.94 -35.13
N GLY F 216 33.63 -4.68 -35.51
CA GLY F 216 33.03 -4.57 -36.83
C GLY F 216 33.65 -5.47 -37.89
N TYR F 217 34.60 -6.34 -37.51
CA TYR F 217 35.19 -7.26 -38.47
C TYR F 217 35.40 -8.62 -37.84
N ILE F 218 35.36 -9.66 -38.67
CA ILE F 218 35.69 -11.03 -38.30
C ILE F 218 37.20 -11.15 -38.24
N GLY F 219 37.72 -11.73 -37.15
CA GLY F 219 39.15 -11.81 -36.92
C GLY F 219 39.83 -12.76 -37.90
N GLU F 220 41.15 -12.58 -38.03
CA GLU F 220 41.96 -13.47 -38.84
C GLU F 220 42.70 -14.43 -37.92
N PRO F 221 43.00 -15.66 -38.39
CA PRO F 221 43.68 -16.65 -37.58
C PRO F 221 44.98 -16.17 -36.93
N GLU F 222 45.71 -15.30 -37.63
CA GLU F 222 46.97 -14.77 -37.11
C GLU F 222 46.76 -13.97 -35.81
N GLU F 223 45.57 -13.39 -35.65
CA GLU F 223 45.26 -12.59 -34.46
C GLU F 223 45.08 -13.48 -33.23
N ILE F 224 44.74 -14.76 -33.46
CA ILE F 224 44.64 -15.74 -32.40
C ILE F 224 46.01 -16.35 -32.14
N ALA F 225 46.75 -16.64 -33.22
CA ALA F 225 48.09 -17.18 -33.06
C ALA F 225 48.99 -16.22 -32.28
N ALA F 226 48.75 -14.90 -32.43
CA ALA F 226 49.51 -13.89 -31.68
C ALA F 226 49.33 -14.09 -30.18
N VAL F 227 48.09 -14.41 -29.79
CA VAL F 227 47.77 -14.58 -28.38
C VAL F 227 48.48 -15.83 -27.84
N ALA F 228 48.48 -16.92 -28.61
CA ALA F 228 49.12 -18.16 -28.20
C ALA F 228 50.63 -17.96 -27.99
N ALA F 229 51.26 -17.26 -28.93
CA ALA F 229 52.70 -17.05 -28.84
C ALA F 229 53.03 -16.27 -27.57
N TRP F 230 52.24 -15.22 -27.28
CA TRP F 230 52.48 -14.41 -26.11
C TRP F 230 52.30 -15.22 -24.83
N LEU F 231 51.18 -15.93 -24.70
CA LEU F 231 50.88 -16.69 -23.50
C LEU F 231 51.95 -17.75 -23.21
N ALA F 232 52.49 -18.35 -24.26
CA ALA F 232 53.49 -19.40 -24.12
C ALA F 232 54.84 -18.84 -23.71
N SER F 233 55.07 -17.55 -23.97
CA SER F 233 56.36 -16.91 -23.74
C SER F 233 56.51 -16.49 -22.27
N LYS F 234 57.75 -16.15 -21.88
CA LYS F 234 58.00 -15.67 -20.55
C LYS F 234 57.52 -14.23 -20.36
N GLU F 235 57.06 -13.54 -21.40
CA GLU F 235 56.39 -12.26 -21.22
C GLU F 235 55.15 -12.44 -20.32
N ALA F 236 54.50 -13.60 -20.45
CA ALA F 236 53.33 -13.94 -19.64
C ALA F 236 53.71 -14.76 -18.40
N SER F 237 54.91 -14.50 -17.84
CA SER F 237 55.45 -15.31 -16.76
C SER F 237 54.54 -15.35 -15.52
N TYR F 238 53.79 -14.28 -15.25
CA TYR F 238 52.97 -14.21 -14.04
C TYR F 238 51.49 -14.46 -14.33
N VAL F 239 51.18 -14.99 -15.52
CA VAL F 239 49.82 -15.16 -16.01
C VAL F 239 49.46 -16.63 -16.02
N THR F 240 48.51 -17.04 -15.16
CA THR F 240 48.05 -18.43 -15.19
C THR F 240 46.59 -18.48 -14.75
N GLY F 241 45.90 -19.46 -15.34
CA GLY F 241 44.51 -19.74 -15.03
C GLY F 241 43.53 -18.76 -15.68
N ILE F 242 43.99 -17.95 -16.63
CA ILE F 242 43.11 -16.96 -17.24
C ILE F 242 42.47 -17.52 -18.51
N THR F 243 41.42 -16.83 -18.95
CA THR F 243 40.98 -16.90 -20.33
C THR F 243 41.20 -15.54 -20.95
N LEU F 244 42.01 -15.53 -22.00
CA LEU F 244 42.28 -14.30 -22.73
C LEU F 244 41.36 -14.28 -23.94
N PHE F 245 40.32 -13.45 -23.87
CA PHE F 245 39.36 -13.33 -24.96
C PHE F 245 39.94 -12.46 -26.05
N ALA F 246 39.82 -12.95 -27.28
CA ALA F 246 40.23 -12.21 -28.46
C ALA F 246 39.06 -12.29 -29.45
N ASP F 247 38.13 -11.34 -29.30
CA ASP F 247 36.79 -11.51 -29.84
C ASP F 247 36.20 -10.25 -30.44
N GLY F 248 37.03 -9.19 -30.60
CA GLY F 248 36.54 -7.95 -31.16
C GLY F 248 35.43 -7.32 -30.31
N GLY F 249 35.28 -7.77 -29.06
CA GLY F 249 34.29 -7.23 -28.15
C GLY F 249 32.99 -8.04 -28.02
N MET F 250 32.92 -9.25 -28.59
CA MET F 250 31.68 -10.04 -28.50
C MET F 250 31.18 -10.21 -27.07
N THR F 251 32.10 -10.47 -26.13
CA THR F 251 31.70 -10.72 -24.74
C THR F 251 31.20 -9.46 -24.03
N LEU F 252 31.23 -8.30 -24.69
CA LEU F 252 30.75 -7.05 -24.12
C LEU F 252 29.25 -6.80 -24.34
N TYR F 253 28.51 -7.78 -24.89
CA TYR F 253 27.07 -7.73 -25.07
C TYR F 253 26.74 -6.77 -26.22
N PRO F 254 26.87 -7.23 -27.47
CA PRO F 254 26.72 -6.31 -28.61
C PRO F 254 25.31 -5.75 -28.78
N SER F 255 24.30 -6.41 -28.20
CA SER F 255 22.95 -5.86 -28.25
C SER F 255 22.85 -4.54 -27.48
N PHE F 256 23.81 -4.22 -26.61
CA PHE F 256 23.69 -3.03 -25.76
C PHE F 256 24.49 -1.83 -26.29
N GLN F 257 24.95 -1.90 -27.53
CA GLN F 257 25.50 -0.73 -28.20
C GLN F 257 24.51 0.43 -28.18
N ALA F 258 25.05 1.66 -28.18
CA ALA F 258 24.27 2.89 -28.04
C ALA F 258 23.26 3.03 -29.19
N GLY F 259 23.70 2.76 -30.44
CA GLY F 259 22.77 2.51 -31.54
C GLY F 259 22.92 3.54 -32.64
N MET G 1 -5.10 -5.33 16.11
CA MET G 1 -5.18 -3.87 16.43
C MET G 1 -5.80 -3.66 17.80
N TYR G 2 -6.87 -4.40 18.10
CA TYR G 2 -7.61 -4.27 19.35
C TYR G 2 -7.29 -5.47 20.22
N PRO G 3 -6.37 -5.36 21.19
CA PRO G 3 -5.95 -6.55 21.95
C PRO G 3 -7.08 -7.24 22.71
N ASP G 4 -8.09 -6.47 23.13
CA ASP G 4 -9.18 -7.02 23.90
C ASP G 4 -10.09 -7.91 23.05
N LEU G 5 -9.99 -7.87 21.71
CA LEU G 5 -10.84 -8.72 20.88
C LEU G 5 -10.30 -10.15 20.81
N LYS G 6 -9.02 -10.34 21.16
CA LYS G 6 -8.41 -11.65 21.06
C LYS G 6 -9.20 -12.64 21.91
N GLY G 7 -9.64 -13.74 21.28
CA GLY G 7 -10.36 -14.80 21.98
C GLY G 7 -11.83 -14.48 22.22
N LYS G 8 -12.32 -13.29 21.84
CA LYS G 8 -13.74 -13.01 21.93
C LYS G 8 -14.51 -13.83 20.90
N VAL G 9 -15.72 -14.24 21.25
CA VAL G 9 -16.56 -15.02 20.36
C VAL G 9 -17.58 -14.09 19.69
N VAL G 10 -17.52 -14.05 18.36
CA VAL G 10 -18.40 -13.19 17.58
C VAL G 10 -19.18 -14.04 16.60
N ALA G 11 -20.51 -13.89 16.61
CA ALA G 11 -21.38 -14.53 15.64
C ALA G 11 -21.89 -13.47 14.66
N ILE G 12 -21.88 -13.81 13.37
CA ILE G 12 -22.18 -12.87 12.30
C ILE G 12 -23.18 -13.52 11.36
N THR G 13 -24.33 -12.87 11.15
CA THR G 13 -25.28 -13.36 10.16
C THR G 13 -24.94 -12.78 8.80
N GLY G 14 -25.29 -13.52 7.75
CA GLY G 14 -24.95 -13.13 6.39
C GLY G 14 -23.44 -13.09 6.17
N ALA G 15 -22.70 -14.00 6.80
CA ALA G 15 -21.26 -13.93 6.84
C ALA G 15 -20.57 -14.66 5.68
N ALA G 16 -21.33 -15.24 4.75
CA ALA G 16 -20.68 -15.94 3.65
C ALA G 16 -20.42 -15.01 2.45
N SER G 17 -20.85 -13.74 2.53
CA SER G 17 -20.65 -12.82 1.41
C SER G 17 -20.45 -11.40 1.94
N GLY G 18 -19.95 -10.52 1.07
CA GLY G 18 -20.09 -9.08 1.26
C GLY G 18 -19.57 -8.58 2.60
N LEU G 19 -20.36 -7.72 3.25
CA LEU G 19 -19.91 -7.07 4.49
C LEU G 19 -19.68 -8.11 5.59
N GLY G 20 -20.58 -9.09 5.67
CA GLY G 20 -20.50 -10.10 6.72
C GLY G 20 -19.20 -10.92 6.61
N LYS G 21 -18.84 -11.27 5.38
CA LYS G 21 -17.59 -11.97 5.12
C LYS G 21 -16.39 -11.09 5.50
N ALA G 22 -16.41 -9.81 5.09
CA ALA G 22 -15.33 -8.92 5.42
C ALA G 22 -15.20 -8.77 6.94
N MET G 23 -16.32 -8.71 7.65
CA MET G 23 -16.29 -8.59 9.10
C MET G 23 -15.70 -9.88 9.70
N ALA G 24 -16.13 -11.05 9.21
CA ALA G 24 -15.58 -12.31 9.71
C ALA G 24 -14.07 -12.30 9.59
N ILE G 25 -13.56 -11.93 8.42
CA ILE G 25 -12.12 -11.94 8.16
C ILE G 25 -11.41 -10.92 9.05
N ARG G 26 -11.98 -9.73 9.22
CA ARG G 26 -11.37 -8.72 10.09
C ARG G 26 -11.32 -9.22 11.53
N PHE G 27 -12.40 -9.84 12.02
CA PHE G 27 -12.39 -10.37 13.38
C PHE G 27 -11.34 -11.50 13.49
N GLY G 28 -11.11 -12.23 12.41
CA GLY G 28 -10.01 -13.20 12.38
C GLY G 28 -8.66 -12.53 12.59
N LYS G 29 -8.45 -11.39 11.92
CA LYS G 29 -7.22 -10.63 12.07
C LYS G 29 -7.05 -10.19 13.53
N GLU G 30 -8.17 -9.93 14.21
CA GLU G 30 -8.13 -9.53 15.62
C GLU G 30 -8.03 -10.76 16.55
N GLN G 31 -7.92 -11.95 15.96
CA GLN G 31 -7.71 -13.21 16.70
C GLN G 31 -8.94 -13.57 17.52
N ALA G 32 -10.12 -13.24 16.98
CA ALA G 32 -11.37 -13.64 17.58
C ALA G 32 -11.75 -15.05 17.12
N LYS G 33 -12.79 -15.55 17.76
CA LYS G 33 -13.42 -16.81 17.39
C LYS G 33 -14.75 -16.51 16.71
N VAL G 34 -14.88 -16.88 15.45
CA VAL G 34 -15.97 -16.39 14.62
C VAL G 34 -16.97 -17.52 14.30
N VAL G 35 -18.26 -17.27 14.56
CA VAL G 35 -19.33 -18.11 14.06
C VAL G 35 -19.86 -17.49 12.77
N ILE G 36 -19.63 -18.19 11.65
CA ILE G 36 -20.02 -17.75 10.31
C ILE G 36 -21.37 -18.35 9.99
N ASN G 37 -22.44 -17.55 10.12
CA ASN G 37 -23.75 -17.95 9.66
C ASN G 37 -23.83 -17.73 8.15
N TYR G 38 -24.37 -18.73 7.45
CA TYR G 38 -24.60 -18.66 6.04
C TYR G 38 -26.00 -19.15 5.74
N TYR G 39 -26.48 -18.78 4.56
CA TYR G 39 -27.87 -18.95 4.20
C TYR G 39 -28.07 -20.18 3.34
N SER G 40 -27.23 -20.35 2.32
CA SER G 40 -27.42 -21.41 1.34
C SER G 40 -26.12 -22.17 1.14
N ASN G 41 -26.21 -23.49 0.90
CA ASN G 41 -25.03 -24.30 0.69
C ASN G 41 -24.40 -24.00 -0.68
N LYS G 42 -25.07 -23.25 -1.55
CA LYS G 42 -24.47 -22.75 -2.78
C LYS G 42 -23.42 -21.68 -2.48
N GLN G 43 -23.47 -21.08 -1.30
CA GLN G 43 -22.41 -20.16 -0.88
C GLN G 43 -21.25 -21.06 -0.45
N ASP G 44 -20.11 -20.46 -0.22
CA ASP G 44 -18.92 -21.23 0.09
C ASP G 44 -18.46 -20.75 1.45
N PRO G 45 -19.20 -21.05 2.54
CA PRO G 45 -18.80 -20.58 3.86
C PRO G 45 -17.45 -21.13 4.30
N ASN G 46 -17.07 -22.32 3.82
CA ASN G 46 -15.81 -22.91 4.23
C ASN G 46 -14.63 -22.07 3.75
N GLU G 47 -14.77 -21.41 2.61
CA GLU G 47 -13.74 -20.51 2.11
C GLU G 47 -13.56 -19.34 3.09
N VAL G 48 -14.67 -18.81 3.62
CA VAL G 48 -14.59 -17.72 4.59
C VAL G 48 -13.89 -18.24 5.85
N LYS G 49 -14.29 -19.42 6.30
CA LYS G 49 -13.69 -20.07 7.45
C LYS G 49 -12.18 -20.13 7.29
N GLU G 50 -11.70 -20.57 6.12
CA GLU G 50 -10.27 -20.71 5.90
C GLU G 50 -9.58 -19.34 5.93
N GLU G 51 -10.23 -18.30 5.38
CA GLU G 51 -9.64 -16.96 5.40
C GLU G 51 -9.58 -16.42 6.82
N VAL G 52 -10.60 -16.72 7.65
CA VAL G 52 -10.59 -16.29 9.04
C VAL G 52 -9.42 -16.92 9.77
N ILE G 53 -9.23 -18.23 9.56
CA ILE G 53 -8.17 -18.96 10.22
C ILE G 53 -6.81 -18.44 9.75
N LYS G 54 -6.65 -18.24 8.45
CA LYS G 54 -5.41 -17.73 7.89
C LYS G 54 -5.08 -16.35 8.45
N ALA G 55 -6.11 -15.52 8.71
CA ALA G 55 -5.91 -14.18 9.22
C ALA G 55 -5.48 -14.19 10.70
N GLY G 56 -5.71 -15.31 11.41
CA GLY G 56 -5.25 -15.46 12.78
C GLY G 56 -6.35 -15.86 13.77
N GLY G 57 -7.54 -16.17 13.28
CA GLY G 57 -8.65 -16.48 14.15
C GLY G 57 -9.03 -17.96 14.16
N GLU G 58 -10.13 -18.26 14.81
CA GLU G 58 -10.79 -19.56 14.73
C GLU G 58 -12.18 -19.31 14.16
N ALA G 59 -12.77 -20.33 13.54
CA ALA G 59 -14.04 -20.16 12.86
C ALA G 59 -14.77 -21.50 12.77
N VAL G 60 -16.11 -21.41 12.90
CA VAL G 60 -17.01 -22.49 12.55
C VAL G 60 -18.09 -21.90 11.66
N VAL G 61 -18.75 -22.77 10.88
CA VAL G 61 -19.83 -22.32 10.00
C VAL G 61 -21.13 -22.94 10.49
N VAL G 62 -22.25 -22.24 10.31
CA VAL G 62 -23.56 -22.76 10.64
C VAL G 62 -24.60 -22.20 9.68
N GLN G 63 -25.38 -23.08 9.06
CA GLN G 63 -26.45 -22.65 8.17
C GLN G 63 -27.61 -22.16 9.02
N GLY G 64 -28.31 -21.12 8.54
CA GLY G 64 -29.46 -20.62 9.27
C GLY G 64 -30.16 -19.48 8.55
N ASP G 65 -31.49 -19.51 8.58
CA ASP G 65 -32.37 -18.50 8.03
C ASP G 65 -32.84 -17.60 9.18
N VAL G 66 -32.49 -16.30 9.13
CA VAL G 66 -32.77 -15.42 10.27
C VAL G 66 -34.25 -15.08 10.37
N THR G 67 -35.08 -15.49 9.42
CA THR G 67 -36.52 -15.35 9.56
C THR G 67 -37.12 -16.53 10.32
N LYS G 68 -36.30 -17.49 10.76
CA LYS G 68 -36.78 -18.63 11.53
C LYS G 68 -36.17 -18.56 12.91
N GLU G 69 -37.04 -18.38 13.89
CA GLU G 69 -36.65 -18.27 15.28
C GLU G 69 -35.71 -19.39 15.70
N GLU G 70 -36.00 -20.62 15.30
CA GLU G 70 -35.21 -21.77 15.73
C GLU G 70 -33.79 -21.69 15.15
N ASP G 71 -33.66 -21.18 13.92
CA ASP G 71 -32.36 -21.06 13.29
C ASP G 71 -31.52 -19.99 13.99
N VAL G 72 -32.15 -18.89 14.40
CA VAL G 72 -31.41 -17.86 15.12
C VAL G 72 -30.93 -18.39 16.47
N LYS G 73 -31.81 -19.11 17.19
CA LYS G 73 -31.41 -19.73 18.46
C LYS G 73 -30.22 -20.65 18.25
N ASN G 74 -30.22 -21.36 17.12
CA ASN G 74 -29.17 -22.32 16.81
C ASN G 74 -27.85 -21.64 16.48
N ILE G 75 -27.88 -20.42 15.93
CA ILE G 75 -26.66 -19.67 15.69
C ILE G 75 -25.99 -19.39 17.03
N VAL G 76 -26.76 -18.92 18.01
CA VAL G 76 -26.21 -18.59 19.31
C VAL G 76 -25.72 -19.88 19.97
N GLN G 77 -26.49 -20.97 19.88
CA GLN G 77 -26.09 -22.23 20.50
C GLN G 77 -24.81 -22.76 19.87
N THR G 78 -24.61 -22.52 18.56
CA THR G 78 -23.37 -22.90 17.90
C THR G 78 -22.17 -22.22 18.54
N ALA G 79 -22.28 -20.91 18.85
CA ALA G 79 -21.20 -20.21 19.53
C ALA G 79 -20.89 -20.89 20.87
N ILE G 80 -21.93 -21.16 21.64
CA ILE G 80 -21.79 -21.70 22.98
C ILE G 80 -21.14 -23.09 22.91
N LYS G 81 -21.64 -23.93 21.99
CA LYS G 81 -21.18 -25.30 21.90
C LYS G 81 -19.76 -25.38 21.34
N GLU G 82 -19.42 -24.56 20.33
CA GLU G 82 -18.11 -24.65 19.72
C GLU G 82 -17.05 -23.91 20.52
N PHE G 83 -17.40 -22.78 21.13
CA PHE G 83 -16.39 -21.90 21.70
C PHE G 83 -16.60 -21.63 23.19
N GLY G 84 -17.75 -22.01 23.75
CA GLY G 84 -17.96 -21.93 25.18
C GLY G 84 -18.75 -20.70 25.64
N THR G 85 -18.90 -19.69 24.76
CA THR G 85 -19.52 -18.44 25.15
C THR G 85 -19.91 -17.66 23.89
N LEU G 86 -20.53 -16.51 24.10
CA LEU G 86 -20.78 -15.53 23.05
C LEU G 86 -20.49 -14.15 23.63
N ASP G 87 -19.77 -13.32 22.86
CA ASP G 87 -19.37 -11.99 23.32
C ASP G 87 -19.98 -10.88 22.45
N ILE G 88 -20.06 -11.12 21.15
CA ILE G 88 -20.46 -10.12 20.17
C ILE G 88 -21.44 -10.76 19.19
N MET G 89 -22.59 -10.10 18.97
CA MET G 89 -23.57 -10.58 17.99
C MET G 89 -23.70 -9.52 16.90
N ILE G 90 -23.50 -9.93 15.64
CA ILE G 90 -23.60 -9.01 14.52
C ILE G 90 -24.73 -9.46 13.60
N ASN G 91 -25.83 -8.69 13.60
CA ASN G 91 -26.97 -9.00 12.75
C ASN G 91 -26.82 -8.25 11.42
N ASN G 92 -26.38 -8.96 10.39
CA ASN G 92 -25.95 -8.33 9.15
C ASN G 92 -26.78 -8.81 7.95
N ALA G 93 -27.41 -9.98 8.02
CA ALA G 93 -28.23 -10.44 6.90
C ALA G 93 -29.23 -9.38 6.45
N GLY G 94 -29.42 -9.27 5.14
CA GLY G 94 -30.43 -8.38 4.61
C GLY G 94 -30.66 -8.58 3.11
N LEU G 95 -31.74 -8.01 2.59
CA LEU G 95 -31.99 -7.97 1.16
C LEU G 95 -32.89 -6.78 0.80
N GLU G 96 -32.98 -6.51 -0.52
CA GLU G 96 -33.82 -5.43 -1.03
C GLU G 96 -34.24 -5.75 -2.46
N ASN G 97 -35.34 -5.16 -2.92
CA ASN G 97 -35.73 -5.23 -4.32
C ASN G 97 -36.61 -4.03 -4.64
N PRO G 98 -36.46 -3.39 -5.83
CA PRO G 98 -37.24 -2.18 -6.14
C PRO G 98 -38.64 -2.44 -6.70
N VAL G 99 -39.64 -1.75 -6.17
CA VAL G 99 -40.99 -1.73 -6.69
C VAL G 99 -41.60 -0.39 -6.37
N PRO G 100 -42.31 0.27 -7.31
CA PRO G 100 -43.08 1.46 -6.95
C PRO G 100 -43.97 1.17 -5.74
N SER G 101 -43.98 2.09 -4.75
CA SER G 101 -44.58 1.78 -3.47
C SER G 101 -46.07 1.45 -3.60
N HIS G 102 -46.80 2.16 -4.49
CA HIS G 102 -48.22 1.92 -4.63
C HIS G 102 -48.51 0.57 -5.31
N GLU G 103 -47.45 -0.05 -5.87
CA GLU G 103 -47.57 -1.37 -6.47
C GLU G 103 -46.84 -2.46 -5.65
N MET G 104 -46.29 -2.10 -4.50
N MET G 104 -46.29 -2.10 -4.50
CA MET G 104 -45.44 -3.03 -3.76
CA MET G 104 -45.43 -3.02 -3.78
C MET G 104 -46.28 -4.18 -3.20
C MET G 104 -46.26 -4.17 -3.20
N PRO G 105 -46.03 -5.44 -3.62
CA PRO G 105 -46.79 -6.56 -3.06
C PRO G 105 -46.45 -6.77 -1.59
N LEU G 106 -47.45 -7.22 -0.86
CA LEU G 106 -47.27 -7.49 0.55
C LEU G 106 -46.23 -8.59 0.75
N LYS G 107 -46.12 -9.54 -0.19
CA LYS G 107 -45.12 -10.58 -0.05
C LYS G 107 -43.70 -10.00 -0.04
N ASP G 108 -43.44 -8.99 -0.89
CA ASP G 108 -42.13 -8.37 -0.95
C ASP G 108 -41.85 -7.57 0.32
N TRP G 109 -42.86 -6.81 0.74
CA TRP G 109 -42.79 -6.06 2.00
C TRP G 109 -42.44 -6.99 3.15
N ASP G 110 -43.19 -8.09 3.26
CA ASP G 110 -43.02 -9.04 4.37
C ASP G 110 -41.64 -9.68 4.37
N LYS G 111 -41.12 -10.01 3.19
CA LYS G 111 -39.82 -10.66 3.12
C LYS G 111 -38.71 -9.72 3.62
N VAL G 112 -38.79 -8.44 3.19
CA VAL G 112 -37.76 -7.49 3.56
C VAL G 112 -37.87 -7.10 5.05
N ILE G 113 -39.09 -6.84 5.55
CA ILE G 113 -39.28 -6.56 6.96
C ILE G 113 -38.81 -7.76 7.78
N GLY G 114 -39.21 -8.97 7.33
CA GLY G 114 -38.90 -10.17 8.09
C GLY G 114 -37.40 -10.43 8.22
N THR G 115 -36.67 -10.26 7.11
CA THR G 115 -35.26 -10.55 7.08
C THR G 115 -34.50 -9.42 7.77
N ASN G 116 -34.80 -8.18 7.36
CA ASN G 116 -33.93 -7.08 7.71
C ASN G 116 -34.20 -6.55 9.11
N LEU G 117 -35.44 -6.57 9.57
CA LEU G 117 -35.81 -6.00 10.85
C LEU G 117 -36.09 -7.12 11.85
N THR G 118 -37.07 -7.98 11.57
CA THR G 118 -37.40 -9.06 12.51
C THR G 118 -36.20 -9.97 12.75
N GLY G 119 -35.43 -10.28 11.70
CA GLY G 119 -34.24 -11.10 11.85
C GLY G 119 -33.22 -10.50 12.82
N ALA G 120 -33.04 -9.17 12.72
CA ALA G 120 -32.12 -8.47 13.63
C ALA G 120 -32.69 -8.44 15.03
N PHE G 121 -34.01 -8.32 15.17
CA PHE G 121 -34.65 -8.39 16.48
C PHE G 121 -34.37 -9.76 17.12
N LEU G 122 -34.60 -10.84 16.37
CA LEU G 122 -34.41 -12.18 16.91
C LEU G 122 -32.95 -12.41 17.34
N GLY G 123 -32.00 -12.02 16.49
CA GLY G 123 -30.59 -12.17 16.83
C GLY G 123 -30.20 -11.36 18.07
N SER G 124 -30.67 -10.10 18.11
CA SER G 124 -30.42 -9.24 19.26
C SER G 124 -31.04 -9.86 20.53
N ARG G 125 -32.29 -10.33 20.42
CA ARG G 125 -33.02 -10.88 21.55
C ARG G 125 -32.26 -12.09 22.12
N GLU G 126 -31.85 -13.00 21.23
CA GLU G 126 -31.20 -14.22 21.66
C GLU G 126 -29.83 -13.95 22.26
N ALA G 127 -29.07 -13.03 21.66
CA ALA G 127 -27.75 -12.70 22.19
C ALA G 127 -27.88 -12.03 23.55
N ILE G 128 -28.79 -11.06 23.69
CA ILE G 128 -28.94 -10.35 24.94
C ILE G 128 -29.43 -11.30 26.04
N LYS G 129 -30.36 -12.19 25.70
CA LYS G 129 -30.83 -13.20 26.65
C LYS G 129 -29.63 -13.95 27.23
N TYR G 130 -28.73 -14.39 26.34
CA TYR G 130 -27.56 -15.12 26.75
C TYR G 130 -26.66 -14.24 27.63
N PHE G 131 -26.43 -12.98 27.23
CA PHE G 131 -25.59 -12.09 28.00
C PHE G 131 -26.15 -11.87 29.40
N VAL G 132 -27.47 -11.65 29.49
CA VAL G 132 -28.10 -11.35 30.76
C VAL G 132 -28.00 -12.58 31.68
N GLU G 133 -28.23 -13.76 31.11
CA GLU G 133 -28.25 -14.99 31.90
C GLU G 133 -26.87 -15.38 32.42
N ASN G 134 -25.81 -14.93 31.75
CA ASN G 134 -24.45 -15.36 32.04
C ASN G 134 -23.57 -14.19 32.51
N ASP G 135 -24.18 -13.04 32.82
CA ASP G 135 -23.48 -11.85 33.27
C ASP G 135 -22.32 -11.50 32.36
N ILE G 136 -22.57 -11.49 31.04
CA ILE G 136 -21.57 -11.08 30.07
C ILE G 136 -21.89 -9.63 29.68
N LYS G 137 -20.86 -8.77 29.68
CA LYS G 137 -21.00 -7.41 29.18
C LYS G 137 -20.77 -7.45 27.67
N GLY G 138 -21.75 -8.07 27.00
CA GLY G 138 -21.65 -8.34 25.58
C GLY G 138 -21.99 -7.10 24.75
N ASN G 139 -21.99 -7.31 23.44
N ASN G 139 -21.77 -7.21 23.44
CA ASN G 139 -22.03 -6.26 22.45
CA ASN G 139 -22.17 -6.18 22.51
C ASN G 139 -22.91 -6.76 21.29
C ASN G 139 -22.93 -6.75 21.32
N VAL G 140 -23.85 -5.93 20.81
CA VAL G 140 -24.61 -6.23 19.59
C VAL G 140 -24.36 -5.11 18.59
N ILE G 141 -24.09 -5.51 17.35
CA ILE G 141 -23.95 -4.59 16.23
C ILE G 141 -24.99 -4.98 15.18
N ASN G 142 -25.85 -4.02 14.82
CA ASN G 142 -26.88 -4.25 13.83
C ASN G 142 -26.47 -3.50 12.56
N MET G 143 -26.48 -4.20 11.43
CA MET G 143 -26.09 -3.58 10.18
C MET G 143 -27.30 -2.86 9.59
N SER G 144 -27.24 -1.53 9.62
CA SER G 144 -28.32 -0.71 9.11
C SER G 144 -27.89 -0.19 7.73
N SER G 145 -28.13 1.09 7.47
CA SER G 145 -27.94 1.69 6.17
C SER G 145 -28.08 3.20 6.34
N VAL G 146 -27.54 3.97 5.38
CA VAL G 146 -27.92 5.38 5.27
C VAL G 146 -29.44 5.49 5.21
N HIS G 147 -30.14 4.44 4.72
CA HIS G 147 -31.58 4.51 4.57
C HIS G 147 -32.36 4.30 5.88
N GLU G 148 -31.69 4.33 7.03
CA GLU G 148 -32.41 4.59 8.27
C GLU G 148 -32.70 6.09 8.45
N VAL G 149 -32.08 6.95 7.63
N VAL G 149 -32.06 6.95 7.63
CA VAL G 149 -32.38 8.38 7.63
CA VAL G 149 -32.32 8.39 7.65
C VAL G 149 -32.73 8.87 6.24
C VAL G 149 -32.72 8.88 6.24
N ILE G 150 -32.05 8.37 5.20
CA ILE G 150 -32.32 8.79 3.82
C ILE G 150 -33.51 7.99 3.26
N PRO G 151 -34.60 8.64 2.87
CA PRO G 151 -35.73 7.93 2.28
C PRO G 151 -35.32 7.23 0.98
N TRP G 152 -36.06 6.22 0.56
CA TRP G 152 -35.63 5.43 -0.58
C TRP G 152 -36.82 5.00 -1.45
N PRO G 153 -37.28 5.89 -2.34
CA PRO G 153 -38.34 5.53 -3.30
C PRO G 153 -37.99 4.24 -4.04
N LEU G 154 -39.00 3.41 -4.23
CA LEU G 154 -38.95 2.07 -4.81
C LEU G 154 -38.50 1.03 -3.78
N PHE G 155 -38.04 1.47 -2.60
CA PHE G 155 -37.55 0.55 -1.58
C PHE G 155 -38.17 0.91 -0.24
N VAL G 156 -39.48 1.14 -0.22
CA VAL G 156 -40.17 1.58 0.98
C VAL G 156 -40.04 0.53 2.09
N HIS G 157 -40.07 -0.75 1.71
CA HIS G 157 -39.86 -1.84 2.67
C HIS G 157 -38.48 -1.77 3.34
N TYR G 158 -37.44 -1.55 2.54
CA TYR G 158 -36.08 -1.51 3.05
C TYR G 158 -35.92 -0.31 3.97
N ALA G 159 -36.40 0.85 3.53
CA ALA G 159 -36.26 2.04 4.35
C ALA G 159 -37.00 1.84 5.68
N ALA G 160 -38.22 1.32 5.63
CA ALA G 160 -38.98 1.05 6.85
C ALA G 160 -38.20 0.08 7.74
N SER G 161 -37.59 -0.95 7.14
CA SER G 161 -36.90 -1.96 7.92
C SER G 161 -35.74 -1.33 8.70
N LYS G 162 -35.02 -0.39 8.07
CA LYS G 162 -33.83 0.18 8.70
C LYS G 162 -34.22 1.30 9.65
N GLY G 163 -35.26 2.08 9.32
CA GLY G 163 -35.81 3.03 10.27
C GLY G 163 -36.27 2.33 11.56
N GLY G 164 -36.90 1.17 11.37
CA GLY G 164 -37.32 0.35 12.48
C GLY G 164 -36.13 -0.21 13.26
N MET G 165 -35.10 -0.66 12.55
CA MET G 165 -33.89 -1.20 13.17
C MET G 165 -33.26 -0.13 14.05
N LYS G 166 -33.23 1.13 13.60
CA LYS G 166 -32.69 2.21 14.41
C LYS G 166 -33.38 2.28 15.76
N LEU G 167 -34.72 2.29 15.81
CA LEU G 167 -35.41 2.46 17.08
C LEU G 167 -35.34 1.18 17.90
N MET G 168 -35.25 0.02 17.23
CA MET G 168 -35.04 -1.23 17.93
C MET G 168 -33.69 -1.19 18.65
N THR G 169 -32.63 -0.83 17.93
CA THR G 169 -31.30 -0.73 18.50
C THR G 169 -31.28 0.26 19.66
N LYS G 170 -31.87 1.45 19.49
CA LYS G 170 -31.80 2.46 20.54
C LYS G 170 -32.56 1.97 21.78
N THR G 171 -33.69 1.29 21.58
CA THR G 171 -34.47 0.76 22.67
C THR G 171 -33.68 -0.30 23.43
N LEU G 172 -33.09 -1.25 22.71
CA LEU G 172 -32.28 -2.27 23.37
C LEU G 172 -31.10 -1.66 24.10
N ALA G 173 -30.44 -0.67 23.47
CA ALA G 173 -29.33 0.01 24.10
C ALA G 173 -29.76 0.63 25.43
N LEU G 174 -30.89 1.33 25.45
CA LEU G 174 -31.36 1.98 26.67
C LEU G 174 -31.71 0.93 27.71
N GLU G 175 -32.41 -0.12 27.28
CA GLU G 175 -32.93 -1.14 28.17
C GLU G 175 -31.81 -1.91 28.86
N TYR G 176 -30.70 -2.20 28.16
CA TYR G 176 -29.67 -3.08 28.68
C TYR G 176 -28.37 -2.33 29.04
N ALA G 177 -28.33 -1.01 28.84
CA ALA G 177 -27.16 -0.23 29.22
C ALA G 177 -26.81 -0.47 30.70
N PRO G 178 -27.76 -0.55 31.65
CA PRO G 178 -27.40 -0.74 33.07
C PRO G 178 -26.62 -2.03 33.33
N LYS G 179 -26.74 -3.01 32.43
CA LYS G 179 -26.01 -4.27 32.55
C LYS G 179 -24.71 -4.25 31.76
N GLY G 180 -24.33 -3.10 31.21
CA GLY G 180 -23.07 -2.96 30.48
C GLY G 180 -23.11 -3.60 29.10
N ILE G 181 -24.30 -3.88 28.57
CA ILE G 181 -24.44 -4.44 27.24
C ILE G 181 -24.64 -3.28 26.27
N ARG G 182 -23.79 -3.18 25.27
CA ARG G 182 -23.88 -2.09 24.29
C ARG G 182 -24.53 -2.61 23.02
N VAL G 183 -25.33 -1.74 22.38
CA VAL G 183 -26.04 -2.09 21.16
C VAL G 183 -25.93 -0.88 20.24
N ASN G 184 -25.41 -1.09 19.04
CA ASN G 184 -25.16 0.01 18.11
C ASN G 184 -25.48 -0.44 16.68
N ASN G 185 -25.75 0.54 15.82
CA ASN G 185 -25.87 0.32 14.39
C ASN G 185 -24.63 0.85 13.69
N ILE G 186 -24.33 0.18 12.56
CA ILE G 186 -23.48 0.75 11.52
C ILE G 186 -24.39 1.12 10.36
N GLY G 187 -24.13 2.30 9.77
CA GLY G 187 -24.93 2.78 8.63
C GLY G 187 -24.06 2.98 7.41
N PRO G 188 -23.83 1.92 6.60
CA PRO G 188 -23.02 2.07 5.40
C PRO G 188 -23.77 2.86 4.34
N GLY G 189 -23.00 3.59 3.55
CA GLY G 189 -23.47 4.10 2.26
C GLY G 189 -23.29 3.00 1.21
N ALA G 190 -22.86 3.40 0.02
CA ALA G 190 -22.68 2.45 -1.07
C ALA G 190 -21.33 1.79 -0.90
N ILE G 191 -21.35 0.44 -0.81
CA ILE G 191 -20.17 -0.37 -0.62
C ILE G 191 -20.10 -1.41 -1.75
N ASN G 192 -18.87 -1.63 -2.22
N ASN G 192 -18.87 -1.61 -2.23
CA ASN G 192 -18.58 -2.49 -3.34
CA ASN G 192 -18.60 -2.52 -3.34
C ASN G 192 -18.60 -3.96 -2.91
C ASN G 192 -18.60 -3.95 -2.86
N THR G 193 -19.78 -4.49 -2.60
CA THR G 193 -19.91 -5.91 -2.28
C THR G 193 -20.28 -6.66 -3.55
N THR G 194 -20.14 -8.00 -3.53
CA THR G 194 -20.40 -8.81 -4.71
C THR G 194 -21.85 -8.66 -5.18
N ILE G 195 -22.81 -8.48 -4.26
CA ILE G 195 -24.21 -8.32 -4.66
C ILE G 195 -24.39 -7.10 -5.57
N ASN G 196 -23.50 -6.11 -5.45
CA ASN G 196 -23.60 -4.86 -6.22
C ASN G 196 -22.77 -4.91 -7.49
N ALA G 197 -22.09 -6.03 -7.76
CA ALA G 197 -21.10 -6.07 -8.84
C ALA G 197 -21.80 -5.87 -10.19
N GLU G 198 -23.00 -6.44 -10.34
CA GLU G 198 -23.74 -6.30 -11.58
C GLU G 198 -24.07 -4.83 -11.81
N LYS G 199 -24.71 -4.20 -10.82
CA LYS G 199 -25.10 -2.82 -10.90
C LYS G 199 -23.89 -1.95 -11.27
N PHE G 200 -22.77 -2.11 -10.57
CA PHE G 200 -21.63 -1.23 -10.76
C PHE G 200 -20.80 -1.63 -11.96
N ALA G 201 -21.12 -2.76 -12.61
CA ALA G 201 -20.52 -3.11 -13.89
C ALA G 201 -21.06 -2.20 -15.01
N ASP G 202 -22.31 -1.75 -14.87
CA ASP G 202 -22.88 -0.72 -15.75
C ASP G 202 -22.26 0.63 -15.39
N PRO G 203 -21.36 1.22 -16.23
CA PRO G 203 -20.64 2.44 -15.88
C PRO G 203 -21.56 3.62 -15.55
N LYS G 204 -22.76 3.64 -16.13
CA LYS G 204 -23.70 4.73 -15.87
C LYS G 204 -24.22 4.63 -14.44
N GLN G 205 -24.59 3.43 -14.00
CA GLN G 205 -25.11 3.24 -12.65
C GLN G 205 -24.00 3.48 -11.62
N LYS G 206 -22.78 3.02 -11.94
CA LYS G 206 -21.65 3.27 -11.06
C LYS G 206 -21.42 4.79 -10.89
N ALA G 207 -21.47 5.53 -12.01
CA ALA G 207 -21.21 6.96 -12.01
C ALA G 207 -22.33 7.69 -11.28
N ASP G 208 -23.57 7.24 -11.45
CA ASP G 208 -24.70 7.84 -10.77
C ASP G 208 -24.53 7.73 -9.26
N VAL G 209 -24.17 6.53 -8.79
CA VAL G 209 -23.98 6.33 -7.36
C VAL G 209 -22.81 7.19 -6.87
N GLU G 210 -21.71 7.25 -7.64
CA GLU G 210 -20.55 8.02 -7.23
C GLU G 210 -20.90 9.52 -7.12
N SER G 211 -21.83 9.98 -7.97
CA SER G 211 -22.24 11.38 -7.97
C SER G 211 -23.00 11.74 -6.70
N MET G 212 -23.46 10.75 -5.93
CA MET G 212 -24.19 10.99 -4.71
C MET G 212 -23.26 10.81 -3.49
N ILE G 213 -21.96 10.58 -3.72
CA ILE G 213 -21.03 10.36 -2.62
C ILE G 213 -20.03 11.51 -2.60
N PRO G 214 -20.11 12.40 -1.60
CA PRO G 214 -19.20 13.55 -1.55
C PRO G 214 -17.71 13.17 -1.61
N MET G 215 -17.31 12.05 -0.98
CA MET G 215 -15.92 11.64 -1.03
C MET G 215 -15.54 11.10 -2.43
N GLY G 216 -16.53 10.80 -3.25
CA GLY G 216 -16.28 10.57 -4.68
C GLY G 216 -16.02 9.11 -5.05
N TYR G 217 -16.06 8.20 -4.08
CA TYR G 217 -15.80 6.79 -4.35
C TYR G 217 -16.75 5.90 -3.56
N ILE G 218 -17.05 4.74 -4.14
CA ILE G 218 -17.81 3.67 -3.49
C ILE G 218 -16.87 2.98 -2.51
N GLY G 219 -17.34 2.77 -1.28
CA GLY G 219 -16.49 2.22 -0.24
C GLY G 219 -16.18 0.74 -0.47
N GLU G 220 -15.16 0.27 0.20
CA GLU G 220 -14.77 -1.13 0.17
C GLU G 220 -15.26 -1.80 1.46
N PRO G 221 -15.57 -3.11 1.41
CA PRO G 221 -16.07 -3.82 2.59
C PRO G 221 -15.19 -3.69 3.82
N GLU G 222 -13.87 -3.60 3.63
CA GLU G 222 -12.92 -3.49 4.73
C GLU G 222 -13.15 -2.20 5.52
N GLU G 223 -13.69 -1.17 4.86
CA GLU G 223 -13.92 0.12 5.52
C GLU G 223 -15.12 0.03 6.48
N ILE G 224 -16.01 -0.94 6.24
CA ILE G 224 -17.13 -1.21 7.13
C ILE G 224 -16.68 -2.18 8.22
N ALA G 225 -15.90 -3.19 7.85
CA ALA G 225 -15.37 -4.11 8.85
C ALA G 225 -14.55 -3.35 9.90
N ALA G 226 -13.86 -2.28 9.51
CA ALA G 226 -13.09 -1.48 10.46
C ALA G 226 -13.99 -0.89 11.53
N VAL G 227 -15.18 -0.45 11.11
CA VAL G 227 -16.13 0.15 12.03
C VAL G 227 -16.64 -0.90 13.03
N ALA G 228 -16.95 -2.10 12.54
CA ALA G 228 -17.44 -3.18 13.39
C ALA G 228 -16.39 -3.56 14.44
N ALA G 229 -15.13 -3.67 14.02
CA ALA G 229 -14.08 -4.09 14.95
C ALA G 229 -13.96 -3.05 16.06
N TRP G 230 -14.01 -1.75 15.70
CA TRP G 230 -13.87 -0.69 16.68
C TRP G 230 -15.04 -0.71 17.66
N LEU G 231 -16.28 -0.75 17.14
CA LEU G 231 -17.46 -0.69 17.99
C LEU G 231 -17.52 -1.85 18.97
N ALA G 232 -17.05 -3.03 18.54
CA ALA G 232 -17.07 -4.22 19.38
C ALA G 232 -16.00 -4.16 20.47
N SER G 233 -14.98 -3.35 20.28
CA SER G 233 -13.82 -3.28 21.17
C SER G 233 -14.11 -2.39 22.37
N LYS G 234 -13.24 -2.50 23.39
CA LYS G 234 -13.35 -1.64 24.56
C LYS G 234 -12.95 -0.20 24.26
N GLU G 235 -12.40 0.10 23.07
CA GLU G 235 -12.18 1.48 22.68
C GLU G 235 -13.50 2.25 22.67
N ALA G 236 -14.58 1.55 22.30
CA ALA G 236 -15.92 2.15 22.23
C ALA G 236 -16.71 1.87 23.52
N SER G 237 -16.00 1.79 24.67
CA SER G 237 -16.62 1.41 25.92
C SER G 237 -17.79 2.30 26.35
N TYR G 238 -17.78 3.60 25.99
CA TYR G 238 -18.83 4.52 26.43
C TYR G 238 -19.84 4.81 25.32
N VAL G 239 -19.80 4.03 24.23
CA VAL G 239 -20.61 4.29 23.04
C VAL G 239 -21.72 3.26 22.92
N THR G 240 -22.96 3.70 23.06
CA THR G 240 -24.10 2.79 22.93
C THR G 240 -25.27 3.56 22.36
N GLY G 241 -26.08 2.81 21.60
CA GLY G 241 -27.30 3.32 21.03
C GLY G 241 -27.09 4.23 19.82
N ILE G 242 -25.87 4.27 19.26
CA ILE G 242 -25.60 5.17 18.15
C ILE G 242 -25.84 4.44 16.84
N THR G 243 -25.90 5.25 15.77
CA THR G 243 -25.63 4.74 14.44
C THR G 243 -24.37 5.43 13.93
N LEU G 244 -23.35 4.64 13.62
CA LEU G 244 -22.10 5.17 13.10
C LEU G 244 -22.18 5.07 11.58
N PHE G 245 -22.41 6.21 10.92
CA PHE G 245 -22.51 6.24 9.47
C PHE G 245 -21.12 6.21 8.87
N ALA G 246 -20.95 5.32 7.88
CA ALA G 246 -19.72 5.22 7.13
C ALA G 246 -20.13 5.23 5.66
N ASP G 247 -20.22 6.45 5.11
CA ASP G 247 -20.97 6.61 3.89
C ASP G 247 -20.32 7.61 2.92
N GLY G 248 -19.08 8.01 3.16
CA GLY G 248 -18.42 8.98 2.30
C GLY G 248 -19.15 10.31 2.21
N GLY G 249 -20.05 10.56 3.18
CA GLY G 249 -20.80 11.81 3.19
C GLY G 249 -22.20 11.77 2.58
N MET G 250 -22.74 10.60 2.21
CA MET G 250 -24.07 10.52 1.61
C MET G 250 -25.15 11.22 2.44
N THR G 251 -25.13 11.05 3.76
CA THR G 251 -26.15 11.62 4.61
C THR G 251 -26.03 13.15 4.73
N LEU G 252 -25.02 13.77 4.11
CA LEU G 252 -24.84 15.21 4.16
C LEU G 252 -25.60 15.97 3.06
N TYR G 253 -26.43 15.29 2.27
CA TYR G 253 -27.26 15.91 1.23
C TYR G 253 -26.40 16.32 0.04
N PRO G 254 -25.99 15.35 -0.80
CA PRO G 254 -25.05 15.65 -1.87
C PRO G 254 -25.59 16.62 -2.94
N SER G 255 -26.91 16.75 -3.05
CA SER G 255 -27.49 17.70 -4.00
C SER G 255 -27.12 19.14 -3.62
N PHE G 256 -26.68 19.40 -2.36
CA PHE G 256 -26.42 20.76 -1.94
C PHE G 256 -24.96 21.17 -2.00
N GLN G 257 -24.13 20.37 -2.64
CA GLN G 257 -22.75 20.77 -2.93
C GLN G 257 -22.72 22.11 -3.69
N ALA G 258 -21.65 22.88 -3.47
CA ALA G 258 -21.42 24.15 -4.16
C ALA G 258 -22.57 25.18 -3.96
N GLY G 259 -22.95 25.82 -5.08
CA GLY G 259 -24.10 26.71 -5.15
C GLY G 259 -25.18 26.16 -6.06
N MET H 1 4.38 -22.60 2.01
CA MET H 1 4.89 -21.21 1.92
C MET H 1 4.59 -20.60 0.55
N TYR H 2 4.78 -21.40 -0.52
CA TYR H 2 4.56 -20.94 -1.87
C TYR H 2 3.27 -21.57 -2.39
N PRO H 3 2.14 -20.85 -2.37
CA PRO H 3 0.85 -21.47 -2.71
C PRO H 3 0.79 -22.06 -4.11
N ASP H 4 1.55 -21.47 -5.05
CA ASP H 4 1.53 -21.92 -6.43
C ASP H 4 2.22 -23.29 -6.58
N LEU H 5 2.97 -23.76 -5.59
CA LEU H 5 3.62 -25.06 -5.70
C LEU H 5 2.66 -26.21 -5.40
N LYS H 6 1.53 -25.89 -4.75
CA LYS H 6 0.61 -26.96 -4.36
C LYS H 6 0.13 -27.69 -5.61
N GLY H 7 0.30 -29.02 -5.62
CA GLY H 7 -0.18 -29.83 -6.73
C GLY H 7 0.79 -29.87 -7.91
N LYS H 8 1.89 -29.11 -7.86
CA LYS H 8 2.87 -29.16 -8.93
C LYS H 8 3.62 -30.48 -8.87
N VAL H 9 4.01 -31.00 -10.05
CA VAL H 9 4.74 -32.24 -10.14
C VAL H 9 6.23 -31.94 -10.32
N VAL H 10 7.03 -32.44 -9.38
CA VAL H 10 8.47 -32.23 -9.38
C VAL H 10 9.16 -33.57 -9.36
N ALA H 11 10.09 -33.78 -10.31
CA ALA H 11 10.95 -34.95 -10.32
C ALA H 11 12.36 -34.54 -9.90
N ILE H 12 12.97 -35.37 -9.06
CA ILE H 12 14.24 -35.06 -8.43
C ILE H 12 15.14 -36.28 -8.56
N THR H 13 16.32 -36.10 -9.18
CA THR H 13 17.29 -37.16 -9.25
C THR H 13 18.17 -37.15 -8.01
N GLY H 14 18.70 -38.33 -7.66
CA GLY H 14 19.50 -38.44 -6.45
C GLY H 14 18.72 -38.12 -5.17
N ALA H 15 17.42 -38.46 -5.16
CA ALA H 15 16.51 -37.96 -4.15
C ALA H 15 16.40 -38.89 -2.93
N ALA H 16 17.16 -39.98 -2.87
CA ALA H 16 17.08 -40.85 -1.71
C ALA H 16 18.10 -40.46 -0.64
N SER H 17 18.93 -39.44 -0.87
CA SER H 17 19.91 -39.03 0.13
C SER H 17 20.12 -37.52 0.06
N GLY H 18 20.73 -36.98 1.12
CA GLY H 18 21.37 -35.67 1.06
C GLY H 18 20.44 -34.54 0.58
N LEU H 19 20.95 -33.72 -0.35
CA LEU H 19 20.20 -32.55 -0.78
C LEU H 19 18.92 -32.96 -1.51
N GLY H 20 19.00 -34.04 -2.32
CA GLY H 20 17.84 -34.48 -3.07
C GLY H 20 16.69 -34.88 -2.16
N LYS H 21 17.04 -35.61 -1.09
CA LYS H 21 16.07 -36.00 -0.08
C LYS H 21 15.48 -34.76 0.61
N ALA H 22 16.34 -33.80 0.98
CA ALA H 22 15.85 -32.62 1.67
C ALA H 22 14.92 -31.83 0.74
N MET H 23 15.24 -31.78 -0.57
CA MET H 23 14.38 -31.10 -1.50
C MET H 23 13.05 -31.82 -1.63
N ALA H 24 13.08 -33.16 -1.72
CA ALA H 24 11.84 -33.93 -1.82
C ALA H 24 10.93 -33.59 -0.64
N ILE H 25 11.50 -33.60 0.58
CA ILE H 25 10.72 -33.37 1.79
C ILE H 25 10.17 -31.94 1.80
N ARG H 26 11.00 -30.95 1.41
CA ARG H 26 10.53 -29.57 1.36
C ARG H 26 9.40 -29.42 0.35
N PHE H 27 9.52 -30.02 -0.83
CA PHE H 27 8.45 -29.95 -1.80
C PHE H 27 7.19 -30.64 -1.28
N GLY H 28 7.35 -31.65 -0.44
CA GLY H 28 6.22 -32.25 0.27
C GLY H 28 5.51 -31.23 1.16
N LYS H 29 6.31 -30.44 1.89
N LYS H 29 6.28 -30.43 1.90
CA LYS H 29 5.77 -29.41 2.77
CA LYS H 29 5.69 -29.42 2.75
C LYS H 29 5.00 -28.39 1.93
C LYS H 29 4.95 -28.39 1.90
N GLU H 30 5.43 -28.16 0.68
CA GLU H 30 4.73 -27.25 -0.23
C GLU H 30 3.53 -27.92 -0.92
N GLN H 31 3.25 -29.17 -0.55
CA GLN H 31 2.10 -29.92 -1.05
C GLN H 31 2.23 -30.23 -2.53
N ALA H 32 3.48 -30.46 -2.97
CA ALA H 32 3.73 -30.87 -4.33
C ALA H 32 3.65 -32.39 -4.43
N LYS H 33 3.73 -32.86 -5.67
CA LYS H 33 3.74 -34.27 -6.00
C LYS H 33 5.13 -34.62 -6.50
N VAL H 34 5.84 -35.48 -5.76
CA VAL H 34 7.28 -35.66 -5.95
C VAL H 34 7.57 -37.03 -6.57
N VAL H 35 8.37 -37.03 -7.64
CA VAL H 35 8.96 -38.24 -8.19
C VAL H 35 10.37 -38.37 -7.63
N ILE H 36 10.59 -39.38 -6.77
CA ILE H 36 11.83 -39.62 -6.09
C ILE H 36 12.64 -40.65 -6.90
N ASN H 37 13.61 -40.15 -7.67
CA ASN H 37 14.53 -41.02 -8.36
C ASN H 37 15.64 -41.44 -7.40
N TYR H 38 15.99 -42.71 -7.43
CA TYR H 38 17.12 -43.24 -6.67
C TYR H 38 17.92 -44.17 -7.56
N TYR H 39 19.17 -44.38 -7.23
CA TYR H 39 20.05 -45.17 -8.11
C TYR H 39 20.39 -46.42 -7.33
N SER H 40 21.10 -46.18 -6.24
CA SER H 40 21.85 -47.18 -5.52
C SER H 40 20.91 -48.16 -4.82
N ASN H 41 21.34 -49.41 -4.72
N ASN H 41 21.32 -49.41 -4.81
CA ASN H 41 20.53 -50.45 -4.10
CA ASN H 41 20.56 -50.42 -4.11
C ASN H 41 20.92 -50.49 -2.63
C ASN H 41 21.05 -50.48 -2.67
N LYS H 42 21.10 -49.30 -2.00
CA LYS H 42 21.46 -49.25 -0.58
C LYS H 42 20.94 -48.01 0.17
N GLN H 43 19.78 -47.46 -0.20
CA GLN H 43 19.46 -46.11 0.26
C GLN H 43 18.11 -45.88 0.97
N ASP H 44 17.14 -46.76 0.80
CA ASP H 44 15.86 -46.64 1.47
C ASP H 44 15.03 -45.48 0.93
N PRO H 45 14.74 -45.46 -0.39
CA PRO H 45 13.91 -44.40 -0.94
C PRO H 45 12.48 -44.39 -0.37
N ASN H 46 11.98 -45.54 0.05
CA ASN H 46 10.62 -45.59 0.58
C ASN H 46 10.49 -44.75 1.86
N GLU H 47 11.57 -44.66 2.63
CA GLU H 47 11.57 -43.82 3.82
C GLU H 47 11.42 -42.35 3.43
N VAL H 48 12.07 -41.94 2.33
CA VAL H 48 11.93 -40.56 1.85
C VAL H 48 10.49 -40.35 1.40
N LYS H 49 9.94 -41.31 0.68
CA LYS H 49 8.56 -41.25 0.23
C LYS H 49 7.63 -41.01 1.42
N GLU H 50 7.82 -41.76 2.51
CA GLU H 50 6.97 -41.61 3.68
C GLU H 50 7.11 -40.21 4.30
N GLU H 51 8.35 -39.68 4.32
CA GLU H 51 8.56 -38.35 4.89
C GLU H 51 7.92 -37.27 4.01
N VAL H 52 7.96 -37.45 2.68
CA VAL H 52 7.29 -36.52 1.78
C VAL H 52 5.80 -36.48 2.06
N ILE H 53 5.21 -37.67 2.18
CA ILE H 53 3.78 -37.78 2.41
C ILE H 53 3.42 -37.18 3.78
N LYS H 54 4.21 -37.49 4.80
CA LYS H 54 3.96 -36.96 6.14
C LYS H 54 4.05 -35.43 6.15
N ALA H 55 4.94 -34.86 5.32
CA ALA H 55 5.10 -33.41 5.26
C ALA H 55 3.94 -32.72 4.55
N GLY H 56 3.13 -33.47 3.78
CA GLY H 56 1.94 -32.94 3.16
C GLY H 56 1.86 -33.15 1.65
N GLY H 57 2.80 -33.94 1.09
CA GLY H 57 2.85 -34.13 -0.34
C GLY H 57 2.39 -35.52 -0.78
N GLU H 58 2.57 -35.77 -2.06
CA GLU H 58 2.45 -37.11 -2.64
C GLU H 58 3.80 -37.49 -3.22
N ALA H 59 4.06 -38.78 -3.35
CA ALA H 59 5.38 -39.24 -3.75
C ALA H 59 5.30 -40.63 -4.39
N VAL H 60 6.10 -40.83 -5.43
CA VAL H 60 6.36 -42.14 -6.02
C VAL H 60 7.87 -42.27 -6.17
N VAL H 61 8.37 -43.49 -6.09
CA VAL H 61 9.80 -43.75 -6.13
C VAL H 61 10.09 -44.50 -7.43
N VAL H 62 11.24 -44.19 -8.06
CA VAL H 62 11.59 -44.83 -9.32
C VAL H 62 13.11 -44.97 -9.39
N GLN H 63 13.57 -46.21 -9.59
CA GLN H 63 14.99 -46.46 -9.75
C GLN H 63 15.40 -46.00 -11.15
N GLY H 64 16.60 -45.44 -11.27
CA GLY H 64 17.07 -45.02 -12.56
C GLY H 64 18.48 -44.45 -12.49
N ASP H 65 19.30 -44.80 -13.47
CA ASP H 65 20.66 -44.31 -13.64
C ASP H 65 20.64 -43.17 -14.63
N VAL H 66 21.02 -41.94 -14.18
CA VAL H 66 20.91 -40.76 -15.02
C VAL H 66 21.94 -40.77 -16.15
N THR H 67 22.86 -41.72 -16.17
CA THR H 67 23.77 -41.86 -17.31
C THR H 67 23.15 -42.74 -18.39
N LYS H 68 21.92 -43.24 -18.18
CA LYS H 68 21.25 -44.07 -19.16
C LYS H 68 20.02 -43.34 -19.67
N GLU H 69 20.05 -43.05 -20.95
CA GLU H 69 19.02 -42.30 -21.62
C GLU H 69 17.63 -42.88 -21.32
N GLU H 70 17.49 -44.22 -21.36
N GLU H 70 17.48 -44.21 -21.37
CA GLU H 70 16.19 -44.83 -21.20
CA GLU H 70 16.16 -44.81 -21.23
C GLU H 70 15.67 -44.63 -19.78
C GLU H 70 15.67 -44.64 -19.78
N ASP H 71 16.58 -44.65 -18.81
CA ASP H 71 16.21 -44.47 -17.40
C ASP H 71 15.73 -43.04 -17.15
N VAL H 72 16.38 -42.06 -17.80
CA VAL H 72 15.96 -40.68 -17.65
C VAL H 72 14.57 -40.48 -18.26
N LYS H 73 14.35 -41.03 -19.45
N LYS H 73 14.31 -41.03 -19.45
CA LYS H 73 13.04 -40.98 -20.08
CA LYS H 73 12.99 -40.94 -20.05
C LYS H 73 11.98 -41.57 -19.15
C LYS H 73 11.95 -41.55 -19.12
N ASN H 74 12.33 -42.65 -18.45
CA ASN H 74 11.42 -43.36 -17.57
C ASN H 74 11.11 -42.54 -16.30
N ILE H 75 12.05 -41.70 -15.85
CA ILE H 75 11.76 -40.79 -14.75
C ILE H 75 10.62 -39.86 -15.15
N VAL H 76 10.73 -39.26 -16.33
CA VAL H 76 9.71 -38.34 -16.80
C VAL H 76 8.40 -39.08 -17.02
N GLN H 77 8.44 -40.28 -17.62
CA GLN H 77 7.23 -41.06 -17.86
C GLN H 77 6.55 -41.43 -16.54
N THR H 78 7.34 -41.67 -15.49
CA THR H 78 6.77 -41.96 -14.18
C THR H 78 5.93 -40.77 -13.69
N ALA H 79 6.45 -39.53 -13.84
CA ALA H 79 5.70 -38.35 -13.47
C ALA H 79 4.37 -38.30 -14.22
N ILE H 80 4.41 -38.53 -15.54
N ILE H 80 4.43 -38.50 -15.54
CA ILE H 80 3.25 -38.41 -16.40
CA ILE H 80 3.26 -38.42 -16.41
C ILE H 80 2.22 -39.47 -16.00
C ILE H 80 2.22 -39.46 -15.98
N LYS H 81 2.68 -40.71 -15.80
CA LYS H 81 1.79 -41.82 -15.53
C LYS H 81 1.19 -41.70 -14.12
N GLU H 82 1.98 -41.30 -13.12
CA GLU H 82 1.49 -41.25 -11.77
C GLU H 82 0.67 -40.01 -11.50
N PHE H 83 1.08 -38.86 -12.06
CA PHE H 83 0.55 -37.59 -11.62
C PHE H 83 -0.06 -36.78 -12.76
N GLY H 84 0.11 -37.22 -14.01
CA GLY H 84 -0.60 -36.62 -15.13
C GLY H 84 0.22 -35.61 -15.93
N THR H 85 1.35 -35.14 -15.37
CA THR H 85 2.09 -34.02 -15.96
C THR H 85 3.46 -33.95 -15.27
N LEU H 86 4.28 -33.01 -15.73
CA LEU H 86 5.53 -32.66 -15.08
C LEU H 86 5.64 -31.14 -15.12
N ASP H 87 6.03 -30.54 -13.98
CA ASP H 87 6.13 -29.09 -13.86
C ASP H 87 7.56 -28.62 -13.61
N ILE H 88 8.31 -29.39 -12.82
CA ILE H 88 9.63 -29.00 -12.32
C ILE H 88 10.55 -30.23 -12.42
N MET H 89 11.75 -30.04 -12.99
CA MET H 89 12.75 -31.08 -13.08
C MET H 89 13.96 -30.61 -12.30
N ILE H 90 14.41 -31.43 -11.33
CA ILE H 90 15.59 -31.09 -10.55
C ILE H 90 16.66 -32.17 -10.76
N ASN H 91 17.73 -31.78 -11.47
CA ASN H 91 18.83 -32.69 -11.74
C ASN H 91 19.89 -32.51 -10.66
N ASN H 92 19.90 -33.45 -9.70
CA ASN H 92 20.67 -33.32 -8.48
C ASN H 92 21.73 -34.43 -8.32
N ALA H 93 21.55 -35.59 -8.97
CA ALA H 93 22.52 -36.67 -8.84
C ALA H 93 23.94 -36.19 -9.12
N GLY H 94 24.89 -36.68 -8.34
CA GLY H 94 26.28 -36.34 -8.57
C GLY H 94 27.23 -37.13 -7.69
N LEU H 95 28.51 -37.16 -8.08
CA LEU H 95 29.55 -37.79 -7.29
C LEU H 95 30.91 -37.14 -7.59
N GLU H 96 31.90 -37.50 -6.76
CA GLU H 96 33.25 -36.97 -6.85
C GLU H 96 34.20 -37.96 -6.20
N ASN H 97 35.47 -37.92 -6.60
CA ASN H 97 36.52 -38.69 -5.94
C ASN H 97 37.85 -37.99 -6.21
N PRO H 98 38.76 -37.89 -5.23
CA PRO H 98 40.02 -37.16 -5.43
C PRO H 98 41.13 -37.96 -6.10
N VAL H 99 41.77 -37.37 -7.13
CA VAL H 99 42.97 -37.92 -7.73
C VAL H 99 43.81 -36.76 -8.23
N PRO H 100 45.14 -36.73 -8.02
CA PRO H 100 45.98 -35.73 -8.69
C PRO H 100 45.69 -35.73 -10.19
N SER H 101 45.54 -34.53 -10.77
CA SER H 101 45.00 -34.42 -12.12
C SER H 101 45.89 -35.14 -13.14
N HIS H 102 47.22 -35.07 -12.98
CA HIS H 102 48.12 -35.70 -13.93
C HIS H 102 48.07 -37.22 -13.82
N GLU H 103 47.42 -37.74 -12.76
CA GLU H 103 47.24 -39.17 -12.58
C GLU H 103 45.78 -39.61 -12.76
N MET H 104 44.89 -38.67 -13.09
N MET H 104 44.89 -38.68 -13.10
CA MET H 104 43.46 -38.95 -13.07
CA MET H 104 43.48 -39.01 -13.01
C MET H 104 43.12 -39.93 -14.21
C MET H 104 43.10 -39.90 -14.17
N PRO H 105 42.61 -41.14 -13.90
CA PRO H 105 42.23 -42.07 -14.95
C PRO H 105 41.04 -41.55 -15.74
N LEU H 106 41.03 -41.87 -17.04
CA LEU H 106 39.94 -41.48 -17.91
C LEU H 106 38.64 -42.09 -17.41
N LYS H 107 38.68 -43.29 -16.81
CA LYS H 107 37.44 -43.90 -16.33
C LYS H 107 36.81 -43.03 -15.24
N ASP H 108 37.61 -42.46 -14.34
CA ASP H 108 37.09 -41.62 -13.27
C ASP H 108 36.54 -40.32 -13.84
N TRP H 109 37.30 -39.72 -14.76
CA TRP H 109 36.85 -38.53 -15.47
C TRP H 109 35.49 -38.77 -16.13
N ASP H 110 35.39 -39.87 -16.88
CA ASP H 110 34.17 -40.18 -17.61
C ASP H 110 32.98 -40.41 -16.68
N LYS H 111 33.20 -41.06 -15.54
CA LYS H 111 32.09 -41.34 -14.65
C LYS H 111 31.56 -40.04 -14.04
N VAL H 112 32.46 -39.12 -13.68
CA VAL H 112 32.03 -37.87 -13.04
C VAL H 112 31.39 -36.94 -14.08
N ILE H 113 31.99 -36.78 -15.26
CA ILE H 113 31.38 -36.00 -16.32
C ILE H 113 30.03 -36.60 -16.69
N GLY H 114 29.98 -37.94 -16.81
CA GLY H 114 28.78 -38.62 -17.24
C GLY H 114 27.62 -38.43 -16.27
N THR H 115 27.90 -38.56 -14.97
CA THR H 115 26.85 -38.49 -13.97
C THR H 115 26.45 -37.03 -13.75
N ASN H 116 27.48 -36.18 -13.56
CA ASN H 116 27.24 -34.84 -13.07
C ASN H 116 26.77 -33.89 -14.15
N LEU H 117 27.29 -34.05 -15.38
CA LEU H 117 27.01 -33.11 -16.45
C LEU H 117 26.09 -33.76 -17.48
N THR H 118 26.50 -34.89 -18.07
CA THR H 118 25.65 -35.53 -19.07
C THR H 118 24.30 -35.94 -18.47
N GLY H 119 24.30 -36.43 -17.23
CA GLY H 119 23.06 -36.79 -16.58
C GLY H 119 22.10 -35.61 -16.44
N ALA H 120 22.64 -34.44 -16.10
CA ALA H 120 21.82 -33.25 -16.01
C ALA H 120 21.35 -32.78 -17.37
N PHE H 121 22.20 -32.94 -18.41
CA PHE H 121 21.79 -32.66 -19.77
C PHE H 121 20.59 -33.54 -20.15
N LEU H 122 20.68 -34.85 -19.91
CA LEU H 122 19.60 -35.75 -20.29
C LEU H 122 18.30 -35.40 -19.56
N GLY H 123 18.37 -35.15 -18.26
CA GLY H 123 17.19 -34.79 -17.49
C GLY H 123 16.56 -33.47 -17.95
N SER H 124 17.43 -32.48 -18.20
CA SER H 124 16.99 -31.20 -18.73
C SER H 124 16.33 -31.39 -20.09
N ARG H 125 16.98 -32.18 -20.97
CA ARG H 125 16.49 -32.39 -22.33
C ARG H 125 15.09 -33.02 -22.28
N GLU H 126 14.93 -34.06 -21.49
CA GLU H 126 13.67 -34.81 -21.45
C GLU H 126 12.56 -33.95 -20.84
N ALA H 127 12.87 -33.19 -19.77
CA ALA H 127 11.86 -32.33 -19.16
C ALA H 127 11.43 -31.22 -20.13
N ILE H 128 12.41 -30.55 -20.76
CA ILE H 128 12.10 -29.45 -21.65
C ILE H 128 11.33 -29.95 -22.87
N LYS H 129 11.70 -31.13 -23.38
CA LYS H 129 10.97 -31.72 -24.49
C LYS H 129 9.49 -31.82 -24.12
N TYR H 130 9.21 -32.34 -22.93
CA TYR H 130 7.85 -32.49 -22.45
C TYR H 130 7.17 -31.12 -22.33
N PHE H 131 7.86 -30.14 -21.74
CA PHE H 131 7.29 -28.82 -21.57
C PHE H 131 6.95 -28.19 -22.93
N VAL H 132 7.85 -28.31 -23.91
CA VAL H 132 7.66 -27.70 -25.20
C VAL H 132 6.49 -28.38 -25.93
N GLU H 133 6.40 -29.70 -25.82
CA GLU H 133 5.38 -30.47 -26.53
C GLU H 133 3.98 -30.19 -25.96
N ASN H 134 3.90 -29.76 -24.69
CA ASN H 134 2.62 -29.63 -24.01
C ASN H 134 2.35 -28.19 -23.58
N ASP H 135 3.13 -27.22 -24.09
CA ASP H 135 3.03 -25.81 -23.74
C ASP H 135 2.95 -25.61 -22.23
N ILE H 136 3.84 -26.25 -21.46
CA ILE H 136 3.94 -26.04 -20.03
C ILE H 136 5.06 -25.04 -19.76
N LYS H 137 4.77 -24.04 -18.93
CA LYS H 137 5.79 -23.07 -18.52
C LYS H 137 6.54 -23.69 -17.34
N GLY H 138 7.30 -24.72 -17.65
CA GLY H 138 7.95 -25.54 -16.66
C GLY H 138 9.26 -24.88 -16.19
N ASN H 139 9.92 -25.60 -15.30
CA ASN H 139 11.06 -25.10 -14.56
C ASN H 139 12.09 -26.23 -14.45
N VAL H 140 13.37 -25.92 -14.69
CA VAL H 140 14.46 -26.87 -14.47
C VAL H 140 15.44 -26.25 -13.47
N ILE H 141 15.81 -27.03 -12.46
CA ILE H 141 16.84 -26.65 -11.51
C ILE H 141 17.95 -27.67 -11.58
N ASN H 142 19.17 -27.20 -11.86
CA ASN H 142 20.34 -28.06 -11.94
C ASN H 142 21.19 -27.81 -10.70
N MET H 143 21.55 -28.88 -9.98
CA MET H 143 22.34 -28.75 -8.79
C MET H 143 23.81 -28.69 -9.19
N SER H 144 24.38 -27.49 -8.99
CA SER H 144 25.77 -27.26 -9.32
C SER H 144 26.57 -27.26 -8.01
N SER H 145 27.47 -26.30 -7.87
CA SER H 145 28.41 -26.23 -6.77
C SER H 145 29.10 -24.88 -6.83
N VAL H 146 29.69 -24.46 -5.70
CA VAL H 146 30.68 -23.39 -5.75
C VAL H 146 31.75 -23.70 -6.79
N HIS H 147 32.00 -25.00 -7.07
CA HIS H 147 33.04 -25.39 -8.01
C HIS H 147 32.66 -25.24 -9.47
N GLU H 148 31.53 -24.55 -9.79
CA GLU H 148 31.38 -24.02 -11.13
C GLU H 148 32.17 -22.72 -11.32
N VAL H 149 32.68 -22.14 -10.23
N VAL H 149 32.75 -22.18 -10.24
CA VAL H 149 33.54 -20.97 -10.29
CA VAL H 149 33.54 -20.97 -10.27
C VAL H 149 34.86 -21.21 -9.54
C VAL H 149 34.85 -21.17 -9.52
N ILE H 150 34.81 -21.90 -8.40
CA ILE H 150 36.00 -22.20 -7.61
C ILE H 150 36.71 -23.43 -8.17
N PRO H 151 37.97 -23.32 -8.60
CA PRO H 151 38.73 -24.47 -9.07
C PRO H 151 38.87 -25.50 -7.95
N TRP H 152 39.13 -26.76 -8.30
CA TRP H 152 39.19 -27.78 -7.25
C TRP H 152 40.28 -28.81 -7.54
N PRO H 153 41.53 -28.50 -7.17
CA PRO H 153 42.63 -29.47 -7.31
C PRO H 153 42.25 -30.81 -6.69
N LEU H 154 42.63 -31.89 -7.38
CA LEU H 154 42.32 -33.29 -7.08
C LEU H 154 40.92 -33.66 -7.59
N PHE H 155 40.12 -32.66 -8.02
CA PHE H 155 38.76 -32.92 -8.47
C PHE H 155 38.51 -32.21 -9.79
N VAL H 156 39.45 -32.33 -10.72
CA VAL H 156 39.38 -31.62 -11.98
C VAL H 156 38.14 -32.05 -12.77
N HIS H 157 37.76 -33.32 -12.66
CA HIS H 157 36.56 -33.84 -13.30
C HIS H 157 35.30 -33.16 -12.77
N TYR H 158 35.22 -33.03 -11.45
CA TYR H 158 34.05 -32.43 -10.82
C TYR H 158 33.94 -30.96 -11.20
N ALA H 159 35.07 -30.25 -11.13
CA ALA H 159 35.05 -28.83 -11.48
C ALA H 159 34.62 -28.65 -12.92
N ALA H 160 35.20 -29.44 -13.84
CA ALA H 160 34.81 -29.37 -15.23
C ALA H 160 33.32 -29.67 -15.39
N SER H 161 32.81 -30.67 -14.65
CA SER H 161 31.42 -31.05 -14.81
C SER H 161 30.48 -29.89 -14.44
N LYS H 162 30.83 -29.15 -13.38
CA LYS H 162 29.95 -28.09 -12.89
C LYS H 162 30.15 -26.81 -13.72
N GLY H 163 31.40 -26.52 -14.14
CA GLY H 163 31.61 -25.43 -15.08
C GLY H 163 30.83 -25.66 -16.38
N GLY H 164 30.80 -26.92 -16.83
CA GLY H 164 30.01 -27.29 -17.99
C GLY H 164 28.51 -27.14 -17.73
N MET H 165 28.08 -27.57 -16.54
CA MET H 165 26.66 -27.46 -16.18
C MET H 165 26.23 -26.00 -16.22
N LYS H 166 27.08 -25.08 -15.76
CA LYS H 166 26.75 -23.66 -15.81
C LYS H 166 26.41 -23.23 -17.23
N LEU H 167 27.26 -23.55 -18.21
CA LEU H 167 26.99 -23.07 -19.56
C LEU H 167 25.86 -23.85 -20.21
N MET H 168 25.65 -25.10 -19.81
CA MET H 168 24.51 -25.89 -20.26
C MET H 168 23.22 -25.18 -19.81
N THR H 169 23.15 -24.89 -18.51
CA THR H 169 22.01 -24.20 -17.94
C THR H 169 21.75 -22.86 -18.64
N LYS H 170 22.79 -22.05 -18.82
CA LYS H 170 22.61 -20.74 -19.39
C LYS H 170 22.11 -20.84 -20.83
N THR H 171 22.64 -21.81 -21.57
CA THR H 171 22.23 -22.03 -22.94
C THR H 171 20.75 -22.44 -23.01
N LEU H 172 20.35 -23.40 -22.19
CA LEU H 172 18.95 -23.84 -22.16
C LEU H 172 18.04 -22.69 -21.73
N ALA H 173 18.47 -21.92 -20.73
CA ALA H 173 17.70 -20.77 -20.28
C ALA H 173 17.46 -19.79 -21.42
N LEU H 174 18.52 -19.44 -22.17
CA LEU H 174 18.36 -18.51 -23.28
C LEU H 174 17.44 -19.10 -24.35
N GLU H 175 17.66 -20.37 -24.68
CA GLU H 175 16.98 -21.02 -25.79
C GLU H 175 15.47 -21.16 -25.53
N TYR H 176 15.07 -21.41 -24.27
CA TYR H 176 13.67 -21.73 -23.96
C TYR H 176 12.98 -20.60 -23.21
N ALA H 177 13.68 -19.51 -22.90
CA ALA H 177 13.06 -18.36 -22.25
C ALA H 177 11.81 -17.89 -23.01
N PRO H 178 11.81 -17.81 -24.36
CA PRO H 178 10.62 -17.32 -25.06
C PRO H 178 9.36 -18.15 -24.82
N LYS H 179 9.53 -19.41 -24.42
CA LYS H 179 8.39 -20.27 -24.10
C LYS H 179 8.03 -20.24 -22.62
N GLY H 180 8.66 -19.35 -21.85
CA GLY H 180 8.38 -19.21 -20.43
C GLY H 180 8.95 -20.33 -19.57
N ILE H 181 9.91 -21.09 -20.10
CA ILE H 181 10.54 -22.17 -19.35
C ILE H 181 11.80 -21.57 -18.72
N ARG H 182 11.91 -21.66 -17.39
CA ARG H 182 13.08 -21.14 -16.69
C ARG H 182 14.01 -22.29 -16.36
N VAL H 183 15.32 -22.02 -16.41
CA VAL H 183 16.36 -22.98 -16.11
C VAL H 183 17.42 -22.26 -15.29
N ASN H 184 17.70 -22.79 -14.11
CA ASN H 184 18.63 -22.16 -13.17
C ASN H 184 19.48 -23.21 -12.47
N ASN H 185 20.64 -22.77 -11.96
CA ASN H 185 21.49 -23.57 -11.10
C ASN H 185 21.39 -23.09 -9.68
N ILE H 186 21.56 -24.05 -8.74
CA ILE H 186 21.89 -23.76 -7.36
C ILE H 186 23.34 -24.15 -7.15
N GLY H 187 24.09 -23.28 -6.43
CA GLY H 187 25.50 -23.54 -6.17
C GLY H 187 25.76 -23.65 -4.68
N PRO H 188 25.58 -24.84 -4.06
CA PRO H 188 25.88 -25.01 -2.66
C PRO H 188 27.39 -24.96 -2.39
N GLY H 189 27.70 -24.43 -1.21
CA GLY H 189 29.02 -24.61 -0.62
C GLY H 189 29.06 -25.94 0.12
N ALA H 190 29.71 -25.97 1.27
CA ALA H 190 29.79 -27.19 2.08
C ALA H 190 28.50 -27.35 2.87
N ILE H 191 27.83 -28.50 2.65
CA ILE H 191 26.57 -28.82 3.28
C ILE H 191 26.71 -30.15 4.01
N ASN H 192 26.09 -30.22 5.17
CA ASN H 192 26.16 -31.36 6.07
C ASN H 192 25.21 -32.46 5.61
N THR H 193 25.54 -33.10 4.50
CA THR H 193 24.76 -34.25 4.03
C THR H 193 25.42 -35.51 4.55
N THR H 194 24.69 -36.64 4.53
N THR H 194 24.69 -36.65 4.48
CA THR H 194 25.22 -37.89 5.07
CA THR H 194 25.18 -37.93 5.00
C THR H 194 26.47 -38.32 4.29
C THR H 194 26.46 -38.37 4.28
N ILE H 195 26.58 -38.02 2.99
CA ILE H 195 27.77 -38.40 2.24
C ILE H 195 29.02 -37.76 2.83
N ASN H 196 28.88 -36.60 3.51
CA ASN H 196 29.99 -35.86 4.06
C ASN H 196 30.23 -36.18 5.53
N ALA H 197 29.44 -37.10 6.11
CA ALA H 197 29.41 -37.28 7.56
C ALA H 197 30.75 -37.83 8.02
N GLU H 198 31.36 -38.72 7.20
CA GLU H 198 32.68 -39.27 7.49
C GLU H 198 33.68 -38.13 7.61
N LYS H 199 33.80 -37.33 6.54
CA LYS H 199 34.74 -36.23 6.49
C LYS H 199 34.58 -35.33 7.71
N PHE H 200 33.35 -34.92 8.01
CA PHE H 200 33.11 -33.94 9.05
C PHE H 200 33.10 -34.59 10.44
N ALA H 201 33.19 -35.92 10.51
CA ALA H 201 33.37 -36.62 11.78
C ALA H 201 34.81 -36.40 12.28
N ASP H 202 35.76 -36.26 11.35
CA ASP H 202 37.12 -35.87 11.67
C ASP H 202 37.14 -34.38 12.05
N PRO H 203 37.33 -34.02 13.35
CA PRO H 203 37.19 -32.63 13.78
C PRO H 203 38.17 -31.68 13.09
N LYS H 204 39.32 -32.21 12.64
CA LYS H 204 40.28 -31.38 11.95
C LYS H 204 39.75 -30.97 10.58
N GLN H 205 39.19 -31.92 9.83
CA GLN H 205 38.65 -31.63 8.52
C GLN H 205 37.41 -30.75 8.64
N LYS H 206 36.58 -30.97 9.67
CA LYS H 206 35.44 -30.11 9.92
C LYS H 206 35.90 -28.66 10.14
N ALA H 207 36.94 -28.48 10.96
CA ALA H 207 37.44 -27.15 11.30
C ALA H 207 38.08 -26.48 10.08
N ASP H 208 38.80 -27.28 9.28
N ASP H 208 38.83 -27.23 9.25
CA ASP H 208 39.43 -26.76 8.08
CA ASP H 208 39.45 -26.62 8.07
C ASP H 208 38.38 -26.24 7.10
C ASP H 208 38.38 -26.20 7.06
N VAL H 209 37.31 -27.00 6.89
CA VAL H 209 36.24 -26.59 5.99
C VAL H 209 35.57 -25.33 6.56
N GLU H 210 35.32 -25.30 7.87
CA GLU H 210 34.69 -24.14 8.50
C GLU H 210 35.54 -22.88 8.30
N SER H 211 36.87 -23.05 8.29
N SER H 211 36.88 -23.03 8.23
CA SER H 211 37.78 -21.92 8.12
CA SER H 211 37.80 -21.91 8.07
C SER H 211 37.70 -21.32 6.71
C SER H 211 37.77 -21.35 6.65
N MET H 212 37.08 -22.04 5.76
CA MET H 212 36.92 -21.56 4.40
C MET H 212 35.53 -20.99 4.18
N ILE H 213 34.71 -20.94 5.23
CA ILE H 213 33.33 -20.46 5.12
C ILE H 213 33.23 -19.18 5.92
N PRO H 214 33.10 -18.01 5.27
CA PRO H 214 32.98 -16.75 6.02
C PRO H 214 31.89 -16.75 7.09
N MET H 215 30.73 -17.35 6.83
CA MET H 215 29.67 -17.38 7.82
C MET H 215 30.02 -18.31 8.99
N GLY H 216 31.03 -19.16 8.84
CA GLY H 216 31.62 -19.87 9.97
C GLY H 216 30.96 -21.21 10.31
N TYR H 217 29.99 -21.65 9.51
CA TYR H 217 29.32 -22.92 9.75
C TYR H 217 29.06 -23.62 8.42
N ILE H 218 29.06 -24.96 8.49
CA ILE H 218 28.65 -25.82 7.40
C ILE H 218 27.14 -25.80 7.31
N GLY H 219 26.59 -25.61 6.09
CA GLY H 219 25.18 -25.45 5.92
C GLY H 219 24.42 -26.75 6.16
N GLU H 220 23.11 -26.62 6.37
CA GLU H 220 22.23 -27.76 6.53
C GLU H 220 21.47 -27.95 5.22
N PRO H 221 21.09 -29.20 4.88
CA PRO H 221 20.37 -29.48 3.64
C PRO H 221 19.11 -28.64 3.44
N GLU H 222 18.42 -28.30 4.53
CA GLU H 222 17.19 -27.52 4.46
C GLU H 222 17.46 -26.13 3.89
N GLU H 223 18.68 -25.63 4.08
CA GLU H 223 19.04 -24.30 3.59
C GLU H 223 19.20 -24.30 2.06
N ILE H 224 19.48 -25.49 1.48
CA ILE H 224 19.52 -25.65 0.04
C ILE H 224 18.13 -25.93 -0.49
N ALA H 225 17.37 -26.78 0.22
CA ALA H 225 15.99 -27.03 -0.19
C ALA H 225 15.17 -25.75 -0.24
N ALA H 226 15.46 -24.79 0.65
CA ALA H 226 14.76 -23.51 0.65
C ALA H 226 14.95 -22.80 -0.68
N VAL H 227 16.18 -22.86 -1.19
CA VAL H 227 16.50 -22.18 -2.44
C VAL H 227 15.76 -22.84 -3.60
N ALA H 228 15.71 -24.17 -3.63
CA ALA H 228 15.01 -24.89 -4.69
C ALA H 228 13.52 -24.56 -4.72
N ALA H 229 12.91 -24.52 -3.53
CA ALA H 229 11.48 -24.24 -3.46
C ALA H 229 11.20 -22.85 -4.03
N TRP H 230 12.04 -21.88 -3.66
CA TRP H 230 11.85 -20.51 -4.13
C TRP H 230 12.02 -20.41 -5.64
N LEU H 231 13.12 -20.97 -6.17
CA LEU H 231 13.40 -20.89 -7.60
C LEU H 231 12.30 -21.51 -8.44
N ALA H 232 11.70 -22.61 -7.94
CA ALA H 232 10.65 -23.32 -8.66
C ALA H 232 9.34 -22.56 -8.65
N SER H 233 9.16 -21.66 -7.69
CA SER H 233 7.90 -20.96 -7.47
C SER H 233 7.79 -19.75 -8.41
N LYS H 234 6.57 -19.20 -8.48
CA LYS H 234 6.35 -18.00 -9.27
C LYS H 234 6.93 -16.75 -8.60
N GLU H 235 7.43 -16.84 -7.37
CA GLU H 235 8.16 -15.72 -6.77
C GLU H 235 9.38 -15.38 -7.63
N ALA H 236 9.98 -16.43 -8.22
CA ALA H 236 11.16 -16.27 -9.07
C ALA H 236 10.76 -16.18 -10.55
N SER H 237 9.59 -15.60 -10.85
CA SER H 237 9.04 -15.59 -12.19
C SER H 237 9.97 -14.93 -13.22
N TYR H 238 10.78 -13.93 -12.83
CA TYR H 238 11.61 -13.21 -13.77
C TYR H 238 13.08 -13.66 -13.70
N VAL H 239 13.35 -14.79 -13.03
CA VAL H 239 14.71 -15.24 -12.76
C VAL H 239 15.01 -16.48 -13.63
N THR H 240 15.94 -16.34 -14.57
CA THR H 240 16.33 -17.47 -15.39
C THR H 240 17.79 -17.33 -15.80
N GLY H 241 18.43 -18.49 -15.92
CA GLY H 241 19.81 -18.59 -16.35
C GLY H 241 20.83 -18.24 -15.27
N ILE H 242 20.39 -18.12 -14.01
CA ILE H 242 21.31 -17.73 -12.96
C ILE H 242 21.90 -18.97 -12.29
N THR H 243 22.96 -18.72 -11.54
CA THR H 243 23.39 -19.62 -10.48
C THR H 243 23.20 -18.90 -9.15
N LEU H 244 22.37 -19.46 -8.29
CA LEU H 244 22.12 -18.90 -6.97
C LEU H 244 23.02 -19.64 -5.99
N PHE H 245 24.10 -18.97 -5.58
CA PHE H 245 25.05 -19.56 -4.67
C PHE H 245 24.50 -19.48 -3.26
N ALA H 246 24.59 -20.63 -2.56
CA ALA H 246 24.18 -20.73 -1.17
C ALA H 246 25.32 -21.40 -0.44
N ASP H 247 26.28 -20.58 0.00
CA ASP H 247 27.61 -21.09 0.30
C ASP H 247 28.25 -20.47 1.52
N GLY H 248 27.50 -19.69 2.30
CA GLY H 248 28.04 -19.02 3.47
C GLY H 248 29.19 -18.08 3.14
N GLY H 249 29.31 -17.70 1.86
CA GLY H 249 30.36 -16.79 1.43
C GLY H 249 31.60 -17.43 0.82
N MET H 250 31.61 -18.75 0.56
N MET H 250 31.59 -18.73 0.55
CA MET H 250 32.79 -19.42 0.01
CA MET H 250 32.80 -19.39 0.09
C MET H 250 33.32 -18.76 -1.26
C MET H 250 33.30 -18.77 -1.23
N THR H 251 32.43 -18.37 -2.16
CA THR H 251 32.85 -17.80 -3.43
C THR H 251 33.43 -16.38 -3.28
N LEU H 252 33.45 -15.83 -2.07
CA LEU H 252 33.99 -14.50 -1.83
C LEU H 252 35.49 -14.48 -1.54
N TYR H 253 36.18 -15.63 -1.65
CA TYR H 253 37.63 -15.73 -1.48
C TYR H 253 38.00 -15.65 -0.01
N PRO H 254 37.78 -16.73 0.75
CA PRO H 254 37.99 -16.68 2.19
C PRO H 254 39.42 -16.41 2.64
N SER H 255 40.41 -16.67 1.77
CA SER H 255 41.78 -16.33 2.09
C SER H 255 41.98 -14.82 2.27
N PHE H 256 41.05 -13.99 1.78
CA PHE H 256 41.24 -12.54 1.83
C PHE H 256 40.52 -11.85 2.99
N GLN H 257 39.99 -12.63 3.93
CA GLN H 257 39.46 -12.06 5.15
C GLN H 257 40.52 -11.24 5.89
N ALA H 258 40.08 -10.22 6.63
CA ALA H 258 40.93 -9.39 7.47
C ALA H 258 41.63 -10.26 8.52
N GLY H 259 40.89 -11.16 9.18
CA GLY H 259 41.37 -11.83 10.40
C GLY H 259 41.63 -13.32 10.20
#